data_6IIW
# 
_entry.id   6IIW 
# 
_audit_conform.dict_name       mmcif_pdbx.dic 
_audit_conform.dict_version    5.380 
_audit_conform.dict_location   http://mmcif.pdb.org/dictionaries/ascii/mmcif_pdbx.dic 
# 
loop_
_database_2.database_id 
_database_2.database_code 
_database_2.pdbx_database_accession 
_database_2.pdbx_DOI 
PDB   6IIW         pdb_00006iiw 10.2210/pdb6iiw/pdb 
WWPDB D_1300009062 ?            ?                   
# 
_pdbx_database_status.status_code                     REL 
_pdbx_database_status.status_code_sf                  REL 
_pdbx_database_status.status_code_mr                  ? 
_pdbx_database_status.entry_id                        6IIW 
_pdbx_database_status.recvd_initial_deposition_date   2018-10-07 
_pdbx_database_status.SG_entry                        N 
_pdbx_database_status.deposit_site                    PDBJ 
_pdbx_database_status.process_site                    PDBJ 
_pdbx_database_status.status_code_cs                  ? 
_pdbx_database_status.methods_development_category    ? 
_pdbx_database_status.pdb_format_compatible           Y 
_pdbx_database_status.status_code_nmr_data            ? 
# 
loop_
_audit_author.name 
_audit_author.pdbx_ordinal 
_audit_author.identifier_ORCID 
'Arita, K.' 1 ? 
'Kori, S.'  2 ? 
# 
_citation.abstract                  ? 
_citation.abstract_id_CAS           ? 
_citation.book_id_ISBN              ? 
_citation.book_publisher            ? 
_citation.book_publisher_city       ? 
_citation.book_title                ? 
_citation.coordinate_linkage        ? 
_citation.country                   UK 
_citation.database_id_Medline       ? 
_citation.details                   ? 
_citation.id                        primary 
_citation.journal_abbrev            'Nat Commun' 
_citation.journal_id_ASTM           ? 
_citation.journal_id_CSD            ? 
_citation.journal_id_ISSN           2041-1723 
_citation.journal_full              ? 
_citation.journal_issue             ? 
_citation.journal_volume            11 
_citation.language                  ? 
_citation.page_first                1222 
_citation.page_last                 1222 
_citation.title                     'Two distinct modes of DNMT1 recruitment ensure stable maintenance DNA methylation.' 
_citation.year                      2020 
_citation.database_id_CSD           ? 
_citation.pdbx_database_id_DOI      10.1038/s41467-020-15006-4 
_citation.pdbx_database_id_PubMed   32144273 
_citation.unpublished_flag          ? 
# 
loop_
_citation_author.citation_id 
_citation_author.name 
_citation_author.ordinal 
_citation_author.identifier_ORCID 
primary 'Nishiyama, A.'    1  0000-0002-8416-3776 
primary 'Mulholland, C.B.' 2  ?                   
primary 'Bultmann, S.'     3  ?                   
primary 'Kori, S.'         4  ?                   
primary 'Endo, A.'         5  ?                   
primary 'Saeki, Y.'        6  0000-0002-9202-5453 
primary 'Qin, W.'          7  ?                   
primary 'Trummer, C.'      8  ?                   
primary 'Chiba, Y.'        9  0000-0003-3512-3011 
primary 'Yokoyama, H.'     10 ?                   
primary 'Kumamoto, S.'     11 0000-0002-3492-117X 
primary 'Kawakami, T.'     12 0000-0001-6439-7623 
primary 'Hojo, H.'         13 ?                   
primary 'Nagae, G.'        14 ?                   
primary 'Aburatani, H.'    15 0000-0003-0438-1544 
primary 'Tanaka, K.'       16 ?                   
primary 'Arita, K.'        17 ?                   
primary 'Leonhardt, H.'    18 0000-0002-5086-6449 
primary 'Nakanishi, M.'    19 0000-0002-6707-3584 
# 
_cell.angle_alpha                  90.00 
_cell.angle_alpha_esd              ? 
_cell.angle_beta                   90.00 
_cell.angle_beta_esd               ? 
_cell.angle_gamma                  120.00 
_cell.angle_gamma_esd              ? 
_cell.entry_id                     6IIW 
_cell.details                      ? 
_cell.formula_units_Z              ? 
_cell.length_a                     36.716 
_cell.length_a_esd                 ? 
_cell.length_b                     36.716 
_cell.length_b_esd                 ? 
_cell.length_c                     220.147 
_cell.length_c_esd                 ? 
_cell.volume                       ? 
_cell.volume_esd                   ? 
_cell.Z_PDB                        12 
_cell.reciprocal_angle_alpha       ? 
_cell.reciprocal_angle_beta        ? 
_cell.reciprocal_angle_gamma       ? 
_cell.reciprocal_angle_alpha_esd   ? 
_cell.reciprocal_angle_beta_esd    ? 
_cell.reciprocal_angle_gamma_esd   ? 
_cell.reciprocal_length_a          ? 
_cell.reciprocal_length_b          ? 
_cell.reciprocal_length_c          ? 
_cell.reciprocal_length_a_esd      ? 
_cell.reciprocal_length_b_esd      ? 
_cell.reciprocal_length_c_esd      ? 
_cell.pdbx_unique_axis             ? 
# 
_symmetry.entry_id                         6IIW 
_symmetry.cell_setting                     ? 
_symmetry.Int_Tables_number                178 
_symmetry.space_group_name_Hall            ? 
_symmetry.space_group_name_H-M             'P 61 2 2' 
_symmetry.pdbx_full_space_group_name_H-M   ? 
# 
loop_
_entity.id 
_entity.type 
_entity.src_method 
_entity.pdbx_description 
_entity.formula_weight 
_entity.pdbx_number_of_molecules 
_entity.pdbx_ec 
_entity.pdbx_mutation 
_entity.pdbx_fragment 
_entity.details 
1 polymer     man 'E3 ubiquitin-protein ligase UHRF1'                   7762.821 1  2.3.2.27 ? ? ? 
2 polymer     syn 'PCNA-associated factor'                              1031.164 1  ?        ? ? ? 
3 non-polymer syn 'ZINC ION'                                            65.409   4  ?        ? ? ? 
4 non-polymer syn '4-(2-HYDROXYETHYL)-1-PIPERAZINE ETHANESULFONIC ACID' 238.305  2  ?        ? ? ? 
5 water       nat water                                                 18.015   96 ?        ? ? ? 
# 
loop_
_entity_name_com.entity_id 
_entity_name_com.name 
1 
;Inverted CCAAT box-binding protein of 90 kDa,Nuclear protein 95,Nuclear zinc finger protein Np95,hNp95,RING finger protein 106,RING-type E3 ubiquitin transferase UHRF1,Transcription factor ICBP90,Ubiquitin-like PHD and RING finger domain-containing protein 1,hUHRF1,Ubiquitin-like-containing PHD and RING finger domains protein 1
;
2 PAF15 
# 
loop_
_entity_poly.entity_id 
_entity_poly.type 
_entity_poly.nstd_linkage 
_entity_poly.nstd_monomer 
_entity_poly.pdbx_seq_one_letter_code 
_entity_poly.pdbx_seq_one_letter_code_can 
_entity_poly.pdbx_strand_id 
_entity_poly.pdbx_target_identifier 
1 'polypeptide(L)' no no GPSCKHCKDDVNRLCRVCACHLCGGRQDPDKQLMCDECDMAFHIYCLDPPLSSVPSEDEWYCPECRND 
GPSCKHCKDDVNRLCRVCACHLCGGRQDPDKQLMCDECDMAFHIYCLDPPLSSVPSEDEWYCPECRND A ? 
2 'polypeptide(L)' no no VRTKADSVPG                                                           VRTKADSVPG B ? 
# 
loop_
_entity_poly_seq.entity_id 
_entity_poly_seq.num 
_entity_poly_seq.mon_id 
_entity_poly_seq.hetero 
1 1  GLY n 
1 2  PRO n 
1 3  SER n 
1 4  CYS n 
1 5  LYS n 
1 6  HIS n 
1 7  CYS n 
1 8  LYS n 
1 9  ASP n 
1 10 ASP n 
1 11 VAL n 
1 12 ASN n 
1 13 ARG n 
1 14 LEU n 
1 15 CYS n 
1 16 ARG n 
1 17 VAL n 
1 18 CYS n 
1 19 ALA n 
1 20 CYS n 
1 21 HIS n 
1 22 LEU n 
1 23 CYS n 
1 24 GLY n 
1 25 GLY n 
1 26 ARG n 
1 27 GLN n 
1 28 ASP n 
1 29 PRO n 
1 30 ASP n 
1 31 LYS n 
1 32 GLN n 
1 33 LEU n 
1 34 MET n 
1 35 CYS n 
1 36 ASP n 
1 37 GLU n 
1 38 CYS n 
1 39 ASP n 
1 40 MET n 
1 41 ALA n 
1 42 PHE n 
1 43 HIS n 
1 44 ILE n 
1 45 TYR n 
1 46 CYS n 
1 47 LEU n 
1 48 ASP n 
1 49 PRO n 
1 50 PRO n 
1 51 LEU n 
1 52 SER n 
1 53 SER n 
1 54 VAL n 
1 55 PRO n 
1 56 SER n 
1 57 GLU n 
1 58 ASP n 
1 59 GLU n 
1 60 TRP n 
1 61 TYR n 
1 62 CYS n 
1 63 PRO n 
1 64 GLU n 
1 65 CYS n 
1 66 ARG n 
1 67 ASN n 
1 68 ASP n 
2 1  VAL n 
2 2  ARG n 
2 3  THR n 
2 4  LYS n 
2 5  ALA n 
2 6  ASP n 
2 7  SER n 
2 8  VAL n 
2 9  PRO n 
2 10 GLY n 
# 
_entity_src_gen.entity_id                          1 
_entity_src_gen.pdbx_src_id                        1 
_entity_src_gen.pdbx_alt_source_flag               sample 
_entity_src_gen.pdbx_seq_type                      'Biological sequence' 
_entity_src_gen.pdbx_beg_seq_num                   1 
_entity_src_gen.pdbx_end_seq_num                   68 
_entity_src_gen.gene_src_common_name               Human 
_entity_src_gen.gene_src_genus                     ? 
_entity_src_gen.pdbx_gene_src_gene                 'UHRF1, ICBP90, NP95, RNF106' 
_entity_src_gen.gene_src_species                   ? 
_entity_src_gen.gene_src_strain                    ? 
_entity_src_gen.gene_src_tissue                    ? 
_entity_src_gen.gene_src_tissue_fraction           ? 
_entity_src_gen.gene_src_details                   ? 
_entity_src_gen.pdbx_gene_src_fragment             ? 
_entity_src_gen.pdbx_gene_src_scientific_name      'Homo sapiens' 
_entity_src_gen.pdbx_gene_src_ncbi_taxonomy_id     9606 
_entity_src_gen.pdbx_gene_src_variant              ? 
_entity_src_gen.pdbx_gene_src_cell_line            ? 
_entity_src_gen.pdbx_gene_src_atcc                 ? 
_entity_src_gen.pdbx_gene_src_organ                ? 
_entity_src_gen.pdbx_gene_src_organelle            ? 
_entity_src_gen.pdbx_gene_src_cell                 ? 
_entity_src_gen.pdbx_gene_src_cellular_location    ? 
_entity_src_gen.host_org_common_name               ? 
_entity_src_gen.pdbx_host_org_scientific_name      'Escherichia coli' 
_entity_src_gen.pdbx_host_org_ncbi_taxonomy_id     562 
_entity_src_gen.host_org_genus                     ? 
_entity_src_gen.pdbx_host_org_gene                 ? 
_entity_src_gen.pdbx_host_org_organ                ? 
_entity_src_gen.host_org_species                   ? 
_entity_src_gen.pdbx_host_org_tissue               ? 
_entity_src_gen.pdbx_host_org_tissue_fraction      ? 
_entity_src_gen.pdbx_host_org_strain               'Rsetta2 (DE3)' 
_entity_src_gen.pdbx_host_org_variant              ? 
_entity_src_gen.pdbx_host_org_cell_line            ? 
_entity_src_gen.pdbx_host_org_atcc                 ? 
_entity_src_gen.pdbx_host_org_culture_collection   ? 
_entity_src_gen.pdbx_host_org_cell                 ? 
_entity_src_gen.pdbx_host_org_organelle            ? 
_entity_src_gen.pdbx_host_org_cellular_location    ? 
_entity_src_gen.pdbx_host_org_vector_type          ? 
_entity_src_gen.pdbx_host_org_vector               ? 
_entity_src_gen.host_org_details                   ? 
_entity_src_gen.expression_system_id               ? 
_entity_src_gen.plasmid_name                       ? 
_entity_src_gen.plasmid_details                    ? 
_entity_src_gen.pdbx_description                   ? 
# 
_pdbx_entity_src_syn.entity_id              2 
_pdbx_entity_src_syn.pdbx_src_id            1 
_pdbx_entity_src_syn.pdbx_alt_source_flag   sample 
_pdbx_entity_src_syn.pdbx_beg_seq_num       1 
_pdbx_entity_src_syn.pdbx_end_seq_num       10 
_pdbx_entity_src_syn.organism_scientific    'Homo sapiens' 
_pdbx_entity_src_syn.organism_common_name   Human 
_pdbx_entity_src_syn.ncbi_taxonomy_id       9606 
_pdbx_entity_src_syn.details                ? 
# 
loop_
_struct_ref.id 
_struct_ref.db_name 
_struct_ref.db_code 
_struct_ref.pdbx_db_accession 
_struct_ref.pdbx_db_isoform 
_struct_ref.entity_id 
_struct_ref.pdbx_seq_one_letter_code 
_struct_ref.pdbx_align_begin 
1 UNP UHRF1_HUMAN Q96T88 ? 1 GPSCKHCKDDVNRLCRVCACHLCGGRQDPDKQLMCDECDMAFHIYCLDPPLSSVPSEDEWYCPECRND 299 
2 UNP PAF15_HUMAN Q15004 ? 2 VRTKADSVPG                                                           2   
# 
loop_
_struct_ref_seq.align_id 
_struct_ref_seq.ref_id 
_struct_ref_seq.pdbx_PDB_id_code 
_struct_ref_seq.pdbx_strand_id 
_struct_ref_seq.seq_align_beg 
_struct_ref_seq.pdbx_seq_align_beg_ins_code 
_struct_ref_seq.seq_align_end 
_struct_ref_seq.pdbx_seq_align_end_ins_code 
_struct_ref_seq.pdbx_db_accession 
_struct_ref_seq.db_align_beg 
_struct_ref_seq.pdbx_db_align_beg_ins_code 
_struct_ref_seq.db_align_end 
_struct_ref_seq.pdbx_db_align_end_ins_code 
_struct_ref_seq.pdbx_auth_seq_align_beg 
_struct_ref_seq.pdbx_auth_seq_align_end 
1 1 6IIW A 1 ? 68 ? Q96T88 299 ? 366 ? 299 366 
2 2 6IIW B 1 ? 10 ? Q15004 2   ? 11  ? 1   10  
# 
loop_
_chem_comp.id 
_chem_comp.type 
_chem_comp.mon_nstd_flag 
_chem_comp.name 
_chem_comp.pdbx_synonyms 
_chem_comp.formula 
_chem_comp.formula_weight 
ALA 'L-peptide linking' y ALANINE                                               ?     'C3 H7 N O2'     89.093  
ARG 'L-peptide linking' y ARGININE                                              ?     'C6 H15 N4 O2 1' 175.209 
ASN 'L-peptide linking' y ASPARAGINE                                            ?     'C4 H8 N2 O3'    132.118 
ASP 'L-peptide linking' y 'ASPARTIC ACID'                                       ?     'C4 H7 N O4'     133.103 
CYS 'L-peptide linking' y CYSTEINE                                              ?     'C3 H7 N O2 S'   121.158 
EPE non-polymer         . '4-(2-HYDROXYETHYL)-1-PIPERAZINE ETHANESULFONIC ACID' HEPES 'C8 H18 N2 O4 S' 238.305 
GLN 'L-peptide linking' y GLUTAMINE                                             ?     'C5 H10 N2 O3'   146.144 
GLU 'L-peptide linking' y 'GLUTAMIC ACID'                                       ?     'C5 H9 N O4'     147.129 
GLY 'peptide linking'   y GLYCINE                                               ?     'C2 H5 N O2'     75.067  
HIS 'L-peptide linking' y HISTIDINE                                             ?     'C6 H10 N3 O2 1' 156.162 
HOH non-polymer         . WATER                                                 ?     'H2 O'           18.015  
ILE 'L-peptide linking' y ISOLEUCINE                                            ?     'C6 H13 N O2'    131.173 
LEU 'L-peptide linking' y LEUCINE                                               ?     'C6 H13 N O2'    131.173 
LYS 'L-peptide linking' y LYSINE                                                ?     'C6 H15 N2 O2 1' 147.195 
MET 'L-peptide linking' y METHIONINE                                            ?     'C5 H11 N O2 S'  149.211 
PHE 'L-peptide linking' y PHENYLALANINE                                         ?     'C9 H11 N O2'    165.189 
PRO 'L-peptide linking' y PROLINE                                               ?     'C5 H9 N O2'     115.130 
SER 'L-peptide linking' y SERINE                                                ?     'C3 H7 N O3'     105.093 
THR 'L-peptide linking' y THREONINE                                             ?     'C4 H9 N O3'     119.119 
TRP 'L-peptide linking' y TRYPTOPHAN                                            ?     'C11 H12 N2 O2'  204.225 
TYR 'L-peptide linking' y TYROSINE                                              ?     'C9 H11 N O3'    181.189 
VAL 'L-peptide linking' y VALINE                                                ?     'C5 H11 N O2'    117.146 
ZN  non-polymer         . 'ZINC ION'                                            ?     'Zn 2'           65.409  
# 
_exptl.absorpt_coefficient_mu     ? 
_exptl.absorpt_correction_T_max   ? 
_exptl.absorpt_correction_T_min   ? 
_exptl.absorpt_correction_type    ? 
_exptl.absorpt_process_details    ? 
_exptl.entry_id                   6IIW 
_exptl.crystals_number            1 
_exptl.details                    ? 
_exptl.method                     'X-RAY DIFFRACTION' 
_exptl.method_details             ? 
# 
_exptl_crystal.colour                      ? 
_exptl_crystal.density_diffrn              ? 
_exptl_crystal.density_Matthews            2.44 
_exptl_crystal.density_method              ? 
_exptl_crystal.density_percent_sol         49.50 
_exptl_crystal.description                 ? 
_exptl_crystal.F_000                       ? 
_exptl_crystal.id                          1 
_exptl_crystal.preparation                 ? 
_exptl_crystal.size_max                    ? 
_exptl_crystal.size_mid                    ? 
_exptl_crystal.size_min                    ? 
_exptl_crystal.size_rad                    ? 
_exptl_crystal.colour_lustre               ? 
_exptl_crystal.colour_modifier             ? 
_exptl_crystal.colour_primary              ? 
_exptl_crystal.density_meas                ? 
_exptl_crystal.density_meas_esd            ? 
_exptl_crystal.density_meas_gt             ? 
_exptl_crystal.density_meas_lt             ? 
_exptl_crystal.density_meas_temp           ? 
_exptl_crystal.density_meas_temp_esd       ? 
_exptl_crystal.density_meas_temp_gt        ? 
_exptl_crystal.density_meas_temp_lt        ? 
_exptl_crystal.pdbx_crystal_image_url      ? 
_exptl_crystal.pdbx_crystal_image_format   ? 
_exptl_crystal.pdbx_mosaicity              ? 
_exptl_crystal.pdbx_mosaicity_esd          ? 
# 
_exptl_crystal_grow.apparatus       ? 
_exptl_crystal_grow.atmosphere      ? 
_exptl_crystal_grow.crystal_id      1 
_exptl_crystal_grow.details         ? 
_exptl_crystal_grow.method          'VAPOR DIFFUSION, SITTING DROP' 
_exptl_crystal_grow.method_ref      ? 
_exptl_crystal_grow.pH              7.5 
_exptl_crystal_grow.pressure        ? 
_exptl_crystal_grow.pressure_esd    ? 
_exptl_crystal_grow.seeding         ? 
_exptl_crystal_grow.seeding_ref     ? 
_exptl_crystal_grow.temp            277 
_exptl_crystal_grow.temp_details    ? 
_exptl_crystal_grow.temp_esd        ? 
_exptl_crystal_grow.time            ? 
_exptl_crystal_grow.pdbx_details    '0.1 M HEPES (pH 7.5), 70% (v/v) MPD' 
_exptl_crystal_grow.pdbx_pH_range   ? 
# 
_diffrn.ambient_environment              ? 
_diffrn.ambient_temp                     100 
_diffrn.ambient_temp_details             ? 
_diffrn.ambient_temp_esd                 ? 
_diffrn.crystal_id                       1 
_diffrn.crystal_support                  ? 
_diffrn.crystal_treatment                ? 
_diffrn.details                          ? 
_diffrn.id                               1 
_diffrn.ambient_pressure                 ? 
_diffrn.ambient_pressure_esd             ? 
_diffrn.ambient_pressure_gt              ? 
_diffrn.ambient_pressure_lt              ? 
_diffrn.ambient_temp_gt                  ? 
_diffrn.ambient_temp_lt                  ? 
_diffrn.pdbx_serial_crystal_experiment   ? 
# 
_diffrn_detector.details                      ? 
_diffrn_detector.detector                     PIXEL 
_diffrn_detector.diffrn_id                    1 
_diffrn_detector.type                         'DECTRIS PILATUS3 6M' 
_diffrn_detector.area_resol_mean              ? 
_diffrn_detector.dtime                        ? 
_diffrn_detector.pdbx_frames_total            ? 
_diffrn_detector.pdbx_collection_time_total   ? 
_diffrn_detector.pdbx_collection_date         2017-11-11 
_diffrn_detector.pdbx_frequency               ? 
# 
_diffrn_radiation.collimation                      ? 
_diffrn_radiation.diffrn_id                        1 
_diffrn_radiation.filter_edge                      ? 
_diffrn_radiation.inhomogeneity                    ? 
_diffrn_radiation.monochromator                    ? 
_diffrn_radiation.polarisn_norm                    ? 
_diffrn_radiation.polarisn_ratio                   ? 
_diffrn_radiation.probe                            ? 
_diffrn_radiation.type                             ? 
_diffrn_radiation.xray_symbol                      ? 
_diffrn_radiation.wavelength_id                    1 
_diffrn_radiation.pdbx_monochromatic_or_laue_m_l   M 
_diffrn_radiation.pdbx_wavelength_list             ? 
_diffrn_radiation.pdbx_wavelength                  ? 
_diffrn_radiation.pdbx_diffrn_protocol             'SINGLE WAVELENGTH' 
_diffrn_radiation.pdbx_analyzer                    ? 
_diffrn_radiation.pdbx_scattering_type             x-ray 
# 
_diffrn_radiation_wavelength.id           1 
_diffrn_radiation_wavelength.wavelength   0.98 
_diffrn_radiation_wavelength.wt           1.0 
# 
_diffrn_source.current                     ? 
_diffrn_source.details                     ? 
_diffrn_source.diffrn_id                   1 
_diffrn_source.power                       ? 
_diffrn_source.size                        ? 
_diffrn_source.source                      SYNCHROTRON 
_diffrn_source.target                      ? 
_diffrn_source.type                        'PHOTON FACTORY BEAMLINE BL-17A' 
_diffrn_source.voltage                     ? 
_diffrn_source.take-off_angle              ? 
_diffrn_source.pdbx_wavelength_list        0.98 
_diffrn_source.pdbx_wavelength             ? 
_diffrn_source.pdbx_synchrotron_beamline   BL-17A 
_diffrn_source.pdbx_synchrotron_site       'Photon Factory' 
# 
_reflns.B_iso_Wilson_estimate            ? 
_reflns.entry_id                         6IIW 
_reflns.data_reduction_details           ? 
_reflns.data_reduction_method            ? 
_reflns.d_resolution_high                1.699 
_reflns.d_resolution_low                 44.03 
_reflns.details                          ? 
_reflns.limit_h_max                      ? 
_reflns.limit_h_min                      ? 
_reflns.limit_k_max                      ? 
_reflns.limit_k_min                      ? 
_reflns.limit_l_max                      ? 
_reflns.limit_l_min                      ? 
_reflns.number_all                       ? 
_reflns.number_obs                       10762 
_reflns.observed_criterion               ? 
_reflns.observed_criterion_F_max         ? 
_reflns.observed_criterion_F_min         ? 
_reflns.observed_criterion_I_max         ? 
_reflns.observed_criterion_I_min         ? 
_reflns.observed_criterion_sigma_F       ? 
_reflns.observed_criterion_sigma_I       ? 
_reflns.percent_possible_obs             100 
_reflns.R_free_details                   ? 
_reflns.Rmerge_F_all                     ? 
_reflns.Rmerge_F_obs                     ? 
_reflns.Friedel_coverage                 ? 
_reflns.number_gt                        ? 
_reflns.threshold_expression             ? 
_reflns.pdbx_redundancy                  17.2 
_reflns.pdbx_Rmerge_I_obs                0.065 
_reflns.pdbx_Rmerge_I_all                ? 
_reflns.pdbx_Rsym_value                  ? 
_reflns.pdbx_netI_over_av_sigmaI         ? 
_reflns.pdbx_netI_over_sigmaI            27.5 
_reflns.pdbx_res_netI_over_av_sigmaI_2   ? 
_reflns.pdbx_res_netI_over_sigmaI_2      ? 
_reflns.pdbx_chi_squared                 ? 
_reflns.pdbx_scaling_rejects             ? 
_reflns.pdbx_d_res_high_opt              ? 
_reflns.pdbx_d_res_low_opt               ? 
_reflns.pdbx_d_res_opt_method            ? 
_reflns.phase_calculation_details        ? 
_reflns.pdbx_Rrim_I_all                  ? 
_reflns.pdbx_Rpim_I_all                  ? 
_reflns.pdbx_d_opt                       ? 
_reflns.pdbx_number_measured_all         ? 
_reflns.pdbx_diffrn_id                   1 
_reflns.pdbx_ordinal                     1 
_reflns.pdbx_CC_half                     0.999 
_reflns.pdbx_R_split                     ? 
# 
_reflns_shell.d_res_high                  1.70 
_reflns_shell.d_res_low                   1.73 
_reflns_shell.meanI_over_sigI_all         ? 
_reflns_shell.meanI_over_sigI_obs         5.6 
_reflns_shell.number_measured_all         ? 
_reflns_shell.number_measured_obs         ? 
_reflns_shell.number_possible             ? 
_reflns_shell.number_unique_all           ? 
_reflns_shell.number_unique_obs           538 
_reflns_shell.percent_possible_all        99.9 
_reflns_shell.percent_possible_obs        ? 
_reflns_shell.Rmerge_F_all                ? 
_reflns_shell.Rmerge_F_obs                ? 
_reflns_shell.Rmerge_I_all                ? 
_reflns_shell.Rmerge_I_obs                0.497 
_reflns_shell.meanI_over_sigI_gt          ? 
_reflns_shell.meanI_over_uI_all           ? 
_reflns_shell.meanI_over_uI_gt            ? 
_reflns_shell.number_measured_gt          ? 
_reflns_shell.number_unique_gt            ? 
_reflns_shell.percent_possible_gt         ? 
_reflns_shell.Rmerge_F_gt                 ? 
_reflns_shell.Rmerge_I_gt                 ? 
_reflns_shell.pdbx_redundancy             ? 
_reflns_shell.pdbx_Rsym_value             ? 
_reflns_shell.pdbx_chi_squared            ? 
_reflns_shell.pdbx_netI_over_sigmaI_all   ? 
_reflns_shell.pdbx_netI_over_sigmaI_obs   ? 
_reflns_shell.pdbx_Rrim_I_all             ? 
_reflns_shell.pdbx_Rpim_I_all             ? 
_reflns_shell.pdbx_rejects                ? 
_reflns_shell.pdbx_ordinal                1 
_reflns_shell.pdbx_diffrn_id              1 
_reflns_shell.pdbx_CC_half                0.976 
_reflns_shell.pdbx_R_split                ? 
# 
_refine.aniso_B[1][1]                            ? 
_refine.aniso_B[1][2]                            ? 
_refine.aniso_B[1][3]                            ? 
_refine.aniso_B[2][2]                            ? 
_refine.aniso_B[2][3]                            ? 
_refine.aniso_B[3][3]                            ? 
_refine.B_iso_max                                ? 
_refine.B_iso_mean                               ? 
_refine.B_iso_min                                ? 
_refine.correlation_coeff_Fo_to_Fc               ? 
_refine.correlation_coeff_Fo_to_Fc_free          ? 
_refine.details                                  ? 
_refine.diff_density_max                         ? 
_refine.diff_density_max_esd                     ? 
_refine.diff_density_min                         ? 
_refine.diff_density_min_esd                     ? 
_refine.diff_density_rms                         ? 
_refine.diff_density_rms_esd                     ? 
_refine.entry_id                                 6IIW 
_refine.pdbx_refine_id                           'X-RAY DIFFRACTION' 
_refine.ls_abs_structure_details                 ? 
_refine.ls_abs_structure_Flack                   ? 
_refine.ls_abs_structure_Flack_esd               ? 
_refine.ls_abs_structure_Rogers                  ? 
_refine.ls_abs_structure_Rogers_esd              ? 
_refine.ls_d_res_high                            1.699 
_refine.ls_d_res_low                             36.691 
_refine.ls_extinction_coef                       ? 
_refine.ls_extinction_coef_esd                   ? 
_refine.ls_extinction_expression                 ? 
_refine.ls_extinction_method                     ? 
_refine.ls_goodness_of_fit_all                   ? 
_refine.ls_goodness_of_fit_all_esd               ? 
_refine.ls_goodness_of_fit_obs                   ? 
_refine.ls_goodness_of_fit_obs_esd               ? 
_refine.ls_hydrogen_treatment                    ? 
_refine.ls_matrix_type                           ? 
_refine.ls_number_constraints                    ? 
_refine.ls_number_parameters                     ? 
_refine.ls_number_reflns_all                     ? 
_refine.ls_number_reflns_obs                     10653 
_refine.ls_number_reflns_R_free                  542 
_refine.ls_number_reflns_R_work                  ? 
_refine.ls_number_restraints                     ? 
_refine.ls_percent_reflns_obs                    99.91 
_refine.ls_percent_reflns_R_free                 5.09 
_refine.ls_R_factor_all                          ? 
_refine.ls_R_factor_obs                          0.1771 
_refine.ls_R_factor_R_free                       0.1888 
_refine.ls_R_factor_R_free_error                 ? 
_refine.ls_R_factor_R_free_error_details         ? 
_refine.ls_R_factor_R_work                       0.1763 
_refine.ls_R_Fsqd_factor_obs                     ? 
_refine.ls_R_I_factor_obs                        ? 
_refine.ls_redundancy_reflns_all                 ? 
_refine.ls_redundancy_reflns_obs                 ? 
_refine.ls_restrained_S_all                      ? 
_refine.ls_restrained_S_obs                      ? 
_refine.ls_shift_over_esd_max                    ? 
_refine.ls_shift_over_esd_mean                   ? 
_refine.ls_structure_factor_coef                 ? 
_refine.ls_weighting_details                     ? 
_refine.ls_weighting_scheme                      ? 
_refine.ls_wR_factor_all                         ? 
_refine.ls_wR_factor_obs                         ? 
_refine.ls_wR_factor_R_free                      ? 
_refine.ls_wR_factor_R_work                      ? 
_refine.occupancy_max                            ? 
_refine.occupancy_min                            ? 
_refine.solvent_model_details                    ? 
_refine.solvent_model_param_bsol                 ? 
_refine.solvent_model_param_ksol                 ? 
_refine.ls_R_factor_gt                           ? 
_refine.ls_goodness_of_fit_gt                    ? 
_refine.ls_goodness_of_fit_ref                   ? 
_refine.ls_shift_over_su_max                     ? 
_refine.ls_shift_over_su_max_lt                  ? 
_refine.ls_shift_over_su_mean                    ? 
_refine.ls_shift_over_su_mean_lt                 ? 
_refine.pdbx_ls_sigma_I                          ? 
_refine.pdbx_ls_sigma_F                          1.35 
_refine.pdbx_ls_sigma_Fsqd                       ? 
_refine.pdbx_data_cutoff_high_absF               ? 
_refine.pdbx_data_cutoff_high_rms_absF           ? 
_refine.pdbx_data_cutoff_low_absF                ? 
_refine.pdbx_isotropic_thermal_model             ? 
_refine.pdbx_ls_cross_valid_method               'FREE R-VALUE' 
_refine.pdbx_method_to_determine_struct          'MOLECULAR REPLACEMENT' 
_refine.pdbx_starting_model                      3ASL 
_refine.pdbx_stereochemistry_target_values       ? 
_refine.pdbx_R_Free_selection_details            ? 
_refine.pdbx_stereochem_target_val_spec_case     ? 
_refine.pdbx_overall_ESU_R                       ? 
_refine.pdbx_overall_ESU_R_Free                  ? 
_refine.pdbx_solvent_vdw_probe_radii             1.11 
_refine.pdbx_solvent_ion_probe_radii             ? 
_refine.pdbx_solvent_shrinkage_radii             0.90 
_refine.pdbx_real_space_R                        ? 
_refine.pdbx_density_correlation                 ? 
_refine.pdbx_pd_number_of_powder_patterns        ? 
_refine.pdbx_pd_number_of_points                 ? 
_refine.pdbx_pd_meas_number_of_points            ? 
_refine.pdbx_pd_proc_ls_prof_R_factor            ? 
_refine.pdbx_pd_proc_ls_prof_wR_factor           ? 
_refine.pdbx_pd_Marquardt_correlation_coeff      ? 
_refine.pdbx_pd_Fsqrd_R_factor                   ? 
_refine.pdbx_pd_ls_matrix_band_width             ? 
_refine.pdbx_overall_phase_error                 18.52 
_refine.pdbx_overall_SU_R_free_Cruickshank_DPI   ? 
_refine.pdbx_overall_SU_R_free_Blow_DPI          ? 
_refine.pdbx_overall_SU_R_Blow_DPI               ? 
_refine.pdbx_TLS_residual_ADP_flag               ? 
_refine.pdbx_diffrn_id                           1 
_refine.overall_SU_B                             ? 
_refine.overall_SU_ML                            0.15 
_refine.overall_SU_R_Cruickshank_DPI             ? 
_refine.overall_SU_R_free                        ? 
_refine.overall_FOM_free_R_set                   ? 
_refine.overall_FOM_work_R_set                   ? 
_refine.pdbx_average_fsc_overall                 ? 
_refine.pdbx_average_fsc_work                    ? 
_refine.pdbx_average_fsc_free                    ? 
# 
_refine_hist.pdbx_refine_id                   'X-RAY DIFFRACTION' 
_refine_hist.cycle_id                         LAST 
_refine_hist.pdbx_number_atoms_protein        561 
_refine_hist.pdbx_number_atoms_nucleic_acid   0 
_refine_hist.pdbx_number_atoms_ligand         30 
_refine_hist.number_atoms_solvent             96 
_refine_hist.number_atoms_total               687 
_refine_hist.d_res_high                       1.699 
_refine_hist.d_res_low                        36.691 
# 
loop_
_refine_ls_restr.pdbx_refine_id 
_refine_ls_restr.criterion 
_refine_ls_restr.dev_ideal 
_refine_ls_restr.dev_ideal_target 
_refine_ls_restr.number 
_refine_ls_restr.rejects 
_refine_ls_restr.type 
_refine_ls_restr.weight 
_refine_ls_restr.pdbx_restraint_function 
'X-RAY DIFFRACTION' ? 0.005 ? 613 ? f_bond_d           ? ? 
'X-RAY DIFFRACTION' ? 0.928 ? 827 ? f_angle_d          ? ? 
'X-RAY DIFFRACTION' ? 9.146 ? 530 ? f_dihedral_angle_d ? ? 
'X-RAY DIFFRACTION' ? 0.055 ? 83  ? f_chiral_restr     ? ? 
'X-RAY DIFFRACTION' ? 0.005 ? 107 ? f_plane_restr      ? ? 
# 
loop_
_refine_ls_shell.pdbx_refine_id 
_refine_ls_shell.d_res_high 
_refine_ls_shell.d_res_low 
_refine_ls_shell.number_reflns_all 
_refine_ls_shell.number_reflns_obs 
_refine_ls_shell.number_reflns_R_free 
_refine_ls_shell.number_reflns_R_work 
_refine_ls_shell.percent_reflns_obs 
_refine_ls_shell.percent_reflns_R_free 
_refine_ls_shell.R_factor_all 
_refine_ls_shell.R_factor_obs 
_refine_ls_shell.R_factor_R_free 
_refine_ls_shell.R_factor_R_free_error 
_refine_ls_shell.R_factor_R_work 
_refine_ls_shell.redundancy_reflns_all 
_refine_ls_shell.redundancy_reflns_obs 
_refine_ls_shell.wR_factor_all 
_refine_ls_shell.wR_factor_obs 
_refine_ls_shell.wR_factor_R_free 
_refine_ls_shell.wR_factor_R_work 
_refine_ls_shell.pdbx_total_number_of_bins_used 
_refine_ls_shell.pdbx_phase_error 
_refine_ls_shell.pdbx_fsc_work 
_refine_ls_shell.pdbx_fsc_free 
'X-RAY DIFFRACTION' 1.6987 1.8696  . . 119 2442 100.00 . . . 0.2144 . 0.1901 . . . . . . . . . . 
'X-RAY DIFFRACTION' 1.8696 2.1402  . . 131 2447 100.00 . . . 0.2036 . 0.1799 . . . . . . . . . . 
'X-RAY DIFFRACTION' 2.1402 2.6962  . . 139 2505 100.00 . . . 0.1873 . 0.1832 . . . . . . . . . . 
'X-RAY DIFFRACTION' 2.6962 36.6997 . . 153 2717 100.00 . . . 0.1825 . 0.1702 . . . . . . . . . . 
# 
_struct.entry_id                     6IIW 
_struct.title                        'Crystal structure of human UHRF1 PHD finger in complex with PAF15' 
_struct.pdbx_model_details           ? 
_struct.pdbx_formula_weight          ? 
_struct.pdbx_formula_weight_method   ? 
_struct.pdbx_model_type_details      ? 
_struct.pdbx_CASP_flag               N 
# 
_struct_keywords.entry_id        6IIW 
_struct_keywords.text            'DNA methylation, histone modification, replication, LIGASE' 
_struct_keywords.pdbx_keywords   LIGASE 
# 
loop_
_struct_asym.id 
_struct_asym.pdbx_blank_PDB_chainid_flag 
_struct_asym.pdbx_modified 
_struct_asym.entity_id 
_struct_asym.details 
A N N 1 ? 
B N N 2 ? 
C N N 3 ? 
D N N 3 ? 
E N N 3 ? 
F N N 3 ? 
G N N 4 ? 
H N N 4 ? 
I N N 5 ? 
J N N 5 ? 
# 
_struct_conf.conf_type_id            HELX_P 
_struct_conf.id                      HELX_P1 
_struct_conf.pdbx_PDB_helix_id       AA1 
_struct_conf.beg_label_comp_id       ASP 
_struct_conf.beg_label_asym_id       A 
_struct_conf.beg_label_seq_id        28 
_struct_conf.pdbx_beg_PDB_ins_code   ? 
_struct_conf.end_label_comp_id       ASP 
_struct_conf.end_label_asym_id       A 
_struct_conf.end_label_seq_id        30 
_struct_conf.pdbx_end_PDB_ins_code   ? 
_struct_conf.beg_auth_comp_id        ASP 
_struct_conf.beg_auth_asym_id        A 
_struct_conf.beg_auth_seq_id         326 
_struct_conf.end_auth_comp_id        ASP 
_struct_conf.end_auth_asym_id        A 
_struct_conf.end_auth_seq_id         328 
_struct_conf.pdbx_PDB_helix_class    5 
_struct_conf.details                 ? 
_struct_conf.pdbx_PDB_helix_length   3 
# 
_struct_conf_type.id          HELX_P 
_struct_conf_type.criteria    ? 
_struct_conf_type.reference   ? 
# 
loop_
_struct_conn.id 
_struct_conn.conn_type_id 
_struct_conn.pdbx_leaving_atom_flag 
_struct_conn.pdbx_PDB_id 
_struct_conn.ptnr1_label_asym_id 
_struct_conn.ptnr1_label_comp_id 
_struct_conn.ptnr1_label_seq_id 
_struct_conn.ptnr1_label_atom_id 
_struct_conn.pdbx_ptnr1_label_alt_id 
_struct_conn.pdbx_ptnr1_PDB_ins_code 
_struct_conn.pdbx_ptnr1_standard_comp_id 
_struct_conn.ptnr1_symmetry 
_struct_conn.ptnr2_label_asym_id 
_struct_conn.ptnr2_label_comp_id 
_struct_conn.ptnr2_label_seq_id 
_struct_conn.ptnr2_label_atom_id 
_struct_conn.pdbx_ptnr2_label_alt_id 
_struct_conn.pdbx_ptnr2_PDB_ins_code 
_struct_conn.ptnr1_auth_asym_id 
_struct_conn.ptnr1_auth_comp_id 
_struct_conn.ptnr1_auth_seq_id 
_struct_conn.ptnr2_auth_asym_id 
_struct_conn.ptnr2_auth_comp_id 
_struct_conn.ptnr2_auth_seq_id 
_struct_conn.ptnr2_symmetry 
_struct_conn.pdbx_ptnr3_label_atom_id 
_struct_conn.pdbx_ptnr3_label_seq_id 
_struct_conn.pdbx_ptnr3_label_comp_id 
_struct_conn.pdbx_ptnr3_label_asym_id 
_struct_conn.pdbx_ptnr3_label_alt_id 
_struct_conn.pdbx_ptnr3_PDB_ins_code 
_struct_conn.details 
_struct_conn.pdbx_dist_value 
_struct_conn.pdbx_value_order 
_struct_conn.pdbx_role 
metalc1  metalc ? ? A CYS 4  SG  ? ? ? 1_555 C ZN . ZN ? ? A CYS 302 A ZN 401 1_555 ? ? ? ? ? ? ? 2.268 ? ? 
metalc2  metalc ? ? A CYS 7  SG  ? ? ? 1_555 C ZN . ZN ? ? A CYS 305 A ZN 401 1_555 ? ? ? ? ? ? ? 2.350 ? ? 
metalc3  metalc ? ? A CYS 15 SG  ? ? ? 1_555 C ZN . ZN ? ? A CYS 313 A ZN 401 1_555 ? ? ? ? ? ? ? 2.278 ? ? 
metalc4  metalc ? ? A CYS 18 SG  ? ? ? 1_555 C ZN . ZN ? ? A CYS 316 A ZN 401 1_555 ? ? ? ? ? ? ? 2.292 ? ? 
metalc5  metalc ? ? A CYS 20 SG  ? ? ? 1_555 D ZN . ZN ? ? A CYS 318 A ZN 402 1_555 ? ? ? ? ? ? ? 2.286 ? ? 
metalc6  metalc ? ? A CYS 23 SG  ? ? ? 1_555 D ZN . ZN ? ? A CYS 321 A ZN 402 1_555 ? ? ? ? ? ? ? 2.313 ? ? 
metalc7  metalc ? ? A CYS 35 SG  ? ? ? 1_555 E ZN . ZN ? ? A CYS 333 A ZN 403 1_555 ? ? ? ? ? ? ? 2.361 ? ? 
metalc8  metalc ? ? A CYS 38 SG  ? ? ? 1_555 E ZN . ZN ? ? A CYS 336 A ZN 403 1_555 ? ? ? ? ? ? ? 2.339 ? ? 
metalc9  metalc ? ? A HIS 43 ND1 ? ? ? 1_555 D ZN . ZN ? ? A HIS 341 A ZN 402 1_555 ? ? ? ? ? ? ? 2.099 ? ? 
metalc10 metalc ? ? A CYS 46 SG  ? ? ? 1_555 D ZN . ZN ? ? A CYS 344 A ZN 402 1_555 ? ? ? ? ? ? ? 2.259 ? ? 
metalc11 metalc ? ? A CYS 62 SG  ? ? ? 1_555 E ZN . ZN ? ? A CYS 360 A ZN 403 1_555 ? ? ? ? ? ? ? 2.330 ? ? 
metalc12 metalc ? ? A GLU 64 OE1 ? ? ? 1_555 F ZN . ZN ? ? A GLU 362 A ZN 404 1_555 ? ? ? ? ? ? ? 2.297 ? ? 
metalc13 metalc ? ? A GLU 64 OE2 ? ? ? 1_555 F ZN . ZN ? ? A GLU 362 A ZN 404 1_555 ? ? ? ? ? ? ? 2.378 ? ? 
metalc14 metalc ? ? A GLU 64 OE1 ? ? ? 1_555 F ZN . ZN ? ? A GLU 362 A ZN 404 8_555 ? ? ? ? ? ? ? 2.094 ? ? 
metalc15 metalc ? ? A GLU 64 OE2 ? ? ? 1_555 F ZN . ZN ? ? A GLU 362 A ZN 404 8_555 ? ? ? ? ? ? ? 2.256 ? ? 
metalc16 metalc ? ? A CYS 65 SG  ? ? ? 1_555 E ZN . ZN ? ? A CYS 363 A ZN 403 1_555 ? ? ? ? ? ? ? 2.243 ? ? 
# 
_struct_conn_type.id          metalc 
_struct_conn_type.criteria    ? 
_struct_conn_type.reference   ? 
# 
_struct_mon_prot_cis.pdbx_id                1 
_struct_mon_prot_cis.label_comp_id          ASP 
_struct_mon_prot_cis.label_seq_id           48 
_struct_mon_prot_cis.label_asym_id          A 
_struct_mon_prot_cis.label_alt_id           . 
_struct_mon_prot_cis.pdbx_PDB_ins_code      ? 
_struct_mon_prot_cis.auth_comp_id           ASP 
_struct_mon_prot_cis.auth_seq_id            346 
_struct_mon_prot_cis.auth_asym_id           A 
_struct_mon_prot_cis.pdbx_label_comp_id_2   PRO 
_struct_mon_prot_cis.pdbx_label_seq_id_2    49 
_struct_mon_prot_cis.pdbx_label_asym_id_2   A 
_struct_mon_prot_cis.pdbx_PDB_ins_code_2    ? 
_struct_mon_prot_cis.pdbx_auth_comp_id_2    PRO 
_struct_mon_prot_cis.pdbx_auth_seq_id_2     347 
_struct_mon_prot_cis.pdbx_auth_asym_id_2    A 
_struct_mon_prot_cis.pdbx_PDB_model_num     1 
_struct_mon_prot_cis.pdbx_omega_angle       1.16 
# 
_struct_sheet.id               AA1 
_struct_sheet.type             ? 
_struct_sheet.number_strands   2 
_struct_sheet.details          ? 
# 
_struct_sheet_order.sheet_id     AA1 
_struct_sheet_order.range_id_1   1 
_struct_sheet_order.range_id_2   2 
_struct_sheet_order.offset       ? 
_struct_sheet_order.sense        anti-parallel 
# 
loop_
_struct_sheet_range.sheet_id 
_struct_sheet_range.id 
_struct_sheet_range.beg_label_comp_id 
_struct_sheet_range.beg_label_asym_id 
_struct_sheet_range.beg_label_seq_id 
_struct_sheet_range.pdbx_beg_PDB_ins_code 
_struct_sheet_range.end_label_comp_id 
_struct_sheet_range.end_label_asym_id 
_struct_sheet_range.end_label_seq_id 
_struct_sheet_range.pdbx_end_PDB_ins_code 
_struct_sheet_range.beg_auth_comp_id 
_struct_sheet_range.beg_auth_asym_id 
_struct_sheet_range.beg_auth_seq_id 
_struct_sheet_range.end_auth_comp_id 
_struct_sheet_range.end_auth_asym_id 
_struct_sheet_range.end_auth_seq_id 
AA1 1 GLN A 32 ? MET A 34 ? GLN A 330 MET A 332 
AA1 2 ALA A 41 ? HIS A 43 ? ALA A 339 HIS A 341 
# 
_pdbx_struct_sheet_hbond.sheet_id                AA1 
_pdbx_struct_sheet_hbond.range_id_1              1 
_pdbx_struct_sheet_hbond.range_id_2              2 
_pdbx_struct_sheet_hbond.range_1_label_atom_id   N 
_pdbx_struct_sheet_hbond.range_1_label_comp_id   LEU 
_pdbx_struct_sheet_hbond.range_1_label_asym_id   A 
_pdbx_struct_sheet_hbond.range_1_label_seq_id    33 
_pdbx_struct_sheet_hbond.range_1_PDB_ins_code    ? 
_pdbx_struct_sheet_hbond.range_1_auth_atom_id    N 
_pdbx_struct_sheet_hbond.range_1_auth_comp_id    LEU 
_pdbx_struct_sheet_hbond.range_1_auth_asym_id    A 
_pdbx_struct_sheet_hbond.range_1_auth_seq_id     331 
_pdbx_struct_sheet_hbond.range_2_label_atom_id   O 
_pdbx_struct_sheet_hbond.range_2_label_comp_id   PHE 
_pdbx_struct_sheet_hbond.range_2_label_asym_id   A 
_pdbx_struct_sheet_hbond.range_2_label_seq_id    42 
_pdbx_struct_sheet_hbond.range_2_PDB_ins_code    ? 
_pdbx_struct_sheet_hbond.range_2_auth_atom_id    O 
_pdbx_struct_sheet_hbond.range_2_auth_comp_id    PHE 
_pdbx_struct_sheet_hbond.range_2_auth_asym_id    A 
_pdbx_struct_sheet_hbond.range_2_auth_seq_id     340 
# 
loop_
_struct_site.id 
_struct_site.pdbx_evidence_code 
_struct_site.pdbx_auth_asym_id 
_struct_site.pdbx_auth_comp_id 
_struct_site.pdbx_auth_seq_id 
_struct_site.pdbx_auth_ins_code 
_struct_site.pdbx_num_residues 
_struct_site.details 
AC1 Software A ZN  401 ? 4 'binding site for residue ZN A 401'  
AC2 Software A ZN  402 ? 4 'binding site for residue ZN A 402'  
AC3 Software A ZN  403 ? 4 'binding site for residue ZN A 403'  
AC4 Software A ZN  404 ? 4 'binding site for residue ZN A 404'  
AC5 Software A EPE 405 ? 8 'binding site for residue EPE A 405' 
AC6 Software A EPE 406 ? 3 'binding site for residue EPE A 406' 
# 
loop_
_struct_site_gen.id 
_struct_site_gen.site_id 
_struct_site_gen.pdbx_num_res 
_struct_site_gen.label_comp_id 
_struct_site_gen.label_asym_id 
_struct_site_gen.label_seq_id 
_struct_site_gen.pdbx_auth_ins_code 
_struct_site_gen.auth_comp_id 
_struct_site_gen.auth_asym_id 
_struct_site_gen.auth_seq_id 
_struct_site_gen.label_atom_id 
_struct_site_gen.label_alt_id 
_struct_site_gen.symmetry 
_struct_site_gen.details 
1  AC1 4 CYS A 4  ? CYS A 302 . ? 1_555 ? 
2  AC1 4 CYS A 7  ? CYS A 305 . ? 1_555 ? 
3  AC1 4 CYS A 15 ? CYS A 313 . ? 1_555 ? 
4  AC1 4 CYS A 18 ? CYS A 316 . ? 1_555 ? 
5  AC2 4 CYS A 20 ? CYS A 318 . ? 1_555 ? 
6  AC2 4 CYS A 23 ? CYS A 321 . ? 1_555 ? 
7  AC2 4 HIS A 43 ? HIS A 341 . ? 1_555 ? 
8  AC2 4 CYS A 46 ? CYS A 344 . ? 1_555 ? 
9  AC3 4 CYS A 35 ? CYS A 333 . ? 1_555 ? 
10 AC3 4 CYS A 38 ? CYS A 336 . ? 1_555 ? 
11 AC3 4 CYS A 62 ? CYS A 360 . ? 1_555 ? 
12 AC3 4 CYS A 65 ? CYS A 363 . ? 1_555 ? 
13 AC4 4 HIS A 21 ? HIS A 319 . ? 1_555 ? 
14 AC4 4 HIS A 21 ? HIS A 319 . ? 8_555 ? 
15 AC4 4 GLU A 64 ? GLU A 362 . ? 8_555 ? 
16 AC4 4 GLU A 64 ? GLU A 362 . ? 1_555 ? 
17 AC5 8 GLY A 1  ? GLY A 299 . ? 1_555 ? 
18 AC5 8 PRO A 2  ? PRO A 300 . ? 1_555 ? 
19 AC5 8 LYS A 8  ? LYS A 306 . ? 1_555 ? 
20 AC5 8 ASP A 9  ? ASP A 307 . ? 1_555 ? 
21 AC5 8 ASP A 10 ? ASP A 308 . ? 1_555 ? 
22 AC5 8 VAL A 11 ? VAL A 309 . ? 1_555 ? 
23 AC5 8 ASP A 58 ? ASP A 356 . ? 1_565 ? 
24 AC5 8 HOH I .  ? HOH A 527 . ? 1_555 ? 
25 AC6 3 TYR A 61 ? TYR A 359 . ? 1_555 ? 
26 AC6 3 CYS A 65 ? CYS A 363 . ? 1_555 ? 
27 AC6 3 ARG A 66 ? ARG A 364 . ? 1_555 ? 
# 
_atom_sites.entry_id                    6IIW 
_atom_sites.fract_transf_matrix[1][1]   -0.02528293 
_atom_sites.fract_transf_matrix[1][2]   0.01813770 
_atom_sites.fract_transf_matrix[1][3]   0.00456868 
_atom_sites.fract_transf_matrix[2][1]   -0.02447821 
_atom_sites.fract_transf_matrix[2][2]   -0.00190404 
_atom_sites.fract_transf_matrix[2][3]   -0.01965438 
_atom_sites.fract_transf_matrix[3][1]   -0.00184415 
_atom_sites.fract_transf_matrix[3][2]   -0.00322793 
_atom_sites.fract_transf_matrix[3][3]   0.00260947 
_atom_sites.fract_transf_vector[1]      -0.304736 
_atom_sites.fract_transf_vector[2]      -0.114954 
_atom_sites.fract_transf_vector[3]      -0.043024 
# 
loop_
_atom_type.symbol 
C  
N  
O  
S  
ZN 
# 
loop_
_atom_site.group_PDB 
_atom_site.id 
_atom_site.type_symbol 
_atom_site.label_atom_id 
_atom_site.label_alt_id 
_atom_site.label_comp_id 
_atom_site.label_asym_id 
_atom_site.label_entity_id 
_atom_site.label_seq_id 
_atom_site.pdbx_PDB_ins_code 
_atom_site.Cartn_x 
_atom_site.Cartn_y 
_atom_site.Cartn_z 
_atom_site.occupancy 
_atom_site.B_iso_or_equiv 
_atom_site.pdbx_formal_charge 
_atom_site.auth_seq_id 
_atom_site.auth_comp_id 
_atom_site.auth_asym_id 
_atom_site.auth_atom_id 
_atom_site.pdbx_PDB_model_num 
ATOM   1   C  CA  . GLY A 1 1  ? 1.612   -20.013 -9.982  1.00 56.60 ? 299 GLY A CA  1 
ATOM   2   C  C   . GLY A 1 1  ? 1.884   -18.538 -9.739  1.00 59.00 ? 299 GLY A C   1 
ATOM   3   O  O   . GLY A 1 1  ? 3.042   -18.136 -9.586  1.00 61.31 ? 299 GLY A O   1 
ATOM   4   N  N   . PRO A 1 2  ? 0.830   -17.726 -9.708  1.00 50.83 ? 300 PRO A N   1 
ATOM   5   C  CA  . PRO A 1 2  ? 1.002   -16.296 -9.435  1.00 39.29 ? 300 PRO A CA  1 
ATOM   6   C  C   . PRO A 1 2  ? 1.235   -16.033 -7.955  1.00 36.54 ? 300 PRO A C   1 
ATOM   7   O  O   . PRO A 1 2  ? 0.933   -16.856 -7.087  1.00 40.03 ? 300 PRO A O   1 
ATOM   8   C  CB  . PRO A 1 2  ? -0.325  -15.684 -9.893  1.00 40.84 ? 300 PRO A CB  1 
ATOM   9   C  CG  . PRO A 1 2  ? -1.318  -16.780 -9.652  1.00 47.61 ? 300 PRO A CG  1 
ATOM   10  C  CD  . PRO A 1 2  ? -0.587  -18.084 -9.915  1.00 46.90 ? 300 PRO A CD  1 
ATOM   11  N  N   . SER A 1 3  ? 1.788   -14.850 -7.683  1.00 35.11 ? 301 SER A N   1 
ATOM   12  C  CA  . SER A 1 3  ? 2.030   -14.456 -6.301  1.00 39.01 ? 301 SER A CA  1 
ATOM   13  C  C   . SER A 1 3  ? 0.723   -14.141 -5.585  1.00 33.44 ? 301 SER A C   1 
ATOM   14  O  O   . SER A 1 3  ? 0.549   -14.486 -4.406  1.00 37.91 ? 301 SER A O   1 
ATOM   15  C  CB  . SER A 1 3  ? 2.965   -13.248 -6.257  1.00 42.82 ? 301 SER A CB  1 
ATOM   16  O  OG  . SER A 1 3  ? 3.124   -12.784 -4.927  1.00 44.63 ? 301 SER A OG  1 
ATOM   17  N  N   . CYS A 1 4  ? -0.207  -13.495 -6.284  1.00 29.97 ? 302 CYS A N   1 
ATOM   18  C  CA  . CYS A 1 4  ? -1.465  -13.052 -5.704  1.00 28.47 ? 302 CYS A CA  1 
ATOM   19  C  C   . CYS A 1 4  ? -2.609  -13.798 -6.372  1.00 28.81 ? 302 CYS A C   1 
ATOM   20  O  O   . CYS A 1 4  ? -2.824  -13.659 -7.577  1.00 29.08 ? 302 CYS A O   1 
ATOM   21  C  CB  . CYS A 1 4  ? -1.640  -11.541 -5.875  1.00 30.15 ? 302 CYS A CB  1 
ATOM   22  S  SG  . CYS A 1 4  ? -3.152  -10.935 -5.130  1.00 25.00 ? 302 CYS A SG  1 
ATOM   23  N  N   . LYS A 1 5  ? -3.348  -14.580 -5.583  1.00 30.57 ? 303 LYS A N   1 
ATOM   24  C  CA  . LYS A 1 5  ? -4.512  -15.298 -6.088  1.00 33.81 ? 303 LYS A CA  1 
ATOM   25  C  C   . LYS A 1 5  ? -5.594  -14.373 -6.621  1.00 30.18 ? 303 LYS A C   1 
ATOM   26  O  O   . LYS A 1 5  ? -6.358  -14.782 -7.509  1.00 31.30 ? 303 LYS A O   1 
ATOM   27  C  CB  . LYS A 1 5  ? -5.094  -16.183 -4.979  1.00 34.56 ? 303 LYS A CB  1 
ATOM   28  C  CG  . LYS A 1 5  ? -6.184  -15.449 -4.162  1.00 40.62 ? 303 LYS A CG  1 
ATOM   29  C  CD  . LYS A 1 5  ? -7.186  -16.359 -3.494  1.00 48.21 ? 303 LYS A CD  1 
ATOM   30  C  CE  . LYS A 1 5  ? -6.493  -17.204 -2.491  1.00 46.88 ? 303 LYS A CE  1 
ATOM   31  N  NZ  . LYS A 1 5  ? -7.350  -17.622 -1.332  1.00 56.96 ? 303 LYS A NZ  1 
ATOM   32  N  N   . HIS A 1 6  ? -5.673  -13.137 -6.118  1.00 28.17 ? 304 HIS A N   1 
ATOM   33  C  CA  . HIS A 1 6  ? -6.833  -12.296 -6.406  1.00 27.65 ? 304 HIS A CA  1 
ATOM   34  C  C   . HIS A 1 6  ? -6.708  -11.611 -7.748  1.00 26.24 ? 304 HIS A C   1 
ATOM   35  O  O   . HIS A 1 6  ? -7.698  -11.466 -8.466  1.00 35.20 ? 304 HIS A O   1 
ATOM   36  C  CB  . HIS A 1 6  ? -7.020  -11.262 -5.305  1.00 28.17 ? 304 HIS A CB  1 
ATOM   37  C  CG  . HIS A 1 6  ? -7.383  -11.871 -3.994  1.00 31.45 ? 304 HIS A CG  1 
ATOM   38  N  ND1 . HIS A 1 6  ? -6.431  -12.339 -3.116  1.00 33.18 ? 304 HIS A ND1 1 
ATOM   39  C  CD2 . HIS A 1 6  ? -8.585  -12.141 -3.433  1.00 33.56 ? 304 HIS A CD2 1 
ATOM   40  C  CE1 . HIS A 1 6  ? -7.031  -12.857 -2.059  1.00 33.99 ? 304 HIS A CE1 1 
ATOM   41  N  NE2 . HIS A 1 6  ? -8.338  -12.747 -2.224  1.00 36.76 ? 304 HIS A NE2 1 
ATOM   42  N  N   . CYS A 1 7  ? -5.519  -11.173 -8.108  1.00 24.62 ? 305 CYS A N   1 
ATOM   43  C  CA  . CYS A 1 7  ? -5.349  -10.544 -9.402  1.00 23.61 ? 305 CYS A CA  1 
ATOM   44  C  C   . CYS A 1 7  ? -4.509  -11.367 -10.360 1.00 28.10 ? 305 CYS A C   1 
ATOM   45  O  O   . CYS A 1 7  ? -4.423  -11.005 -11.541 1.00 24.42 ? 305 CYS A O   1 
ATOM   46  C  CB  . CYS A 1 7  ? -4.735  -9.160  -9.216  1.00 24.59 ? 305 CYS A CB  1 
ATOM   47  S  SG  . CYS A 1 7  ? -3.047  -9.368  -8.592  1.00 21.82 ? 305 CYS A SG  1 
ATOM   48  N  N   . LYS A 1 8  ? -3.941  -12.484 -9.893  1.00 25.51 ? 306 LYS A N   1 
ATOM   49  C  CA  . LYS A 1 8  ? -3.022  -13.328 -10.669 1.00 26.75 ? 306 LYS A CA  1 
ATOM   50  C  C   . LYS A 1 8  ? -1.926  -12.492 -11.316 1.00 26.25 ? 306 LYS A C   1 
ATOM   51  O  O   . LYS A 1 8  ? -1.503  -12.739 -12.449 1.00 28.41 ? 306 LYS A O   1 
ATOM   52  C  CB  . LYS A 1 8  ? -3.777  -14.179 -11.689 1.00 28.49 ? 306 LYS A CB  1 
ATOM   53  C  CG  . LYS A 1 8  ? -4.805  -15.072 -11.018 1.00 30.65 ? 306 LYS A CG  1 
ATOM   54  C  CD  . LYS A 1 8  ? -5.832  -15.666 -11.962 1.00 40.58 ? 306 LYS A CD  1 
ATOM   55  C  CE  . LYS A 1 8  ? -5.236  -16.781 -12.778 1.00 43.92 ? 306 LYS A CE  1 
ATOM   56  N  NZ  . LYS A 1 8  ? -6.254  -17.362 -13.703 1.00 45.67 ? 306 LYS A NZ  1 
ATOM   57  N  N   . ASP A 1 9  ? -1.493  -11.471 -10.571 1.00 24.19 ? 307 ASP A N   1 
ATOM   58  C  CA  . ASP A 1 9  ? -0.333  -10.652 -10.897 1.00 23.81 ? 307 ASP A CA  1 
ATOM   59  C  C   . ASP A 1 9  ? -0.542  -9.875  -12.190 1.00 27.41 ? 307 ASP A C   1 
ATOM   60  O  O   . ASP A 1 9  ? 0.421   -9.548  -12.886 1.00 34.81 ? 307 ASP A O   1 
ATOM   61  C  CB  . ASP A 1 9  ? 0.947   -11.498 -10.966 1.00 26.12 ? 307 ASP A CB  1 
ATOM   62  C  CG  . ASP A 1 9  ? 1.261   -12.209 -9.646  1.00 32.93 ? 307 ASP A CG  1 
ATOM   63  O  OD1 . ASP A 1 9  ? 0.689   -11.824 -8.602  1.00 27.69 ? 307 ASP A OD1 1 
ATOM   64  O  OD2 . ASP A 1 9  ? 2.077   -13.161 -9.652  1.00 38.18 ? 307 ASP A OD2 1 
ATOM   65  N  N   . ASP A 1 10 ? -1.795  -9.556  -12.516 1.00 23.14 ? 308 ASP A N   1 
ATOM   66  C  CA  . ASP A 1 10 ? -2.108  -8.780  -13.716 1.00 24.79 ? 308 ASP A CA  1 
ATOM   67  C  C   . ASP A 1 10 ? -1.945  -7.293  -13.406 1.00 21.13 ? 308 ASP A C   1 
ATOM   68  O  O   . ASP A 1 10 ? -2.745  -6.717  -12.669 1.00 22.20 ? 308 ASP A O   1 
ATOM   69  C  CB  . ASP A 1 10 ? -3.527  -9.087  -14.189 1.00 22.09 ? 308 ASP A CB  1 
ATOM   70  C  CG  . ASP A 1 10 ? -3.887  -8.364  -15.477 1.00 23.37 ? 308 ASP A CG  1 
ATOM   71  O  OD1 . ASP A 1 10 ? -3.092  -7.510  -15.952 1.00 26.82 ? 308 ASP A OD1 1 
ATOM   72  O  OD2 . ASP A 1 10 ? -4.967  -8.669  -16.026 1.00 23.84 ? 308 ASP A OD2 1 
ATOM   73  N  N   . VAL A 1 11 ? -0.924  -6.657  -13.990 1.00 25.72 ? 309 VAL A N   1 
ATOM   74  C  CA  . VAL A 1 11 ? -0.694  -5.245  -13.693 1.00 24.15 ? 309 VAL A CA  1 
ATOM   75  C  C   . VAL A 1 11 ? -1.821  -4.354  -14.205 1.00 24.62 ? 309 VAL A C   1 
ATOM   76  O  O   . VAL A 1 11 ? -1.925  -3.193  -13.791 1.00 24.61 ? 309 VAL A O   1 
ATOM   77  C  CB  . VAL A 1 11 ? 0.652   -4.768  -14.277 1.00 34.21 ? 309 VAL A CB  1 
ATOM   78  C  CG1 . VAL A 1 11 ? 1.777   -5.705  -13.856 1.00 38.92 ? 309 VAL A CG1 1 
ATOM   79  C  CG2 . VAL A 1 11 ? 0.568   -4.663  -15.785 1.00 36.80 ? 309 VAL A CG2 1 
ATOM   80  N  N   . ASN A 1 12 ? -2.659  -4.855  -15.109 1.00 24.80 ? 310 ASN A N   1 
ATOM   81  C  CA  . ASN A 1 12 ? -3.766  -4.073  -15.638 1.00 26.29 ? 310 ASN A CA  1 
ATOM   82  C  C   . ASN A 1 12 ? -5.042  -4.255  -14.839 1.00 24.35 ? 310 ASN A C   1 
ATOM   83  O  O   . ASN A 1 12 ? -6.064  -3.651  -15.181 1.00 26.21 ? 310 ASN A O   1 
ATOM   84  C  CB  . ASN A 1 12 ? -4.009  -4.432  -17.102 1.00 31.79 ? 310 ASN A CB  1 
ATOM   85  C  CG  . ASN A 1 12 ? -2.957  -3.842  -18.011 1.00 38.13 ? 310 ASN A CG  1 
ATOM   86  O  OD1 . ASN A 1 12 ? -2.285  -4.556  -18.750 1.00 38.12 ? 310 ASN A OD1 1 
ATOM   87  N  ND2 . ASN A 1 12 ? -2.789  -2.528  -17.936 1.00 36.93 ? 310 ASN A ND2 1 
ATOM   88  N  N   . ARG A 1 13 ? -5.008  -5.076  -13.800 1.00 23.60 ? 311 ARG A N   1 
ATOM   89  C  CA  . ARG A 1 13 ? -6.114  -5.210  -12.872 1.00 22.90 ? 311 ARG A CA  1 
ATOM   90  C  C   . ARG A 1 13 ? -5.824  -4.430  -11.599 1.00 24.94 ? 311 ARG A C   1 
ATOM   91  O  O   . ARG A 1 13 ? -4.674  -4.304  -11.172 1.00 24.10 ? 311 ARG A O   1 
ATOM   92  C  CB  . ARG A 1 13 ? -6.360  -6.675  -12.523 1.00 30.03 ? 311 ARG A CB  1 
ATOM   93  C  CG  . ARG A 1 13 ? -7.440  -7.282  -13.358 1.00 34.82 ? 311 ARG A CG  1 
ATOM   94  C  CD  . ARG A 1 13 ? -7.567  -8.770  -13.135 1.00 41.79 ? 311 ARG A CD  1 
ATOM   95  N  NE  . ARG A 1 13 ? -8.254  -9.370  -14.275 1.00 42.94 ? 311 ARG A NE  1 
ATOM   96  C  CZ  . ARG A 1 13 ? -9.544  -9.202  -14.556 1.00 46.04 ? 311 ARG A CZ  1 
ATOM   97  N  NH1 . ARG A 1 13 ? -10.323 -8.465  -13.770 1.00 43.64 ? 311 ARG A NH1 1 
ATOM   98  N  NH2 . ARG A 1 13 ? -10.064 -9.783  -15.625 1.00 42.08 ? 311 ARG A NH2 1 
ATOM   99  N  N   . LEU A 1 14 ? -6.879  -3.893  -11.005 1.00 20.58 ? 312 LEU A N   1 
ATOM   100 C  CA  . LEU A 1 14 ? -6.769  -3.353  -9.662  1.00 18.77 ? 312 LEU A CA  1 
ATOM   101 C  C   . LEU A 1 14 ? -6.729  -4.506  -8.672  1.00 18.09 ? 312 LEU A C   1 
ATOM   102 O  O   . LEU A 1 14 ? -7.321  -5.563  -8.910  1.00 21.06 ? 312 LEU A O   1 
ATOM   103 C  CB  . LEU A 1 14 ? -7.958  -2.454  -9.341  1.00 20.34 ? 312 LEU A CB  1 
ATOM   104 C  CG  . LEU A 1 14 ? -8.174  -1.245  -10.237 1.00 25.20 ? 312 LEU A CG  1 
ATOM   105 C  CD1 . LEU A 1 14 ? -9.513  -0.630  -9.891  1.00 34.65 ? 312 LEU A CD1 1 
ATOM   106 C  CD2 . LEU A 1 14 ? -7.044  -0.260  -10.030 1.00 23.28 ? 312 LEU A CD2 1 
ATOM   107 N  N   . CYS A 1 15 ? -6.039  -4.304  -7.548  1.00 16.90 ? 313 CYS A N   1 
ATOM   108 C  CA  . CYS A 1 15 ? -6.002  -5.367  -6.548  1.00 16.68 ? 313 CYS A CA  1 
ATOM   109 C  C   . CYS A 1 15 ? -5.750  -4.783  -5.172  1.00 16.51 ? 313 CYS A C   1 
ATOM   110 O  O   . CYS A 1 15 ? -4.695  -4.195  -4.930  1.00 17.01 ? 313 CYS A O   1 
ATOM   111 C  CB  . CYS A 1 15 ? -4.936  -6.402  -6.876  1.00 17.36 ? 313 CYS A CB  1 
ATOM   112 S  SG  . CYS A 1 15 ? -5.020  -7.775  -5.694  1.00 18.72 ? 313 CYS A SG  1 
ATOM   113 N  N   . ARG A 1 16 ? -6.698  -4.973  -4.259  1.00 19.10 ? 314 ARG A N   1 
ATOM   114 C  CA  . ARG A 1 16 ? -6.512  -4.431  -2.923  1.00 17.00 ? 314 ARG A CA  1 
ATOM   115 C  C   . ARG A 1 16 ? -5.704  -5.355  -2.032  1.00 19.64 ? 314 ARG A C   1 
ATOM   116 O  O   . ARG A 1 16 ? -5.380  -4.978  -0.910  1.00 18.93 ? 314 ARG A O   1 
ATOM   117 C  CB  . ARG A 1 16 ? -7.872  -4.096  -2.295  1.00 17.52 ? 314 ARG A CB  1 
ATOM   118 C  CG  . ARG A 1 16 ? -8.463  -2.834  -2.938  1.00 18.54 ? 314 ARG A CG  1 
ATOM   119 C  CD  . ARG A 1 16 ? -9.964  -2.774  -2.818  1.00 23.96 ? 314 ARG A CD  1 
ATOM   120 N  NE  . ARG A 1 16 ? -10.376 -2.601  -1.427  1.00 23.30 ? 314 ARG A NE  1 
ATOM   121 C  CZ  . ARG A 1 16 ? -11.642 -2.657  -1.029  1.00 25.20 ? 314 ARG A CZ  1 
ATOM   122 N  NH1 . ARG A 1 16 ? -12.596 -2.880  -1.925  1.00 24.14 ? 314 ARG A NH1 1 
ATOM   123 N  NH2 . ARG A 1 16 ? -11.956 -2.503  0.253   1.00 24.27 ? 314 ARG A NH2 1 
ATOM   124 N  N   . VAL A 1 17 ? -5.322  -6.528  -2.520  1.00 19.63 ? 315 VAL A N   1 
ATOM   125 C  CA  . VAL A 1 17 ? -4.478  -7.400  -1.715  1.00 19.19 ? 315 VAL A CA  1 
ATOM   126 C  C   . VAL A 1 17 ? -3.001  -7.112  -1.943  1.00 19.73 ? 315 VAL A C   1 
ATOM   127 O  O   . VAL A 1 17 ? -2.216  -7.097  -0.994  1.00 24.33 ? 315 VAL A O   1 
ATOM   128 C  CB  . VAL A 1 17 ? -4.818  -8.872  -2.000  1.00 20.62 ? 315 VAL A CB  1 
ATOM   129 C  CG1 . VAL A 1 17 ? -3.881  -9.781  -1.220  1.00 23.80 ? 315 VAL A CG1 1 
ATOM   130 C  CG2 . VAL A 1 17 ? -6.272  -9.147  -1.658  1.00 26.74 ? 315 VAL A CG2 1 
ATOM   131 N  N   . CYS A 1 18 ? -2.589  -6.857  -3.185  1.00 15.09 ? 316 CYS A N   1 
ATOM   132 C  CA  . CYS A 1 18 ? -1.182  -6.617  -3.474  1.00 15.01 ? 316 CYS A CA  1 
ATOM   133 C  C   . CYS A 1 18 ? -0.893  -5.222  -4.004  1.00 19.54 ? 316 CYS A C   1 
ATOM   134 O  O   . CYS A 1 18 ? 0.279   -4.895  -4.229  1.00 23.57 ? 316 CYS A O   1 
ATOM   135 C  CB  . CYS A 1 18 ? -0.639  -7.674  -4.448  1.00 22.00 ? 316 CYS A CB  1 
ATOM   136 S  SG  . CYS A 1 18 ? -1.318  -7.646  -6.124  1.00 22.04 ? 316 CYS A SG  1 
ATOM   137 N  N   . ALA A 1 19 ? -1.909  -4.378  -4.190  1.00 14.46 ? 317 ALA A N   1 
ATOM   138 C  CA  . ALA A 1 19 ? -1.667  -2.973  -4.501  1.00 15.81 ? 317 ALA A CA  1 
ATOM   139 C  C   . ALA A 1 19 ? -2.331  -2.144  -3.414  1.00 20.67 ? 317 ALA A C   1 
ATOM   140 O  O   . ALA A 1 19 ? -2.497  -2.647  -2.299  1.00 17.15 ? 317 ALA A O   1 
ATOM   141 C  CB  . ALA A 1 19 ? -2.180  -2.616  -5.899  1.00 16.71 ? 317 ALA A CB  1 
ATOM   142 N  N   . CYS A 1 20 ? -2.712  -0.894  -3.693  1.00 15.51 ? 318 CYS A N   1 
ATOM   143 C  CA  . CYS A 1 20 ? -3.320  -0.077  -2.641  1.00 14.13 ? 318 CYS A CA  1 
ATOM   144 C  C   . CYS A 1 20 ? -4.523  -0.796  -2.056  1.00 13.94 ? 318 CYS A C   1 
ATOM   145 O  O   . CYS A 1 20 ? -5.435  -1.177  -2.786  1.00 15.13 ? 318 CYS A O   1 
ATOM   146 C  CB  . CYS A 1 20 ? -3.764  1.295   -3.159  1.00 14.74 ? 318 CYS A CB  1 
ATOM   147 S  SG  . CYS A 1 20 ? -4.554  2.309   -1.844  1.00 15.44 ? 318 CYS A SG  1 
ATOM   148 N  N   . HIS A 1 21 ? -4.511  -0.974  -0.730  1.00 13.99 ? 319 HIS A N   1 
ATOM   149 C  CA  . HIS A 1 21 ? -5.570  -1.725  -0.059  1.00 17.09 ? 319 HIS A CA  1 
ATOM   150 C  C   . HIS A 1 21 ? -6.910  -0.999  -0.081  1.00 20.18 ? 319 HIS A C   1 
ATOM   151 O  O   . HIS A 1 21 ? -7.953  -1.630  0.140   1.00 19.44 ? 319 HIS A O   1 
ATOM   152 C  CB  . HIS A 1 21 ? -5.178  -2.010  1.391   1.00 14.27 ? 319 HIS A CB  1 
ATOM   153 C  CG  . HIS A 1 21 ? -5.955  -3.136  2.002   1.00 14.44 ? 319 HIS A CG  1 
ATOM   154 N  ND1 . HIS A 1 21 ? -6.516  -3.067  3.261   1.00 24.32 ? 319 HIS A ND1 1 
ATOM   155 C  CD2 . HIS A 1 21 ? -6.269  -4.358  1.516   1.00 14.41 ? 319 HIS A CD2 1 
ATOM   156 C  CE1 . HIS A 1 21 ? -7.157  -4.193  3.512   1.00 17.95 ? 319 HIS A CE1 1 
ATOM   157 N  NE2 . HIS A 1 21 ? -7.021  -4.994  2.471   1.00 21.90 ? 319 HIS A NE2 1 
ATOM   158 N  N   . LEU A 1 22 ? -6.908  0.306   -0.322  1.00 17.79 ? 320 LEU A N   1 
ATOM   159 C  CA  . LEU A 1 22 ? -8.127  1.097   -0.342  1.00 17.89 ? 320 LEU A CA  1 
ATOM   160 C  C   . LEU A 1 22 ? -8.705  1.206   -1.749  1.00 22.45 ? 320 LEU A C   1 
ATOM   161 O  O   . LEU A 1 22 ? -9.901  0.976   -1.944  1.00 26.43 ? 320 LEU A O   1 
ATOM   162 C  CB  . LEU A 1 22 ? -7.852  2.489   0.246   1.00 20.45 ? 320 LEU A CB  1 
ATOM   163 C  CG  . LEU A 1 22 ? -7.468  2.419   1.735   1.00 21.09 ? 320 LEU A CG  1 
ATOM   164 C  CD1 . LEU A 1 22 ? -7.078  3.788   2.281   1.00 23.47 ? 320 LEU A CD1 1 
ATOM   165 C  CD2 . LEU A 1 22 ? -8.611  1.826   2.553   1.00 23.41 ? 320 LEU A CD2 1 
ATOM   166 N  N   . CYS A 1 23 ? -7.871  1.522   -2.746  1.00 19.62 ? 321 CYS A N   1 
ATOM   167 C  CA  . CYS A 1 23 ? -8.373  1.739   -4.098  1.00 17.92 ? 321 CYS A CA  1 
ATOM   168 C  C   . CYS A 1 23 ? -7.983  0.660   -5.103  1.00 17.60 ? 321 CYS A C   1 
ATOM   169 O  O   . CYS A 1 23 ? -8.583  0.609   -6.187  1.00 20.63 ? 321 CYS A O   1 
ATOM   170 C  CB  . CYS A 1 23 ? -7.911  3.109   -4.641  1.00 18.91 ? 321 CYS A CB  1 
ATOM   171 S  SG  . CYS A 1 23 ? -6.171  3.201   -5.179  1.00 19.48 ? 321 CYS A SG  1 
ATOM   172 N  N   . GLY A 1 24 ? -7.013  -0.199  -4.777  1.00 16.60 ? 322 GLY A N   1 
ATOM   173 C  CA  . GLY A 1 24 ? -6.571  -1.242  -5.676  1.00 15.67 ? 322 GLY A CA  1 
ATOM   174 C  C   . GLY A 1 24 ? -5.580  -0.781  -6.710  1.00 17.82 ? 322 GLY A C   1 
ATOM   175 O  O   . GLY A 1 24 ? -5.047  -1.616  -7.452  1.00 16.09 ? 322 GLY A O   1 
ATOM   176 N  N   . GLY A 1 25 ? -5.298  0.517   -6.764  1.00 15.32 ? 323 GLY A N   1 
ATOM   177 C  CA  . GLY A 1 25 ? -4.445  1.047   -7.812  1.00 17.19 ? 323 GLY A CA  1 
ATOM   178 C  C   . GLY A 1 25 ? -2.981  0.747   -7.569  1.00 17.42 ? 323 GLY A C   1 
ATOM   179 O  O   . GLY A 1 25 ? -2.508  0.674   -6.431  1.00 17.68 ? 323 GLY A O   1 
ATOM   180 N  N   . ARG A 1 26 ? -2.253  0.590   -8.671  1.00 17.82 ? 324 ARG A N   1 
ATOM   181 C  CA  . ARG A 1 26 ? -0.836  0.273   -8.630  1.00 16.06 ? 324 ARG A CA  1 
ATOM   182 C  C   . ARG A 1 26 ? 0.051   1.482   -8.873  1.00 18.40 ? 324 ARG A C   1 
ATOM   183 O  O   . ARG A 1 26 ? 1.275   1.361   -8.772  1.00 21.24 ? 324 ARG A O   1 
ATOM   184 C  CB  . ARG A 1 26 ? -0.517  -0.814  -9.664  1.00 16.61 ? 324 ARG A CB  1 
ATOM   185 C  CG  . ARG A 1 26 ? -1.378  -2.070  -9.497  1.00 16.70 ? 324 ARG A CG  1 
ATOM   186 C  CD  . ARG A 1 26 ? -0.912  -3.152  -10.452 1.00 19.27 ? 324 ARG A CD  1 
ATOM   187 N  NE  . ARG A 1 26 ? -1.841  -4.274  -10.472 1.00 19.30 ? 324 ARG A NE  1 
ATOM   188 C  CZ  . ARG A 1 26 ? -1.799  -5.286  -9.614  1.00 18.77 ? 324 ARG A CZ  1 
ATOM   189 N  NH1 . ARG A 1 26 ? -0.869  -5.313  -8.660  1.00 21.28 ? 324 ARG A NH1 1 
ATOM   190 N  NH2 . ARG A 1 26 ? -2.693  -6.262  -9.702  1.00 20.43 ? 324 ARG A NH2 1 
ATOM   191 N  N   . GLN A 1 27 ? -0.531  2.624   -9.221  1.00 17.99 ? 325 GLN A N   1 
ATOM   192 C  CA  . GLN A 1 27 ? 0.271   3.788   -9.543  1.00 19.13 ? 325 GLN A CA  1 
ATOM   193 C  C   . GLN A 1 27 ? 0.939   4.337   -8.288  1.00 18.38 ? 325 GLN A C   1 
ATOM   194 O  O   . GLN A 1 27 ? 0.553   4.027   -7.155  1.00 17.61 ? 325 GLN A O   1 
ATOM   195 C  CB  . GLN A 1 27 ? -0.592  4.866   -10.195 1.00 20.35 ? 325 GLN A CB  1 
ATOM   196 C  CG  . GLN A 1 27 ? -1.368  5.712   -9.203  1.00 20.65 ? 325 GLN A CG  1 
ATOM   197 C  CD  . GLN A 1 27 ? -2.660  5.071   -8.755  1.00 26.72 ? 325 GLN A CD  1 
ATOM   198 O  OE1 . GLN A 1 27 ? -2.980  3.944   -9.141  1.00 27.38 ? 325 GLN A OE1 1 
ATOM   199 N  NE2 . GLN A 1 27 ? -3.421  5.791   -7.942  1.00 26.11 ? 325 GLN A NE2 1 
ATOM   200 N  N   . ASP A 1 28 ? 1.954   5.168   -8.506  1.00 19.47 ? 326 ASP A N   1 
ATOM   201 C  CA  . ASP A 1 28 ? 2.667   5.843   -7.426  1.00 19.92 ? 326 ASP A CA  1 
ATOM   202 C  C   . ASP A 1 28 ? 3.125   4.893   -6.317  1.00 23.49 ? 326 ASP A C   1 
ATOM   203 O  O   . ASP A 1 28 ? 2.827   5.117   -5.143  1.00 19.87 ? 326 ASP A O   1 
ATOM   204 C  CB  . ASP A 1 28 ? 1.795   6.947   -6.843  1.00 20.33 ? 326 ASP A CB  1 
ATOM   205 C  CG  . ASP A 1 28 ? 1.514   8.047   -7.836  1.00 25.12 ? 326 ASP A CG  1 
ATOM   206 O  OD1 . ASP A 1 28 ? 0.405   8.609   -7.776  1.00 26.65 ? 326 ASP A OD1 1 
ATOM   207 O  OD2 . ASP A 1 28 ? 2.403   8.350   -8.655  1.00 28.39 ? 326 ASP A OD2 1 
ATOM   208 N  N   . PRO A 1 29 ? 3.875   3.835   -6.654  1.00 24.37 ? 327 PRO A N   1 
ATOM   209 C  CA  . PRO A 1 29 ? 4.326   2.912   -5.597  1.00 22.27 ? 327 PRO A CA  1 
ATOM   210 C  C   . PRO A 1 29 ? 5.195   3.582   -4.546  1.00 22.27 ? 327 PRO A C   1 
ATOM   211 O  O   . PRO A 1 29 ? 5.224   3.120   -3.397  1.00 24.90 ? 327 PRO A O   1 
ATOM   212 C  CB  . PRO A 1 29 ? 5.094   1.834   -6.376  1.00 26.96 ? 327 PRO A CB  1 
ATOM   213 C  CG  . PRO A 1 29 ? 5.523   2.509   -7.634  1.00 26.85 ? 327 PRO A CG  1 
ATOM   214 C  CD  . PRO A 1 29 ? 4.420   3.468   -7.976  1.00 26.56 ? 327 PRO A CD  1 
ATOM   215 N  N   . ASP A 1 30 ? 5.891   4.669   -4.900  1.00 25.34 ? 328 ASP A N   1 
ATOM   216 C  CA  . ASP A 1 30 ? 6.670   5.397   -3.909  1.00 25.48 ? 328 ASP A CA  1 
ATOM   217 C  C   . ASP A 1 30 ? 5.793   6.178   -2.935  1.00 30.32 ? 328 ASP A C   1 
ATOM   218 O  O   . ASP A 1 30 ? 6.318   6.721   -1.958  1.00 26.80 ? 328 ASP A O   1 
ATOM   219 C  CB  . ASP A 1 30 ? 7.674   6.332   -4.607  1.00 29.38 ? 328 ASP A CB  1 
ATOM   220 C  CG  . ASP A 1 30 ? 7.078   7.076   -5.789  1.00 42.63 ? 328 ASP A CG  1 
ATOM   221 O  OD1 . ASP A 1 30 ? 6.141   6.566   -6.451  1.00 43.97 ? 328 ASP A OD1 1 
ATOM   222 O  OD2 . ASP A 1 30 ? 7.576   8.186   -6.076  1.00 52.75 ? 328 ASP A OD2 1 
ATOM   223 N  N   . LYS A 1 31 ? 4.482   6.249   -3.173  1.00 24.49 ? 329 LYS A N   1 
ATOM   224 C  CA  . LYS A 1 31 ? 3.548   6.880   -2.253  1.00 23.16 ? 329 LYS A CA  1 
ATOM   225 C  C   . LYS A 1 31 ? 2.659   5.861   -1.561  1.00 20.47 ? 329 LYS A C   1 
ATOM   226 O  O   . LYS A 1 31 ? 1.735   6.252   -0.838  1.00 21.45 ? 329 LYS A O   1 
ATOM   227 C  CB  . LYS A 1 31 ? 2.663   7.901   -2.969  1.00 25.37 ? 329 LYS A CB  1 
ATOM   228 C  CG  . LYS A 1 31 ? 3.374   9.148   -3.478  1.00 29.05 ? 329 LYS A CG  1 
ATOM   229 C  CD  . LYS A 1 31 ? 2.361   10.058  -4.172  1.00 38.58 ? 329 LYS A CD  1 
ATOM   230 C  CE  . LYS A 1 31 ? 2.923   11.440  -4.454  1.00 42.16 ? 329 LYS A CE  1 
ATOM   231 N  NZ  . LYS A 1 31 ? 1.851   12.401  -4.856  1.00 40.48 ? 329 LYS A NZ  1 
ATOM   232 N  N   . GLN A 1 32 ? 2.898   4.567   -1.778  1.00 19.64 ? 330 GLN A N   1 
ATOM   233 C  CA  . GLN A 1 32 ? 2.124   3.516   -1.133  1.00 17.19 ? 330 GLN A CA  1 
ATOM   234 C  C   . GLN A 1 32 ? 2.888   3.033   0.090   1.00 20.32 ? 330 GLN A C   1 
ATOM   235 O  O   . GLN A 1 32 ? 3.891   2.326   -0.038  1.00 22.49 ? 330 GLN A O   1 
ATOM   236 C  CB  . GLN A 1 32 ? 1.864   2.357   -2.089  1.00 16.99 ? 330 GLN A CB  1 
ATOM   237 C  CG  . GLN A 1 32 ? 0.931   2.719   -3.208  1.00 18.20 ? 330 GLN A CG  1 
ATOM   238 C  CD  . GLN A 1 32 ? 0.609   1.547   -4.098  1.00 23.21 ? 330 GLN A CD  1 
ATOM   239 O  OE1 . GLN A 1 32 ? 0.692   1.641   -5.323  1.00 26.74 ? 330 GLN A OE1 1 
ATOM   240 N  NE2 . GLN A 1 32 ? 0.247   0.432   -3.495  1.00 21.05 ? 330 GLN A NE2 1 
ATOM   241 N  N   . LEU A 1 33 ? 2.411   3.408   1.272   1.00 17.96 ? 331 LEU A N   1 
ATOM   242 C  CA  . LEU A 1 33 ? 3.071   2.993   2.497   1.00 15.41 ? 331 LEU A CA  1 
ATOM   243 C  C   . LEU A 1 33 ? 2.734   1.543   2.796   1.00 14.49 ? 331 LEU A C   1 
ATOM   244 O  O   . LEU A 1 33 ? 1.599   1.109   2.598   1.00 16.74 ? 331 LEU A O   1 
ATOM   245 C  CB  . LEU A 1 33 ? 2.625   3.860   3.670   1.00 15.94 ? 331 LEU A CB  1 
ATOM   246 C  CG  . LEU A 1 33 ? 2.585   5.359   3.398   1.00 18.09 ? 331 LEU A CG  1 
ATOM   247 C  CD1 . LEU A 1 33 ? 2.166   6.086   4.658   1.00 20.45 ? 331 LEU A CD1 1 
ATOM   248 C  CD2 . LEU A 1 33 ? 3.956   5.852   2.917   1.00 18.89 ? 331 LEU A CD2 1 
ATOM   249 N  N   A MET A 1 34 ? 3.729   0.797   3.272   0.72 15.24 ? 332 MET A N   1 
ATOM   250 N  N   B MET A 1 34 ? 3.724   0.797   3.269   0.28 16.03 ? 332 MET A N   1 
ATOM   251 C  CA  A MET A 1 34 ? 3.546   -0.591  3.683   0.72 17.72 ? 332 MET A CA  1 
ATOM   252 C  CA  B MET A 1 34 ? 3.526   -0.584  3.681   0.28 17.51 ? 332 MET A CA  1 
ATOM   253 C  C   A MET A 1 34 ? 3.337   -0.638  5.191   0.72 17.42 ? 332 MET A C   1 
ATOM   254 C  C   B MET A 1 34 ? 3.330   -0.631  5.189   0.28 17.51 ? 332 MET A C   1 
ATOM   255 O  O   A MET A 1 34 ? 4.188   -0.167  5.953   0.72 18.47 ? 332 MET A O   1 
ATOM   256 O  O   B MET A 1 34 ? 4.166   -0.125  5.944   0.28 18.14 ? 332 MET A O   1 
ATOM   257 C  CB  A MET A 1 34 ? 4.756   -1.446  3.304   0.72 19.88 ? 332 MET A CB  1 
ATOM   258 C  CB  B MET A 1 34 ? 4.717   -1.452  3.275   0.28 20.24 ? 332 MET A CB  1 
ATOM   259 C  CG  A MET A 1 34 ? 5.192   -1.319  1.862   0.72 22.89 ? 332 MET A CG  1 
ATOM   260 C  CG  B MET A 1 34 ? 5.274   -1.127  1.903   0.28 23.47 ? 332 MET A CG  1 
ATOM   261 S  SD  A MET A 1 34 ? 3.872   -1.771  0.746   0.72 20.53 ? 332 MET A SD  1 
ATOM   262 S  SD  B MET A 1 34 ? 5.847   -2.594  1.035   0.28 26.54 ? 332 MET A SD  1 
ATOM   263 C  CE  A MET A 1 34 ? 3.707   -3.521  1.110   0.72 21.63 ? 332 MET A CE  1 
ATOM   264 C  CE  B MET A 1 34 ? 4.290   -3.409  0.674   0.28 23.81 ? 332 MET A CE  1 
ATOM   265 N  N   . CYS A 1 35 ? 2.227   -1.237  5.621   1.00 16.55 ? 333 CYS A N   1 
ATOM   266 C  CA  . CYS A 1 35 ? 1.952   -1.345  7.045   1.00 17.56 ? 333 CYS A CA  1 
ATOM   267 C  C   . CYS A 1 35 ? 2.920   -2.322  7.697   1.00 21.36 ? 333 CYS A C   1 
ATOM   268 O  O   . CYS A 1 35 ? 3.106   -3.443  7.214   1.00 18.31 ? 333 CYS A O   1 
ATOM   269 C  CB  . CYS A 1 35 ? 0.520   -1.810  7.276   1.00 18.30 ? 333 CYS A CB  1 
ATOM   270 S  SG  . CYS A 1 35 ? 0.150   -1.998  9.032   1.00 19.27 ? 333 CYS A SG  1 
ATOM   271 N  N   . ASP A 1 36 ? 3.533   -1.904  8.803   1.00 17.82 ? 334 ASP A N   1 
ATOM   272 C  CA  . ASP A 1 36 ? 4.508   -2.770  9.444   1.00 20.02 ? 334 ASP A CA  1 
ATOM   273 C  C   . ASP A 1 36 ? 3.876   -3.818  10.335  1.00 21.51 ? 334 ASP A C   1 
ATOM   274 O  O   . ASP A 1 36 ? 4.606   -4.566  10.995  1.00 23.62 ? 334 ASP A O   1 
ATOM   275 C  CB  . ASP A 1 36 ? 5.515   -1.928  10.218  1.00 21.71 ? 334 ASP A CB  1 
ATOM   276 C  CG  . ASP A 1 36 ? 6.506   -1.292  9.298   1.00 23.26 ? 334 ASP A CG  1 
ATOM   277 O  OD1 . ASP A 1 36 ? 7.182   -2.042  8.561   1.00 27.73 ? 334 ASP A OD1 1 
ATOM   278 O  OD2 . ASP A 1 36 ? 6.574   -0.054  9.269   1.00 24.24 ? 334 ASP A OD2 1 
ATOM   279 N  N   . GLU A 1 37 ? 2.545   -3.905  10.353  1.00 20.47 ? 335 GLU A N   1 
ATOM   280 C  CA  . GLU A 1 37 ? 1.861   -5.027  10.983  1.00 22.73 ? 335 GLU A CA  1 
ATOM   281 C  C   . GLU A 1 37 ? 1.299   -5.995  9.952   1.00 24.43 ? 335 GLU A C   1 
ATOM   282 O  O   . GLU A 1 37 ? 1.654   -7.178  9.966   1.00 26.67 ? 335 GLU A O   1 
ATOM   283 C  CB  . GLU A 1 37 ? 0.744   -4.542  11.919  1.00 25.50 ? 335 GLU A CB  1 
ATOM   284 C  CG  . GLU A 1 37 ? -0.128  -5.676  12.459  1.00 25.56 ? 335 GLU A CG  1 
ATOM   285 C  CD  . GLU A 1 37 ? 0.572   -6.542  13.483  1.00 41.20 ? 335 GLU A CD  1 
ATOM   286 O  OE1 . GLU A 1 37 ? -0.028  -7.558  13.897  1.00 42.60 ? 335 GLU A OE1 1 
ATOM   287 O  OE2 . GLU A 1 37 ? 1.704   -6.210  13.895  1.00 39.82 ? 335 GLU A OE2 1 
ATOM   288 N  N   . CYS A 1 38 ? 0.434   -5.522  9.045   1.00 19.90 ? 336 CYS A N   1 
ATOM   289 C  CA  . CYS A 1 38 ? -0.290  -6.404  8.132   1.00 19.77 ? 336 CYS A CA  1 
ATOM   290 C  C   . CYS A 1 38 ? 0.302   -6.448  6.732   1.00 17.97 ? 336 CYS A C   1 
ATOM   291 O  O   . CYS A 1 38 ? -0.103  -7.304  5.938   1.00 19.87 ? 336 CYS A O   1 
ATOM   292 C  CB  . CYS A 1 38 ? -1.764  -5.988  8.034   1.00 18.29 ? 336 CYS A CB  1 
ATOM   293 S  SG  . CYS A 1 38 ? -2.023  -4.434  7.142   1.00 19.08 ? 336 CYS A SG  1 
ATOM   294 N  N   . ASP A 1 39 ? 1.232   -5.549  6.416   1.00 18.05 ? 337 ASP A N   1 
ATOM   295 C  CA  . ASP A 1 39 ? 1.933   -5.490  5.135   1.00 16.59 ? 337 ASP A CA  1 
ATOM   296 C  C   . ASP A 1 39 ? 1.019   -5.150  3.966   1.00 17.68 ? 337 ASP A C   1 
ATOM   297 O  O   . ASP A 1 39 ? 1.390   -5.378  2.809   1.00 19.48 ? 337 ASP A O   1 
ATOM   298 C  CB  . ASP A 1 39 ? 2.692   -6.783  4.833   1.00 21.74 ? 337 ASP A CB  1 
ATOM   299 C  CG  . ASP A 1 39 ? 4.043   -6.519  4.192   1.00 37.21 ? 337 ASP A CG  1 
ATOM   300 O  OD1 . ASP A 1 39 ? 4.504   -5.347  4.210   1.00 34.99 ? 337 ASP A OD1 1 
ATOM   301 O  OD2 . ASP A 1 39 ? 4.639   -7.477  3.653   1.00 46.94 ? 337 ASP A OD2 1 
ATOM   302 N  N   . MET A 1 40 ? -0.159  -4.601  4.226   1.00 17.04 ? 338 MET A N   1 
ATOM   303 C  CA  . MET A 1 40 ? -0.939  -4.030  3.144   1.00 15.91 ? 338 MET A CA  1 
ATOM   304 C  C   . MET A 1 40 ? -0.366  -2.672  2.771   1.00 13.32 ? 338 MET A C   1 
ATOM   305 O  O   . MET A 1 40 ? 0.267   -1.999  3.591   1.00 19.24 ? 338 MET A O   1 
ATOM   306 C  CB  . MET A 1 40 ? -2.408  -3.901  3.537   1.00 17.01 ? 338 MET A CB  1 
ATOM   307 C  CG  . MET A 1 40 ? -3.115  -5.259  3.681   1.00 16.10 ? 338 MET A CG  1 
ATOM   308 S  SD  . MET A 1 40 ? -3.216  -6.217  2.156   1.00 18.82 ? 338 MET A SD  1 
ATOM   309 C  CE  . MET A 1 40 ? -1.794  -7.292  2.269   1.00 19.56 ? 338 MET A CE  1 
ATOM   310 N  N   . ALA A 1 41 ? -0.583  -2.282  1.519   1.00 15.98 ? 339 ALA A N   1 
ATOM   311 C  CA  . ALA A 1 41 ? -0.092  -1.021  0.981   1.00 13.68 ? 339 ALA A CA  1 
ATOM   312 C  C   . ALA A 1 41 ? -1.215  0.006   0.920   1.00 18.18 ? 339 ALA A C   1 
ATOM   313 O  O   . ALA A 1 41 ? -2.371  -0.334  0.671   1.00 17.51 ? 339 ALA A O   1 
ATOM   314 C  CB  . ALA A 1 41 ? 0.475   -1.216  -0.423  1.00 17.25 ? 339 ALA A CB  1 
ATOM   315 N  N   . PHE A 1 42 ? -0.858  1.277   1.122   1.00 15.30 ? 340 PHE A N   1 
ATOM   316 C  CA  . PHE A 1 42 ? -1.837  2.362   1.172   1.00 14.83 ? 340 PHE A CA  1 
ATOM   317 C  C   . PHE A 1 42 ? -1.259  3.590   0.494   1.00 17.68 ? 340 PHE A C   1 
ATOM   318 O  O   . PHE A 1 42 ? -0.243  4.111   0.953   1.00 18.26 ? 340 PHE A O   1 
ATOM   319 C  CB  . PHE A 1 42 ? -2.202  2.717   2.617   1.00 16.39 ? 340 PHE A CB  1 
ATOM   320 C  CG  . PHE A 1 42 ? -2.847  1.599   3.363   1.00 21.11 ? 340 PHE A CG  1 
ATOM   321 C  CD1 . PHE A 1 42 ? -2.079  0.577   3.896   1.00 16.52 ? 340 PHE A CD1 1 
ATOM   322 C  CD2 . PHE A 1 42 ? -4.226  1.566   3.532   1.00 20.01 ? 340 PHE A CD2 1 
ATOM   323 C  CE1 . PHE A 1 42 ? -2.679  -0.485  4.560   1.00 19.08 ? 340 PHE A CE1 1 
ATOM   324 C  CE2 . PHE A 1 42 ? -4.827  0.518   4.222   1.00 18.27 ? 340 PHE A CE2 1 
ATOM   325 C  CZ  . PHE A 1 42 ? -4.052  -0.501  4.733   1.00 21.64 ? 340 PHE A CZ  1 
ATOM   326 N  N   . HIS A 1 43 ? -1.906  4.070   -0.572  1.00 16.72 ? 341 HIS A N   1 
ATOM   327 C  CA  . HIS A 1 43 ? -1.571  5.399   -1.083  1.00 16.89 ? 341 HIS A CA  1 
ATOM   328 C  C   . HIS A 1 43 ? -1.711  6.417   0.036   1.00 17.30 ? 341 HIS A C   1 
ATOM   329 O  O   . HIS A 1 43 ? -2.718  6.425   0.743   1.00 19.69 ? 341 HIS A O   1 
ATOM   330 C  CB  . HIS A 1 43 ? -2.507  5.805   -2.223  1.00 16.13 ? 341 HIS A CB  1 
ATOM   331 C  CG  . HIS A 1 43 ? -2.236  5.123   -3.525  1.00 15.44 ? 341 HIS A CG  1 
ATOM   332 N  ND1 . HIS A 1 43 ? -3.205  4.414   -4.198  1.00 20.66 ? 341 HIS A ND1 1 
ATOM   333 C  CD2 . HIS A 1 43 ? -1.131  5.088   -4.306  1.00 19.75 ? 341 HIS A CD2 1 
ATOM   334 C  CE1 . HIS A 1 43 ? -2.700  3.941   -5.324  1.00 17.62 ? 341 HIS A CE1 1 
ATOM   335 N  NE2 . HIS A 1 43 ? -1.443  4.339   -5.414  1.00 21.35 ? 341 HIS A NE2 1 
ATOM   336 N  N   . ILE A 1 44 ? -0.711  7.296   0.180   1.00 20.46 ? 342 ILE A N   1 
ATOM   337 C  CA  . ILE A 1 44 ? -0.844  8.344   1.190   1.00 19.34 ? 342 ILE A CA  1 
ATOM   338 C  C   . ILE A 1 44 ? -2.115  9.144   0.954   1.00 19.07 ? 342 ILE A C   1 
ATOM   339 O  O   . ILE A 1 44 ? -2.738  9.634   1.904   1.00 26.08 ? 342 ILE A O   1 
ATOM   340 C  CB  . ILE A 1 44 ? 0.397   9.265   1.232   1.00 21.05 ? 342 ILE A CB  1 
ATOM   341 C  CG1 . ILE A 1 44 ? 0.690   9.881   -0.132  1.00 21.34 ? 342 ILE A CG1 1 
ATOM   342 C  CG2 . ILE A 1 44 ? 1.615   8.520   1.788   1.00 21.33 ? 342 ILE A CG2 1 
ATOM   343 C  CD1 . ILE A 1 44 ? 1.683   11.027  -0.056  1.00 25.66 ? 342 ILE A CD1 1 
ATOM   344 N  N   . TYR A 1 45 ? -2.545  9.265   -0.299  1.00 20.72 ? 343 TYR A N   1 
ATOM   345 C  CA  . TYR A 1 45 ? -3.707  10.080  -0.613  1.00 22.59 ? 343 TYR A CA  1 
ATOM   346 C  C   . TYR A 1 45 ? -5.022  9.314   -0.594  1.00 26.76 ? 343 TYR A C   1 
ATOM   347 O  O   . TYR A 1 45 ? -6.077  9.929   -0.797  1.00 26.66 ? 343 TYR A O   1 
ATOM   348 C  CB  . TYR A 1 45 ? -3.527  10.751  -1.973  1.00 23.51 ? 343 TYR A CB  1 
ATOM   349 C  CG  . TYR A 1 45 ? -3.066  9.870   -3.108  1.00 20.56 ? 343 TYR A CG  1 
ATOM   350 C  CD1 . TYR A 1 45 ? -3.955  9.043   -3.782  1.00 22.16 ? 343 TYR A CD1 1 
ATOM   351 C  CD2 . TYR A 1 45 ? -1.756  9.927   -3.563  1.00 25.55 ? 343 TYR A CD2 1 
ATOM   352 C  CE1 . TYR A 1 45 ? -3.536  8.270   -4.856  1.00 27.30 ? 343 TYR A CE1 1 
ATOM   353 C  CE2 . TYR A 1 45 ? -1.328  9.158   -4.629  1.00 23.99 ? 343 TYR A CE2 1 
ATOM   354 C  CZ  . TYR A 1 45 ? -2.220  8.336   -5.277  1.00 23.76 ? 343 TYR A CZ  1 
ATOM   355 O  OH  . TYR A 1 45 ? -1.779  7.576   -6.342  1.00 23.65 ? 343 TYR A OH  1 
ATOM   356 N  N   . CYS A 1 46 ? -4.993  8.001   -0.376  1.00 20.55 ? 344 CYS A N   1 
ATOM   357 C  CA  . CYS A 1 46 ? -6.223  7.254   -0.155  1.00 20.45 ? 344 CYS A CA  1 
ATOM   358 C  C   . CYS A 1 46 ? -6.591  7.178   1.316   1.00 24.17 ? 344 CYS A C   1 
ATOM   359 O  O   . CYS A 1 46 ? -7.756  6.924   1.640   1.00 24.51 ? 344 CYS A O   1 
ATOM   360 C  CB  . CYS A 1 46 ? -6.104  5.837   -0.719  1.00 19.81 ? 344 CYS A CB  1 
ATOM   361 S  SG  . CYS A 1 46 ? -6.149  5.803   -2.522  1.00 22.81 ? 344 CYS A SG  1 
ATOM   362 N  N   . LEU A 1 47 ? -5.630  7.409   2.206   1.00 24.30 ? 345 LEU A N   1 
ATOM   363 C  CA  . LEU A 1 47 ? -5.923  7.404   3.630   1.00 29.10 ? 345 LEU A CA  1 
ATOM   364 C  C   . LEU A 1 47 ? -6.918  8.508   3.964   1.00 33.81 ? 345 LEU A C   1 
ATOM   365 O  O   . LEU A 1 47 ? -7.046  9.505   3.247   1.00 31.52 ? 345 LEU A O   1 
ATOM   366 C  CB  . LEU A 1 47 ? -4.633  7.575   4.438   1.00 24.83 ? 345 LEU A CB  1 
ATOM   367 C  CG  . LEU A 1 47 ? -3.589  6.471   4.238   1.00 21.61 ? 345 LEU A CG  1 
ATOM   368 C  CD1 . LEU A 1 47 ? -2.229  6.910   4.768   1.00 25.05 ? 345 LEU A CD1 1 
ATOM   369 C  CD2 . LEU A 1 47 ? -4.033  5.174   4.923   1.00 24.40 ? 345 LEU A CD2 1 
ATOM   370 N  N   . ASP A 1 48 ? -7.650  8.309   5.052   1.00 35.01 ? 346 ASP A N   1 
ATOM   371 C  CA  . ASP A 1 48 ? -8.631  9.280   5.527   1.00 40.64 ? 346 ASP A CA  1 
ATOM   372 C  C   . ASP A 1 48 ? -8.310  9.605   6.977   1.00 42.63 ? 346 ASP A C   1 
ATOM   373 O  O   . ASP A 1 48 ? -8.570  8.766   7.865   1.00 46.41 ? 346 ASP A O   1 
ATOM   374 C  CB  . ASP A 1 48 ? -10.051 8.742   5.383   1.00 48.05 ? 346 ASP A CB  1 
ATOM   375 C  CG  . ASP A 1 48 ? -11.090 9.724   5.862   1.00 57.98 ? 346 ASP A CG  1 
ATOM   376 O  OD1 . ASP A 1 48 ? -10.792 10.938  5.870   1.00 59.12 ? 346 ASP A OD1 1 
ATOM   377 O  OD2 . ASP A 1 48 ? -12.198 9.283   6.236   1.00 65.75 ? 346 ASP A OD2 1 
ATOM   378 N  N   . PRO A 1 49 ? -7.732  10.780  7.273   1.00 41.19 ? 347 PRO A N   1 
ATOM   379 C  CA  . PRO A 1 49 ? -7.384  11.835  6.313   1.00 40.88 ? 347 PRO A CA  1 
ATOM   380 C  C   . PRO A 1 49 ? -6.168  11.456  5.490   1.00 37.33 ? 347 PRO A C   1 
ATOM   381 O  O   . PRO A 1 49 ? -5.405  10.587  5.902   1.00 37.96 ? 347 PRO A O   1 
ATOM   382 C  CB  . PRO A 1 49 ? -7.068  13.045  7.207   1.00 44.82 ? 347 PRO A CB  1 
ATOM   383 C  CG  . PRO A 1 49 ? -7.322  12.596  8.622   1.00 45.54 ? 347 PRO A CG  1 
ATOM   384 C  CD  . PRO A 1 49 ? -7.252  11.115  8.621   1.00 41.79 ? 347 PRO A CD  1 
ATOM   385 N  N   . PRO A 1 50 ? -5.995  12.078  4.330   1.00 35.04 ? 348 PRO A N   1 
ATOM   386 C  CA  . PRO A 1 50 ? -4.798  11.802  3.533   1.00 35.43 ? 348 PRO A CA  1 
ATOM   387 C  C   . PRO A 1 50 ? -3.565  12.419  4.171   1.00 41.17 ? 348 PRO A C   1 
ATOM   388 O  O   . PRO A 1 50 ? -3.634  13.458  4.831   1.00 45.63 ? 348 PRO A O   1 
ATOM   389 C  CB  . PRO A 1 50 ? -5.115  12.446  2.179   1.00 30.49 ? 348 PRO A CB  1 
ATOM   390 C  CG  . PRO A 1 50 ? -6.115  13.522  2.498   1.00 33.91 ? 348 PRO A CG  1 
ATOM   391 C  CD  . PRO A 1 50 ? -6.929  12.991  3.644   1.00 35.49 ? 348 PRO A CD  1 
ATOM   392 N  N   . LEU A 1 51 ? -2.431  11.742  3.992   1.00 30.90 ? 349 LEU A N   1 
ATOM   393 C  CA  . LEU A 1 51 ? -1.135  12.300  4.355   1.00 32.30 ? 349 LEU A CA  1 
ATOM   394 C  C   . LEU A 1 51 ? -0.553  13.037  3.157   1.00 31.57 ? 349 LEU A C   1 
ATOM   395 O  O   . LEU A 1 51 ? -0.608  12.543  2.027   1.00 32.15 ? 349 LEU A O   1 
ATOM   396 C  CB  . LEU A 1 51 ? -0.172  11.203  4.808   1.00 29.47 ? 349 LEU A CB  1 
ATOM   397 C  CG  . LEU A 1 51 ? -0.651  10.289  5.924   1.00 29.85 ? 349 LEU A CG  1 
ATOM   398 C  CD1 . LEU A 1 51 ? 0.365   9.164   6.127   1.00 29.04 ? 349 LEU A CD1 1 
ATOM   399 C  CD2 . LEU A 1 51 ? -0.857  11.068  7.210   1.00 30.98 ? 349 LEU A CD2 1 
ATOM   400 N  N   . SER A 1 52 ? -0.001  14.227  3.400   1.00 31.70 ? 350 SER A N   1 
ATOM   401 C  CA  . SER A 1 52 ? 0.488   15.011  2.272   1.00 32.72 ? 350 SER A CA  1 
ATOM   402 C  C   . SER A 1 52 ? 1.905   14.637  1.853   1.00 38.06 ? 350 SER A C   1 
ATOM   403 O  O   . SER A 1 52 ? 2.373   15.131  0.820   1.00 37.13 ? 350 SER A O   1 
ATOM   404 C  CB  . SER A 1 52 ? 0.419   16.507  2.591   1.00 37.97 ? 350 SER A CB  1 
ATOM   405 O  OG  . SER A 1 52 ? 0.976   16.771  3.863   1.00 43.78 ? 350 SER A OG  1 
ATOM   406 N  N   . SER A 1 53 ? 2.597   13.790  2.614   1.00 34.54 ? 351 SER A N   1 
ATOM   407 C  CA  . SER A 1 53 ? 3.884   13.256  2.185   1.00 36.01 ? 351 SER A CA  1 
ATOM   408 C  C   . SER A 1 53 ? 4.133   11.930  2.891   1.00 33.77 ? 351 SER A C   1 
ATOM   409 O  O   . SER A 1 53 ? 3.459   11.581  3.863   1.00 30.33 ? 351 SER A O   1 
ATOM   410 C  CB  . SER A 1 53 ? 5.024   14.233  2.470   1.00 44.37 ? 351 SER A CB  1 
ATOM   411 O  OG  . SER A 1 53 ? 5.156   14.441  3.862   1.00 47.35 ? 351 SER A OG  1 
ATOM   412 N  N   . VAL A 1 54 ? 5.132   11.206  2.394   1.00 27.95 ? 352 VAL A N   1 
ATOM   413 C  CA  . VAL A 1 54 ? 5.574   9.939   2.973   1.00 27.25 ? 352 VAL A CA  1 
ATOM   414 C  C   . VAL A 1 54 ? 6.183   10.219  4.344   1.00 25.16 ? 352 VAL A C   1 
ATOM   415 O  O   . VAL A 1 54 ? 7.104   11.043  4.453   1.00 30.21 ? 352 VAL A O   1 
ATOM   416 C  CB  . VAL A 1 54 ? 6.569   9.228   2.040   1.00 29.18 ? 352 VAL A CB  1 
ATOM   417 C  CG1 . VAL A 1 54 ? 7.135   7.994   2.689   1.00 28.11 ? 352 VAL A CG1 1 
ATOM   418 C  CG2 . VAL A 1 54 ? 5.898   8.865   0.723   1.00 34.64 ? 352 VAL A CG2 1 
ATOM   419 N  N   . PRO A 1 55 ? 5.698   9.590   5.412   1.00 25.29 ? 353 PRO A N   1 
ATOM   420 C  CA  . PRO A 1 55 ? 6.249   9.863   6.748   1.00 29.44 ? 353 PRO A CA  1 
ATOM   421 C  C   . PRO A 1 55 ? 7.736   9.543   6.831   1.00 26.68 ? 353 PRO A C   1 
ATOM   422 O  O   . PRO A 1 55 ? 8.275   8.753   6.054   1.00 31.55 ? 353 PRO A O   1 
ATOM   423 C  CB  . PRO A 1 55 ? 5.433   8.941   7.666   1.00 28.29 ? 353 PRO A CB  1 
ATOM   424 C  CG  . PRO A 1 55 ? 4.189   8.632   6.897   1.00 24.57 ? 353 PRO A CG  1 
ATOM   425 C  CD  . PRO A 1 55 ? 4.609   8.598   5.453   1.00 23.29 ? 353 PRO A CD  1 
ATOM   426 N  N   . SER A 1 56 ? 8.403   10.171  7.807   1.00 29.36 ? 354 SER A N   1 
ATOM   427 C  CA  . SER A 1 56 ? 9.837   10.002  8.007   1.00 30.78 ? 354 SER A CA  1 
ATOM   428 C  C   . SER A 1 56 ? 10.186  8.941   9.042   1.00 36.85 ? 354 SER A C   1 
ATOM   429 O  O   . SER A 1 56 ? 11.355  8.551   9.133   1.00 31.51 ? 354 SER A O   1 
ATOM   430 C  CB  . SER A 1 56 ? 10.476  11.332  8.419   1.00 36.10 ? 354 SER A CB  1 
ATOM   431 O  OG  . SER A 1 56 ? 10.603  12.176  7.295   1.00 39.27 ? 354 SER A OG  1 
ATOM   432 N  N   . GLU A 1 57 ? 9.220   8.464   9.821   1.00 29.90 ? 355 GLU A N   1 
ATOM   433 C  CA  . GLU A 1 57 ? 9.545   7.473   10.835  1.00 30.22 ? 355 GLU A CA  1 
ATOM   434 C  C   . GLU A 1 57 ? 9.948   6.153   10.189  1.00 27.42 ? 355 GLU A C   1 
ATOM   435 O  O   . GLU A 1 57 ? 9.633   5.874   9.030   1.00 27.53 ? 355 GLU A O   1 
ATOM   436 C  CB  . GLU A 1 57 ? 8.366   7.256   11.784  1.00 30.88 ? 355 GLU A CB  1 
ATOM   437 C  CG  . GLU A 1 57 ? 7.951   8.490   12.561  1.00 34.59 ? 355 GLU A CG  1 
ATOM   438 C  CD  . GLU A 1 57 ? 6.963   9.364   11.813  1.00 39.43 ? 355 GLU A CD  1 
ATOM   439 O  OE1 . GLU A 1 57 ? 6.731   9.119   10.618  1.00 34.86 ? 355 GLU A OE1 1 
ATOM   440 O  OE2 . GLU A 1 57 ? 6.421   10.310  12.425  1.00 44.14 ? 355 GLU A OE2 1 
ATOM   441 N  N   . ASP A 1 58 ? 10.673  5.338   10.960  1.00 28.16 ? 356 ASP A N   1 
ATOM   442 C  CA  . ASP A 1 58 ? 11.071  4.018   10.484  1.00 26.08 ? 356 ASP A CA  1 
ATOM   443 C  C   . ASP A 1 58 ? 9.860   3.158   10.173  1.00 31.22 ? 356 ASP A C   1 
ATOM   444 O  O   . ASP A 1 58 ? 9.818   2.466   9.151   1.00 26.77 ? 356 ASP A O   1 
ATOM   445 C  CB  . ASP A 1 58 ? 11.933  3.315   11.527  1.00 27.75 ? 356 ASP A CB  1 
ATOM   446 C  CG  . ASP A 1 58 ? 13.275  3.964   11.706  1.00 39.38 ? 356 ASP A CG  1 
ATOM   447 O  OD1 . ASP A 1 58 ? 13.756  4.596   10.737  1.00 40.06 ? 356 ASP A OD1 1 
ATOM   448 O  OD2 . ASP A 1 58 ? 13.844  3.835   12.815  1.00 36.02 ? 356 ASP A OD2 1 
ATOM   449 N  N   . GLU A 1 59 ? 8.879   3.160   11.063  1.00 22.56 ? 357 GLU A N   1 
ATOM   450 C  CA  . GLU A 1 59 ? 7.744   2.264   10.934  1.00 23.39 ? 357 GLU A CA  1 
ATOM   451 C  C   . GLU A 1 59 ? 6.442   3.048   10.846  1.00 26.10 ? 357 GLU A C   1 
ATOM   452 O  O   . GLU A 1 59 ? 6.349   4.201   11.269  1.00 25.41 ? 357 GLU A O   1 
ATOM   453 C  CB  . GLU A 1 59 ? 7.694   1.277   12.099  1.00 24.47 ? 357 GLU A CB  1 
ATOM   454 C  CG  . GLU A 1 59 ? 9.010   0.566   12.323  1.00 30.47 ? 357 GLU A CG  1 
ATOM   455 C  CD  . GLU A 1 59 ? 8.979   -0.352  13.532  1.00 42.15 ? 357 GLU A CD  1 
ATOM   456 O  OE1 . GLU A 1 59 ? 10.008  -1.002  13.814  1.00 52.11 ? 357 GLU A OE1 1 
ATOM   457 O  OE2 . GLU A 1 59 ? 7.929   -0.418  14.201  1.00 46.22 ? 357 GLU A OE2 1 
ATOM   458 N  N   . TRP A 1 60 ? 5.430   2.388   10.294  1.00 21.78 ? 358 TRP A N   1 
ATOM   459 C  CA  . TRP A 1 60 ? 4.135   3.008   10.078  1.00 22.47 ? 358 TRP A CA  1 
ATOM   460 C  C   . TRP A 1 60 ? 3.080   1.919   10.144  1.00 21.36 ? 358 TRP A C   1 
ATOM   461 O  O   . TRP A 1 60 ? 3.287   0.814   9.641   1.00 21.21 ? 358 TRP A O   1 
ATOM   462 C  CB  . TRP A 1 60 ? 4.070   3.725   8.728   1.00 21.58 ? 358 TRP A CB  1 
ATOM   463 C  CG  . TRP A 1 60 ? 2.713   4.266   8.403   1.00 19.22 ? 358 TRP A CG  1 
ATOM   464 C  CD1 . TRP A 1 60 ? 2.188   5.461   8.806   1.00 22.02 ? 358 TRP A CD1 1 
ATOM   465 C  CD2 . TRP A 1 60 ? 1.697   3.628   7.611   1.00 18.28 ? 358 TRP A CD2 1 
ATOM   466 N  NE1 . TRP A 1 60 ? 0.915   5.612   8.306   1.00 21.95 ? 358 TRP A NE1 1 
ATOM   467 C  CE2 . TRP A 1 60 ? 0.588   4.500   7.569   1.00 20.27 ? 358 TRP A CE2 1 
ATOM   468 C  CE3 . TRP A 1 60 ? 1.620   2.407   6.931   1.00 17.51 ? 358 TRP A CE3 1 
ATOM   469 C  CZ2 . TRP A 1 60 ? -0.584  4.191   6.870   1.00 19.11 ? 358 TRP A CZ2 1 
ATOM   470 C  CZ3 . TRP A 1 60 ? 0.456   2.099   6.241   1.00 18.51 ? 358 TRP A CZ3 1 
ATOM   471 C  CH2 . TRP A 1 60 ? -0.629  2.989   6.212   1.00 19.32 ? 358 TRP A CH2 1 
ATOM   472 N  N   . TYR A 1 61 ? 1.955   2.236   10.766  1.00 19.54 ? 359 TYR A N   1 
ATOM   473 C  CA  . TYR A 1 61 ? 0.893   1.267   10.973  1.00 21.20 ? 359 TYR A CA  1 
ATOM   474 C  C   . TYR A 1 61 ? -0.395  1.820   10.389  1.00 22.55 ? 359 TYR A C   1 
ATOM   475 O  O   . TYR A 1 61 ? -0.741  2.985   10.624  1.00 23.49 ? 359 TYR A O   1 
ATOM   476 C  CB  . TYR A 1 61 ? 0.752   0.925   12.461  1.00 21.28 ? 359 TYR A CB  1 
ATOM   477 C  CG  . TYR A 1 61 ? 1.975   0.187   12.971  1.00 28.49 ? 359 TYR A CG  1 
ATOM   478 C  CD1 . TYR A 1 61 ? 2.067   -1.194  12.877  1.00 23.64 ? 359 TYR A CD1 1 
ATOM   479 C  CD2 . TYR A 1 61 ? 3.052   0.876   13.506  1.00 27.22 ? 359 TYR A CD2 1 
ATOM   480 C  CE1 . TYR A 1 61 ? 3.192   -1.872  13.321  1.00 28.41 ? 359 TYR A CE1 1 
ATOM   481 C  CE2 . TYR A 1 61 ? 4.179   0.210   13.950  1.00 31.87 ? 359 TYR A CE2 1 
ATOM   482 C  CZ  . TYR A 1 61 ? 4.244   -1.162  13.857  1.00 31.63 ? 359 TYR A CZ  1 
ATOM   483 O  OH  . TYR A 1 61 ? 5.369   -1.821  14.299  1.00 33.83 ? 359 TYR A OH  1 
ATOM   484 N  N   . CYS A 1 62 ? -1.080  0.988   9.610   1.00 20.16 ? 360 CYS A N   1 
ATOM   485 C  CA  . CYS A 1 62 ? -2.230  1.418   8.849   1.00 18.41 ? 360 CYS A CA  1 
ATOM   486 C  C   . CYS A 1 62 ? -3.429  1.594   9.775   1.00 23.36 ? 360 CYS A C   1 
ATOM   487 O  O   . CYS A 1 62 ? -3.371  1.235   10.959  1.00 20.06 ? 360 CYS A O   1 
ATOM   488 C  CB  . CYS A 1 62 ? -2.508  0.405   7.741   1.00 20.39 ? 360 CYS A CB  1 
ATOM   489 S  SG  . CYS A 1 62 ? -3.483  -1.034  8.259   1.00 20.50 ? 360 CYS A SG  1 
ATOM   490 N  N   . PRO A 1 63 ? -4.530  2.169   9.270   1.00 23.26 ? 361 PRO A N   1 
ATOM   491 C  CA  . PRO A 1 63 ? -5.720  2.343   10.122  1.00 24.24 ? 361 PRO A CA  1 
ATOM   492 C  C   . PRO A 1 63 ? -6.291  1.046   10.636  1.00 28.50 ? 361 PRO A C   1 
ATOM   493 O  O   . PRO A 1 63 ? -6.960  1.053   11.677  1.00 31.52 ? 361 PRO A O   1 
ATOM   494 C  CB  . PRO A 1 63 ? -6.713  3.054   9.196   1.00 28.80 ? 361 PRO A CB  1 
ATOM   495 C  CG  . PRO A 1 63 ? -5.846  3.775   8.210   1.00 27.29 ? 361 PRO A CG  1 
ATOM   496 C  CD  . PRO A 1 63 ? -4.688  2.859   7.973   1.00 24.82 ? 361 PRO A CD  1 
ATOM   497 N  N   . GLU A 1 64 ? -6.071  -0.068  9.941   1.00 19.23 ? 362 GLU A N   1 
ATOM   498 C  CA  . GLU A 1 64 ? -6.617  -1.333  10.410  1.00 20.11 ? 362 GLU A CA  1 
ATOM   499 C  C   . GLU A 1 64 ? -5.772  -1.960  11.508  1.00 27.39 ? 362 GLU A C   1 
ATOM   500 O  O   . GLU A 1 64 ? -6.212  -2.935  12.129  1.00 30.32 ? 362 GLU A O   1 
ATOM   501 C  CB  . GLU A 1 64 ? -6.769  -2.318  9.242   1.00 21.03 ? 362 GLU A CB  1 
ATOM   502 C  CG  . GLU A 1 64 ? -7.653  -1.777  8.114   1.00 24.49 ? 362 GLU A CG  1 
ATOM   503 C  CD  . GLU A 1 64 ? -7.693  -2.669  6.870   1.00 29.43 ? 362 GLU A CD  1 
ATOM   504 O  OE1 . GLU A 1 64 ? -7.376  -3.873  6.969   1.00 30.63 ? 362 GLU A OE1 1 
ATOM   505 O  OE2 . GLU A 1 64 ? -8.074  -2.161  5.795   1.00 29.65 ? 362 GLU A OE2 1 
ATOM   506 N  N   . CYS A 1 65 ? -4.594  -1.410  11.791  1.00 23.21 ? 363 CYS A N   1 
ATOM   507 C  CA  . CYS A 1 65 ? -3.667  -2.037  12.720  1.00 24.16 ? 363 CYS A CA  1 
ATOM   508 C  C   . CYS A 1 65 ? -3.320  -1.173  13.923  1.00 28.97 ? 363 CYS A C   1 
ATOM   509 O  O   . CYS A 1 65 ? -2.969  -1.722  14.971  1.00 34.41 ? 363 CYS A O   1 
ATOM   510 C  CB  . CYS A 1 65 ? -2.368  -2.419  11.991  1.00 27.90 ? 363 CYS A CB  1 
ATOM   511 S  SG  . CYS A 1 65 ? -2.619  -3.744  10.766  1.00 20.76 ? 363 CYS A SG  1 
ATOM   512 N  N   . ARG A 1 66 ? -3.413  0.147   13.813  1.00 33.55 ? 364 ARG A N   1 
ATOM   513 C  CA  . ARG A 1 66 ? -3.050  1.029   14.925  1.00 39.47 ? 364 ARG A CA  1 
ATOM   514 C  C   . ARG A 1 66 ? -4.194  1.220   15.919  1.00 43.97 ? 364 ARG A C   1 
ATOM   515 O  O   . ARG A 1 66 ? -5.356  0.982   15.589  1.00 42.38 ? 364 ARG A O   1 
ATOM   516 C  CB  . ARG A 1 66 ? -2.583  2.387   14.393  1.00 39.41 ? 364 ARG A CB  1 
ATOM   517 C  CG  . ARG A 1 66 ? -3.647  3.196   13.680  1.00 37.99 ? 364 ARG A CG  1 
ATOM   518 C  CD  . ARG A 1 66 ? -2.988  4.095   12.656  1.00 44.90 ? 364 ARG A CD  1 
ATOM   519 N  NE  . ARG A 1 66 ? -3.925  5.021   12.039  1.00 47.81 ? 364 ARG A NE  1 
ATOM   520 C  CZ  . ARG A 1 66 ? -3.787  5.506   10.809  1.00 46.43 ? 364 ARG A CZ  1 
ATOM   521 N  NH1 . ARG A 1 66 ? -2.745  5.145   10.049  1.00 32.78 ? 364 ARG A NH1 1 
ATOM   522 N  NH2 . ARG A 1 66 ? -4.698  6.348   10.334  1.00 51.63 ? 364 ARG A NH2 1 
ATOM   523 N  N   . VAL B 2 1  ? 9.792   4.712   6.657   1.00 25.57 ? 1   VAL B N   1 
ATOM   524 C  CA  A VAL B 2 1  ? 8.716   3.788   6.322   0.55 22.28 ? 1   VAL B CA  1 
ATOM   525 C  CA  B VAL B 2 1  ? 8.667   3.862   6.273   0.45 22.29 ? 1   VAL B CA  1 
ATOM   526 C  C   . VAL B 2 1  ? 9.048   3.066   5.028   1.00 22.04 ? 1   VAL B C   1 
ATOM   527 O  O   . VAL B 2 1  ? 9.801   3.564   4.197   1.00 28.70 ? 1   VAL B O   1 
ATOM   528 C  CB  A VAL B 2 1  ? 7.360   4.503   6.208   0.55 25.55 ? 1   VAL B CB  1 
ATOM   529 C  CB  B VAL B 2 1  ? 7.394   4.709   6.033   0.45 25.32 ? 1   VAL B CB  1 
ATOM   530 C  CG1 A VAL B 2 1  ? 7.048   5.262   7.484   0.55 28.35 ? 1   VAL B CG1 1 
ATOM   531 C  CG1 B VAL B 2 1  ? 6.201   3.837   5.664   0.45 21.79 ? 1   VAL B CG1 1 
ATOM   532 C  CG2 A VAL B 2 1  ? 7.350   5.435   5.016   0.55 23.30 ? 1   VAL B CG2 1 
ATOM   533 C  CG2 B VAL B 2 1  ? 7.073   5.541   7.262   0.45 27.77 ? 1   VAL B CG2 1 
ATOM   534 N  N   . ARG B 2 2  ? 8.519   1.850   4.895   1.00 20.85 ? 2   ARG B N   1 
ATOM   535 C  CA  . ARG B 2 2  ? 8.648   1.098   3.656   1.00 20.81 ? 2   ARG B CA  1 
ATOM   536 C  C   . ARG B 2 2  ? 7.557   1.534   2.691   1.00 20.25 ? 2   ARG B C   1 
ATOM   537 O  O   . ARG B 2 2  ? 6.414   1.754   3.093   1.00 20.56 ? 2   ARG B O   1 
ATOM   538 C  CB  . ARG B 2 2  ? 8.518   -0.406  3.917   1.00 21.45 ? 2   ARG B CB  1 
ATOM   539 C  CG  . ARG B 2 2  ? 9.602   -0.976  4.806   1.00 25.67 ? 2   ARG B CG  1 
ATOM   540 C  CD  . ARG B 2 2  ? 9.289   -2.416  5.205   1.00 25.66 ? 2   ARG B CD  1 
ATOM   541 N  NE  . ARG B 2 2  ? 7.983   -2.527  5.844   1.00 25.10 ? 2   ARG B NE  1 
ATOM   542 C  CZ  . ARG B 2 2  ? 6.992   -3.298  5.404   1.00 31.83 ? 2   ARG B CZ  1 
ATOM   543 N  NH1 . ARG B 2 2  ? 5.843   -3.324  6.057   1.00 25.29 ? 2   ARG B NH1 1 
ATOM   544 N  NH2 . ARG B 2 2  ? 7.149   -4.044  4.317   1.00 31.83 ? 2   ARG B NH2 1 
ATOM   545 N  N   . THR B 2 3  ? 7.905   1.659   1.412   1.00 21.63 ? 3   THR B N   1 
ATOM   546 C  CA  . THR B 2 3  ? 6.900   1.868   0.379   1.00 19.82 ? 3   THR B CA  1 
ATOM   547 C  C   . THR B 2 3  ? 6.918   0.694   -0.586  1.00 19.82 ? 3   THR B C   1 
ATOM   548 O  O   . THR B 2 3  ? 7.841   -0.121  -0.595  1.00 22.37 ? 3   THR B O   1 
ATOM   549 C  CB  . THR B 2 3  ? 7.123   3.176   -0.402  1.00 20.52 ? 3   THR B CB  1 
ATOM   550 O  OG1 . THR B 2 3  ? 8.272   3.048   -1.248  1.00 24.91 ? 3   THR B OG1 1 
ATOM   551 C  CG2 . THR B 2 3  ? 7.348   4.337   0.546   1.00 21.39 ? 3   THR B CG2 1 
ATOM   552 N  N   . LYS B 2 4  ? 5.869   0.613   -1.404  1.00 19.52 ? 4   LYS B N   1 
ATOM   553 C  CA  . LYS B 2 4  ? 5.817   -0.437  -2.411  1.00 19.92 ? 4   LYS B CA  1 
ATOM   554 C  C   . LYS B 2 4  ? 6.974   -0.324  -3.393  1.00 20.54 ? 4   LYS B C   1 
ATOM   555 O  O   . LYS B 2 4  ? 7.366   -1.332  -3.990  1.00 29.63 ? 4   LYS B O   1 
ATOM   556 C  CB  . LYS B 2 4  ? 4.478   -0.381  -3.146  1.00 24.45 ? 4   LYS B CB  1 
ATOM   557 C  CG  . LYS B 2 4  ? 4.287   -1.475  -4.184  1.00 27.62 ? 4   LYS B CG  1 
ATOM   558 C  CD  . LYS B 2 4  ? 4.180   -2.856  -3.553  1.00 31.22 ? 4   LYS B CD  1 
ATOM   559 C  CE  . LYS B 2 4  ? 2.839   -3.067  -2.886  1.00 34.04 ? 4   LYS B CE  1 
ATOM   560 N  NZ  . LYS B 2 4  ? 2.644   -4.494  -2.539  1.00 38.94 ? 4   LYS B NZ  1 
ATOM   561 N  N   . ALA B 2 5  ? 7.542   0.873   -3.556  1.00 21.26 ? 5   ALA B N   1 
ATOM   562 C  CA  . ALA B 2 5  ? 8.676   1.058   -4.454  1.00 26.27 ? 5   ALA B CA  1 
ATOM   563 C  C   . ALA B 2 5  ? 9.952   0.389   -3.960  1.00 29.70 ? 5   ALA B C   1 
ATOM   564 O  O   . ALA B 2 5  ? 10.904  0.258   -4.741  1.00 30.01 ? 5   ALA B O   1 
ATOM   565 C  CB  . ALA B 2 5  ? 8.940   2.552   -4.669  1.00 25.04 ? 5   ALA B CB  1 
ATOM   566 N  N   . ASP B 2 6  ? 10.004  -0.026  -2.698  1.00 26.06 ? 6   ASP B N   1 
ATOM   567 C  CA  . ASP B 2 6  ? 11.216  -0.612  -2.133  1.00 31.29 ? 6   ASP B CA  1 
ATOM   568 C  C   . ASP B 2 6  ? 11.359  -2.100  -2.472  1.00 39.97 ? 6   ASP B C   1 
ATOM   569 O  O   . ASP B 2 6  ? 10.367  -2.819  -2.638  1.00 39.32 ? 6   ASP B O   1 
ATOM   570 C  CB  . ASP B 2 6  ? 11.237  -0.410  -0.612  1.00 28.94 ? 6   ASP B CB  1 
ATOM   571 C  CG  . ASP B 2 6  ? 11.265  1.061   -0.214  1.00 36.04 ? 6   ASP B CG  1 
ATOM   572 O  OD1 . ASP B 2 6  ? 11.884  1.876   -0.938  1.00 35.89 ? 6   ASP B OD1 1 
ATOM   573 O  OD2 . ASP B 2 6  ? 10.687  1.402   0.837   1.00 36.20 ? 6   ASP B OD2 1 
HETATM 574 ZN ZN  . ZN  C 3 .  ? -3.177  -8.979  -6.277  1.00 21.59 ? 401 ZN  A ZN  1 
HETATM 575 ZN ZN  . ZN  D 3 .  ? -5.058  3.988   -3.310  1.00 18.64 ? 402 ZN  A ZN  1 
HETATM 576 ZN ZN  . ZN  E 3 .  ? -2.061  -2.795  8.811   1.00 19.55 ? 403 ZN  A ZN  1 
HETATM 577 ZN ZN  . ZN  F 3 .  ? -8.578  -4.370  5.075   0.52 17.89 ? 404 ZN  A ZN  1 
HETATM 578 N  N1  . EPE G 4 .  ? 0.859   -13.398 -15.814 1.00 69.46 ? 405 EPE A N1  1 
HETATM 579 C  C2  . EPE G 4 .  ? 0.304   -13.266 -17.175 1.00 66.49 ? 405 EPE A C2  1 
HETATM 580 C  C3  . EPE G 4 .  ? 0.857   -12.042 -17.899 1.00 64.92 ? 405 EPE A C3  1 
HETATM 581 N  N4  . EPE G 4 .  ? 0.778   -10.848 -17.084 1.00 62.51 ? 405 EPE A N4  1 
HETATM 582 C  C5  . EPE G 4 .  ? 1.219   -10.969 -15.710 1.00 63.54 ? 405 EPE A C5  1 
HETATM 583 C  C6  . EPE G 4 .  ? 0.604   -12.181 -15.029 1.00 67.17 ? 405 EPE A C6  1 
HETATM 584 C  C7  . EPE G 4 .  ? 0.891   -9.556  -17.738 1.00 57.50 ? 405 EPE A C7  1 
HETATM 585 C  C8  . EPE G 4 .  ? 0.090   -8.473  -17.025 1.00 57.89 ? 405 EPE A C8  1 
HETATM 586 O  O8  . EPE G 4 .  ? 0.798   -7.962  -15.921 1.00 54.60 ? 405 EPE A O8  1 
HETATM 587 C  C9  . EPE G 4 .  ? 0.138   -14.481 -15.135 1.00 73.82 ? 405 EPE A C9  1 
HETATM 588 C  C10 . EPE G 4 .  ? 1.071   -15.626 -14.777 1.00 78.39 ? 405 EPE A C10 1 
HETATM 589 S  S   . EPE G 4 .  ? 0.142   -16.970 -14.000 1.00 86.72 ? 405 EPE A S   1 
HETATM 590 O  O1S . EPE G 4 .  ? -0.132  -18.010 -14.991 1.00 86.27 ? 405 EPE A O1S 1 
HETATM 591 O  O2S . EPE G 4 .  ? -1.126  -16.461 -13.478 1.00 83.73 ? 405 EPE A O2S 1 
HETATM 592 O  O3S . EPE G 4 .  ? 0.945   -17.523 -12.911 1.00 90.35 ? 405 EPE A O3S 1 
HETATM 593 N  N1  . EPE H 4 .  ? 0.940   -1.911  17.115  1.00 61.84 ? 406 EPE A N1  1 
HETATM 594 C  C2  . EPE H 4 .  ? -0.259  -1.399  17.788  1.00 60.08 ? 406 EPE A C2  1 
HETATM 595 C  C3  . EPE H 4 .  ? -0.658  -0.041  17.221  1.00 62.58 ? 406 EPE A C3  1 
HETATM 596 N  N4  . EPE H 4 .  ? 0.442   0.901   17.127  1.00 60.97 ? 406 EPE A N4  1 
HETATM 597 C  C5  . EPE H 4 .  ? 1.740   0.397   16.716  1.00 63.00 ? 406 EPE A C5  1 
HETATM 598 C  C6  . EPE H 4 .  ? 2.060   -0.974  17.312  1.00 62.79 ? 406 EPE A C6  1 
HETATM 599 C  C7  . EPE H 4 .  ? 0.124   2.316   16.979  1.00 58.12 ? 406 EPE A C7  1 
HETATM 600 C  C8  . EPE H 4 .  ? 1.302   3.201   16.569  1.00 60.01 ? 406 EPE A C8  1 
HETATM 601 O  O8  . EPE H 4 .  ? 0.966   3.960   15.423  1.00 57.16 ? 406 EPE A O8  1 
HETATM 602 C  C9  . EPE H 4 .  ? 1.285   -3.205  17.727  1.00 61.95 ? 406 EPE A C9  1 
HETATM 603 C  C10 . EPE H 4 .  ? 0.430   -4.307  17.112  1.00 60.15 ? 406 EPE A C10 1 
HETATM 604 O  O   . HOH I 5 .  ? -6.799  -10.486 -15.796 1.00 24.70 ? 501 HOH A O   1 
HETATM 605 O  O   . HOH I 5 .  ? 12.358  -0.174  13.313  1.00 35.14 ? 502 HOH A O   1 
HETATM 606 O  O   . HOH I 5 .  ? 0.980   -9.711  -7.216  1.00 37.45 ? 503 HOH A O   1 
HETATM 607 O  O   . HOH I 5 .  ? -1.832  -4.098  -0.314  1.00 19.45 ? 504 HOH A O   1 
HETATM 608 O  O   . HOH I 5 .  ? 7.880   -4.378  9.317   1.00 41.10 ? 505 HOH A O   1 
HETATM 609 O  O   . HOH I 5 .  ? -0.357  -8.847  -0.924  1.00 23.88 ? 506 HOH A O   1 
HETATM 610 O  O   . HOH I 5 .  ? 3.421   9.853   -10.497 1.00 31.52 ? 507 HOH A O   1 
HETATM 611 O  O   . HOH I 5 .  ? 1.645   -19.153 -6.042  0.50 40.48 ? 508 HOH A O   1 
HETATM 612 O  O   . HOH I 5 .  ? 12.275  11.304  5.470   1.00 42.95 ? 509 HOH A O   1 
HETATM 613 O  O   . HOH I 5 .  ? 3.631   12.211  6.421   1.00 38.73 ? 510 HOH A O   1 
HETATM 614 O  O   . HOH I 5 .  ? -4.200  9.309   7.884   1.00 43.85 ? 511 HOH A O   1 
HETATM 615 O  O   . HOH I 5 .  ? 2.634   14.781  -5.742  1.00 42.81 ? 512 HOH A O   1 
HETATM 616 O  O   . HOH I 5 .  ? -8.420  -4.369  11.707  1.00 33.95 ? 513 HOH A O   1 
HETATM 617 O  O   . HOH I 5 .  ? 1.758   14.901  -1.765  1.00 39.51 ? 514 HOH A O   1 
HETATM 618 O  O   . HOH I 5 .  ? -9.614  2.441   -7.871  1.00 22.95 ? 515 HOH A O   1 
HETATM 619 O  O   . HOH I 5 .  ? 0.640   11.449  -7.068  1.00 27.47 ? 516 HOH A O   1 
HETATM 620 O  O   . HOH I 5 .  ? -0.485  9.033   -10.290 1.00 22.03 ? 517 HOH A O   1 
HETATM 621 O  O   . HOH I 5 .  ? -1.993  -8.802  12.523  1.00 35.19 ? 518 HOH A O   1 
HETATM 622 O  O   . HOH I 5 .  ? 2.817   5.725   -11.013 1.00 27.44 ? 519 HOH A O   1 
HETATM 623 O  O   . HOH I 5 .  ? 7.316   12.240  9.179   1.00 48.22 ? 520 HOH A O   1 
HETATM 624 O  O   . HOH I 5 .  ? 6.614   0.861   6.718   1.00 23.57 ? 521 HOH A O   1 
HETATM 625 O  O   . HOH I 5 .  ? 1.604   -10.556 -4.658  1.00 42.33 ? 522 HOH A O   1 
HETATM 626 O  O   . HOH I 5 .  ? -2.010  -9.144  6.553   1.00 22.50 ? 523 HOH A O   1 
HETATM 627 O  O   . HOH I 5 .  ? -1.529  13.142  -0.462  1.00 34.69 ? 524 HOH A O   1 
HETATM 628 O  O   . HOH I 5 .  ? 9.579   -0.147  8.419   1.00 28.44 ? 525 HOH A O   1 
HETATM 629 O  O   . HOH I 5 .  ? -10.062 -7.129  -11.410 1.00 41.27 ? 526 HOH A O   1 
HETATM 630 O  O   . HOH I 5 .  ? -2.188  -7.286  -18.641 1.00 44.61 ? 527 HOH A O   1 
HETATM 631 O  O   . HOH I 5 .  ? -11.782 1.983   -0.231  1.00 36.42 ? 528 HOH A O   1 
HETATM 632 O  O   . HOH I 5 .  ? -0.458  -13.600 -2.020  1.00 26.96 ? 529 HOH A O   1 
HETATM 633 O  O   . HOH I 5 .  ? 12.837  1.979   14.561  1.00 33.87 ? 530 HOH A O   1 
HETATM 634 O  O   . HOH I 5 .  ? -8.187  -8.155  -9.439  1.00 40.96 ? 531 HOH A O   1 
HETATM 635 O  O   . HOH I 5 .  ? 3.078   -14.347 -11.963 1.00 54.46 ? 532 HOH A O   1 
HETATM 636 O  O   . HOH I 5 .  ? -6.540  -17.394 -8.466  1.00 39.26 ? 533 HOH A O   1 
HETATM 637 O  O   . HOH I 5 .  ? -9.014  10.412  1.487   1.00 40.72 ? 534 HOH A O   1 
HETATM 638 O  O   . HOH I 5 .  ? 1.061   -3.801  -7.321  1.00 36.30 ? 535 HOH A O   1 
HETATM 639 O  O   . HOH I 5 .  ? -8.074  -5.581  9.069   1.00 24.95 ? 536 HOH A O   1 
HETATM 640 O  O   . HOH I 5 .  ? -7.118  12.272  -1.913  1.00 33.06 ? 537 HOH A O   1 
HETATM 641 O  O   . HOH I 5 .  ? -2.068  7.368   8.493   1.00 30.18 ? 538 HOH A O   1 
HETATM 642 O  O   . HOH I 5 .  ? 5.001   6.564   10.568  1.00 39.12 ? 539 HOH A O   1 
HETATM 643 O  O   . HOH I 5 .  ? -0.356  -0.864  -13.609 1.00 38.22 ? 540 HOH A O   1 
HETATM 644 O  O   . HOH I 5 .  ? -3.404  0.690   -11.239 1.00 22.30 ? 541 HOH A O   1 
HETATM 645 O  O   . HOH I 5 .  ? -9.065  -6.473  -4.695  1.00 27.87 ? 542 HOH A O   1 
HETATM 646 O  O   . HOH I 5 .  ? 9.007   7.299   -1.216  1.00 34.05 ? 543 HOH A O   1 
HETATM 647 O  O   . HOH I 5 .  ? 4.655   -5.265  13.777  1.00 46.11 ? 544 HOH A O   1 
HETATM 648 O  O   . HOH I 5 .  ? 6.972   -6.802  2.117   1.00 52.44 ? 545 HOH A O   1 
HETATM 649 O  O   . HOH I 5 .  ? -5.139  3.013   -10.806 1.00 26.72 ? 546 HOH A O   1 
HETATM 650 O  O   . HOH I 5 .  ? -4.992  -5.471  6.712   1.00 24.43 ? 547 HOH A O   1 
HETATM 651 O  O   . HOH I 5 .  ? -1.557  -17.282 -5.681  1.00 31.37 ? 548 HOH A O   1 
HETATM 652 O  O   . HOH I 5 .  ? -9.475  -4.124  -12.319 1.00 30.61 ? 549 HOH A O   1 
HETATM 653 O  O   . HOH I 5 .  ? -8.066  3.535   12.769  1.00 56.51 ? 550 HOH A O   1 
HETATM 654 O  O   . HOH I 5 .  ? 3.046   -0.722  -7.677  1.00 45.51 ? 551 HOH A O   1 
HETATM 655 O  O   . HOH I 5 .  ? -8.681  -15.794 0.559   1.00 57.36 ? 552 HOH A O   1 
HETATM 656 O  O   . HOH I 5 .  ? 1.656   4.674   12.427  1.00 35.15 ? 553 HOH A O   1 
HETATM 657 O  O   . HOH I 5 .  ? -4.031  -1.560  -12.485 1.00 28.54 ? 554 HOH A O   1 
HETATM 658 O  O   . HOH I 5 .  ? 2.873   -7.185  0.976   1.00 37.61 ? 555 HOH A O   1 
HETATM 659 O  O   . HOH I 5 .  ? 5.561   -14.181 -3.904  1.00 36.53 ? 556 HOH A O   1 
HETATM 660 O  O   . HOH I 5 .  ? 4.449   -8.004  10.657  1.00 53.48 ? 557 HOH A O   1 
HETATM 661 O  O   . HOH I 5 .  ? 1.132   -1.345  -6.050  1.00 30.31 ? 558 HOH A O   1 
HETATM 662 O  O   . HOH I 5 .  ? 6.648   12.401  -0.130  1.00 44.81 ? 559 HOH A O   1 
HETATM 663 O  O   . HOH I 5 .  ? -8.395  -6.679  0.125   1.00 22.77 ? 560 HOH A O   1 
HETATM 664 O  O   . HOH I 5 .  ? 10.125  10.423  3.489   1.00 48.39 ? 561 HOH A O   1 
HETATM 665 O  O   . HOH I 5 .  ? -8.150  5.211   5.868   1.00 43.37 ? 562 HOH A O   1 
HETATM 666 O  O   . HOH I 5 .  ? -5.701  -12.347 -14.285 1.00 31.67 ? 563 HOH A O   1 
HETATM 667 O  O   . HOH I 5 .  ? 4.856   -6.484  7.832   1.00 45.62 ? 564 HOH A O   1 
HETATM 668 O  O   . HOH I 5 .  ? -0.390  8.412   10.362  1.00 48.05 ? 565 HOH A O   1 
HETATM 669 O  O   . HOH I 5 .  ? 0.897   7.661   -12.138 1.00 24.16 ? 566 HOH A O   1 
HETATM 670 O  O   . HOH I 5 .  ? -1.517  1.447   -12.833 1.00 36.56 ? 567 HOH A O   1 
HETATM 671 O  O   . HOH I 5 .  ? -8.465  -20.592 -14.313 1.00 53.76 ? 568 HOH A O   1 
HETATM 672 O  O   . HOH I 5 .  ? 5.204   6.360   -10.645 1.00 43.16 ? 569 HOH A O   1 
HETATM 673 O  O   . HOH I 5 .  ? -0.700  -11.120 -2.677  1.00 30.06 ? 570 HOH A O   1 
HETATM 674 O  O   . HOH I 5 .  ? 6.393   1.319   17.549  1.00 51.34 ? 571 HOH A O   1 
HETATM 675 O  O   . HOH I 5 .  ? -10.193 -4.181  -6.252  1.00 45.11 ? 572 HOH A O   1 
HETATM 676 O  O   . HOH I 5 .  ? -9.343  5.660   -2.127  1.00 38.70 ? 573 HOH A O   1 
HETATM 677 O  O   . HOH I 5 .  ? 4.414   -16.643 -3.547  1.00 48.92 ? 574 HOH A O   1 
HETATM 678 O  O   . HOH I 5 .  ? -10.369 -2.770  10.962  1.00 53.74 ? 575 HOH A O   1 
HETATM 679 O  O   . HOH I 5 .  ? 2.712   -3.220  -9.949  1.00 45.58 ? 576 HOH A O   1 
HETATM 680 O  O   . HOH I 5 .  ? 2.820   -7.830  -8.571  1.00 53.90 ? 577 HOH A O   1 
HETATM 681 O  O   . HOH I 5 .  ? 4.976   1.869   -11.435 1.00 49.01 ? 578 HOH A O   1 
HETATM 682 O  O   . HOH I 5 .  ? -10.420 4.395   4.610   1.00 40.68 ? 579 HOH A O   1 
HETATM 683 O  O   . HOH I 5 .  ? -12.037 1.804   -9.293  1.00 40.27 ? 580 HOH A O   1 
HETATM 684 O  O   . HOH I 5 .  ? 2.782   11.296  8.950   1.00 42.80 ? 581 HOH A O   1 
HETATM 685 O  O   . HOH I 5 .  ? -3.167  1.919   -15.309 0.50 48.50 ? 582 HOH A O   1 
HETATM 686 O  O   . HOH I 5 .  ? 0.774   12.910  10.105  1.00 44.55 ? 583 HOH A O   1 
HETATM 687 O  O   . HOH J 5 .  ? 11.010  4.106   2.083   1.00 28.22 ? 101 HOH B O   1 
HETATM 688 O  O   . HOH J 5 .  ? 13.437  0.601   -5.206  0.50 33.87 ? 102 HOH B O   1 
HETATM 689 O  O   . HOH J 5 .  ? 10.651  6.945   5.463   1.00 35.32 ? 103 HOH B O   1 
HETATM 690 O  O   . HOH J 5 .  ? 8.094   -2.916  -0.475  1.00 34.49 ? 104 HOH B O   1 
HETATM 691 O  O   . HOH J 5 .  ? 13.285  4.371   -0.649  0.50 46.53 ? 105 HOH B O   1 
HETATM 692 O  O   . HOH J 5 .  ? 0.835   -4.984  -0.162  1.00 29.41 ? 106 HOH B O   1 
HETATM 693 O  O   . HOH J 5 .  ? 12.084  2.642   6.996   1.00 35.82 ? 107 HOH B O   1 
HETATM 694 O  O   . HOH J 5 .  ? 9.181   -3.722  1.946   1.00 45.61 ? 108 HOH B O   1 
HETATM 695 O  O   . HOH J 5 .  ? 12.679  -4.471  -1.300  1.00 50.85 ? 109 HOH B O   1 
HETATM 696 O  O   . HOH J 5 .  ? 12.440  3.101   -6.217  1.00 45.88 ? 110 HOH B O   1 
HETATM 697 O  O   . HOH J 5 .  ? 9.784   -2.438  -7.239  1.00 56.86 ? 111 HOH B O   1 
HETATM 698 O  O   . HOH J 5 .  ? 13.403  4.386   1.846   1.00 45.10 ? 112 HOH B O   1 
HETATM 699 O  O   . HOH J 5 .  ? 11.928  -2.517  2.285   1.00 52.33 ? 113 HOH B O   1 
# 
loop_
_atom_site_anisotrop.id 
_atom_site_anisotrop.type_symbol 
_atom_site_anisotrop.pdbx_label_atom_id 
_atom_site_anisotrop.pdbx_label_alt_id 
_atom_site_anisotrop.pdbx_label_comp_id 
_atom_site_anisotrop.pdbx_label_asym_id 
_atom_site_anisotrop.pdbx_label_seq_id 
_atom_site_anisotrop.pdbx_PDB_ins_code 
_atom_site_anisotrop.U[1][1] 
_atom_site_anisotrop.U[2][2] 
_atom_site_anisotrop.U[3][3] 
_atom_site_anisotrop.U[1][2] 
_atom_site_anisotrop.U[1][3] 
_atom_site_anisotrop.U[2][3] 
_atom_site_anisotrop.pdbx_auth_seq_id 
_atom_site_anisotrop.pdbx_auth_comp_id 
_atom_site_anisotrop.pdbx_auth_asym_id 
_atom_site_anisotrop.pdbx_auth_atom_id 
1   C CA  . GLY A 1  ? 0.9856 0.5457 0.6191 0.2397  -0.1279 -0.1035 299 GLY A CA  
2   C C   . GLY A 1  ? 0.9362 0.6375 0.6678 0.2278  -0.1362 -0.1031 299 GLY A C   
3   O O   . GLY A 1  ? 0.9224 0.7046 0.7027 0.2692  -0.1459 -0.1125 299 GLY A O   
4   N N   . PRO A 2  ? 0.8145 0.5462 0.5707 0.1712  -0.1302 -0.0924 300 PRO A N   
5   C CA  . PRO A 2  ? 0.6101 0.4479 0.4349 0.1582  -0.1313 -0.0902 300 PRO A CA  
6   C C   . PRO A 2  ? 0.5782 0.4166 0.3934 0.1733  -0.1457 -0.0749 300 PRO A C   
7   O O   . PRO A 2  ? 0.6711 0.4240 0.4260 0.1847  -0.1529 -0.0606 300 PRO A O   
8   C CB  . PRO A 2  ? 0.6219 0.4720 0.4580 0.1032  -0.1170 -0.0795 300 PRO A CB  
9   C CG  . PRO A 2  ? 0.7595 0.5152 0.5345 0.0811  -0.1155 -0.0673 300 PRO A CG  
10  C CD  . PRO A 2  ? 0.7972 0.4694 0.5155 0.1167  -0.1198 -0.0812 300 PRO A CD  
11  N N   . SER A 3  ? 0.5147 0.4411 0.3783 0.1693  -0.1482 -0.0789 301 SER A N   
12  C CA  . SER A 3  ? 0.5681 0.4977 0.4166 0.1758  -0.1625 -0.0659 301 SER A CA  
13  C C   . SER A 3  ? 0.5275 0.4015 0.3413 0.1391  -0.1489 -0.0411 301 SER A C   
14  O O   . SER A 3  ? 0.6206 0.4347 0.3852 0.1470  -0.1579 -0.0249 301 SER A O   
15  C CB  . SER A 3  ? 0.5650 0.5983 0.4636 0.1690  -0.1654 -0.0801 301 SER A CB  
16  O OG  . SER A 3  ? 0.5976 0.6279 0.4702 0.1649  -0.1792 -0.0679 301 SER A OG  
17  N N   . CYS A 4  ? 0.4694 0.3636 0.3058 0.1028  -0.1259 -0.0366 302 CYS A N   
18  C CA  . CYS A 4  ? 0.4657 0.3323 0.2839 0.0723  -0.1073 -0.0122 302 CYS A CA  
19  C C   . CYS A 4  ? 0.4814 0.3187 0.2944 0.0488  -0.0969 -0.0055 302 CYS A C   
20  O O   . CYS A 4  ? 0.4606 0.3391 0.3050 0.0368  -0.0917 -0.0153 302 CYS A O   
21  C CB  . CYS A 4  ? 0.4592 0.3830 0.3035 0.0543  -0.0870 -0.0086 302 CYS A CB  
22  S SG  . CYS A 4  ? 0.4105 0.3064 0.2330 0.0310  -0.0579 0.0245  302 CYS A SG  
23  N N   . LYS A 5  ? 0.5429 0.3082 0.3104 0.0371  -0.0936 0.0105  303 LYS A N   
24  C CA  . LYS A 5  ? 0.5946 0.3369 0.3532 0.0009  -0.0824 0.0164  303 LYS A CA  
25  C C   . LYS A 5  ? 0.5040 0.3278 0.3146 -0.0284 -0.0640 0.0293  303 LYS A C   
26  O O   . LYS A 5  ? 0.5057 0.3529 0.3307 -0.0583 -0.0622 0.0271  303 LYS A O   
27  C CB  . LYS A 5  ? 0.6576 0.3048 0.3507 -0.0126 -0.0757 0.0313  303 LYS A CB  
28  C CG  . LYS A 5  ? 0.7225 0.3924 0.4283 -0.0380 -0.0511 0.0568  303 LYS A CG  
29  C CD  . LYS A 5  ? 0.8599 0.4565 0.5152 -0.0738 -0.0338 0.0698  303 LYS A CD  
30  C CE  . LYS A 5  ? 0.9135 0.3874 0.4802 -0.0493 -0.0440 0.0685  303 LYS A CE  
31  N NZ  . LYS A 5  ? 1.0887 0.4810 0.5944 -0.0766 -0.0196 0.0872  303 LYS A NZ  
32  N N   . HIS A 6  ? 0.4580 0.3231 0.2893 -0.0191 -0.0502 0.0429  304 HIS A N   
33  C CA  . HIS A 6  ? 0.4169 0.3483 0.2853 -0.0355 -0.0277 0.0625  304 HIS A CA  
34  C C   . HIS A 6  ? 0.3625 0.3644 0.2702 -0.0301 -0.0300 0.0522  304 HIS A C   
35  O O   . HIS A 6  ? 0.4463 0.5068 0.3845 -0.0459 -0.0240 0.0624  304 HIS A O   
36  C CB  . HIS A 6  ? 0.4312 0.3544 0.2848 -0.0232 -0.0043 0.0834  304 HIS A CB  
37  C CG  . HIS A 6  ? 0.5112 0.3632 0.3208 -0.0324 0.0035  0.0975  304 HIS A CG  
38  N ND1 . HIS A 6  ? 0.5762 0.3509 0.3333 -0.0178 -0.0135 0.0890  304 HIS A ND1 
39  C CD2 . HIS A 6  ? 0.5404 0.3871 0.3476 -0.0550 0.0269  0.1191  304 HIS A CD2 
40  C CE1 . HIS A 6  ? 0.6233 0.3321 0.3361 -0.0303 -0.0004 0.1051  304 HIS A CE1 
41  N NE2 . HIS A 6  ? 0.6342 0.3848 0.3778 -0.0558 0.0269  0.1227  304 HIS A NE2 
42  N N   . CYS A 7  ? 0.3424 0.3447 0.2483 -0.0093 -0.0383 0.0322  305 CYS A N   
43  C CA  . CYS A 7  ? 0.3045 0.3581 0.2344 -0.0059 -0.0366 0.0206  305 CYS A CA  
44  C C   . CYS A 7  ? 0.3646 0.4075 0.2956 -0.0045 -0.0561 -0.0081 305 CYS A C   
45  O O   . CYS A 7  ? 0.3029 0.3786 0.2463 -0.0057 -0.0548 -0.0193 305 CYS A O   
46  C CB  . CYS A 7  ? 0.3167 0.3806 0.2372 0.0105  -0.0190 0.0197  305 CYS A CB  
47  S SG  . CYS A 7  ? 0.2958 0.3317 0.2016 0.0220  -0.0352 -0.0062 305 CYS A SG  
48  N N   . LYS A 8  ? 0.3573 0.3460 0.2659 0.0015  -0.0714 -0.0186 306 LYS A N   
49  C CA  . LYS A 8  ? 0.3838 0.3491 0.2832 0.0142  -0.0847 -0.0448 306 LYS A CA  
50  C C   . LYS A 8  ? 0.3534 0.3657 0.2784 0.0326  -0.0803 -0.0650 306 LYS A C   
51  O O   . LYS A 8  ? 0.3774 0.3960 0.3061 0.0350  -0.0803 -0.0847 306 LYS A O   
52  C CB  . LYS A 8  ? 0.4171 0.3637 0.3017 -0.0131 -0.0884 -0.0492 306 LYS A CB  
53  C CG  . LYS A 8  ? 0.4706 0.3694 0.3246 -0.0421 -0.0893 -0.0330 306 LYS A CG  
54  C CD  . LYS A 8  ? 0.5981 0.5016 0.4421 -0.0875 -0.0921 -0.0341 306 LYS A CD  
55  C CE  . LYS A 8  ? 0.6831 0.5111 0.4748 -0.0889 -0.0992 -0.0587 306 LYS A CE  
56  N NZ  . LYS A 8  ? 0.7129 0.5402 0.4823 -0.1444 -0.1038 -0.0618 306 LYS A NZ  
57  N N   . ASP A 9  ? 0.3150 0.3546 0.2495 0.0397  -0.0729 -0.0606 307 ASP A N   
58  C CA  . ASP A 9  ? 0.2898 0.3727 0.2421 0.0484  -0.0663 -0.0815 307 ASP A CA  
59  C C   . ASP A 9  ? 0.3246 0.4342 0.2828 0.0355  -0.0480 -0.0896 307 ASP A C   
60  O O   . ASP A 9  ? 0.4053 0.5420 0.3752 0.0385  -0.0403 -0.1137 307 ASP A O   
61  C CB  . ASP A 9  ? 0.3123 0.4027 0.2774 0.0754  -0.0822 -0.1048 307 ASP A CB  
62  C CG  . ASP A 9  ? 0.4142 0.4750 0.3622 0.0974  -0.1030 -0.0954 307 ASP A CG  
63  O OD1 . ASP A 9  ? 0.3619 0.4011 0.2891 0.0858  -0.1026 -0.0748 307 ASP A OD1 
64  O OD2 . ASP A 9  ? 0.4835 0.5363 0.4310 0.1308  -0.1178 -0.1074 307 ASP A OD2 
65  N N   . ASP A 10 ? 0.2744 0.3810 0.2237 0.0225  -0.0400 -0.0689 308 ASP A N   
66  C CA  . ASP A 10 ? 0.2909 0.4171 0.2338 0.0164  -0.0249 -0.0717 308 ASP A CA  
67  C C   . ASP A 10 ? 0.2507 0.3804 0.1717 0.0171  0.0018  -0.0657 308 ASP A C   
68  O O   . ASP A 10 ? 0.2720 0.3934 0.1781 0.0198  0.0132  -0.0394 308 ASP A O   
69  C CB  . ASP A 10 ? 0.2534 0.3892 0.1968 0.0063  -0.0319 -0.0502 308 ASP A CB  
70  C CG  . ASP A 10 ? 0.2675 0.4235 0.1967 0.0062  -0.0227 -0.0509 308 ASP A CG  
71  O OD1 . ASP A 10 ? 0.3204 0.4685 0.2302 0.0128  -0.0039 -0.0665 308 ASP A OD1 
72  O OD2 . ASP A 10 ? 0.2640 0.4445 0.1973 -0.0032 -0.0347 -0.0364 308 ASP A OD2 
73  N N   . VAL A 11 ? 0.4154 0.3193 0.2427 -0.0390 0.0197  -0.0596 309 VAL A N   
74  C CA  . VAL A 11 ? 0.3768 0.3169 0.2238 -0.0409 0.0056  -0.0460 309 VAL A CA  
75  C C   . VAL A 11 ? 0.3868 0.3302 0.2186 -0.0582 -0.0119 -0.0399 309 VAL A C   
76  O O   . VAL A 11 ? 0.3803 0.3352 0.2197 -0.0573 -0.0205 -0.0267 309 VAL A O   
77  C CB  . VAL A 11 ? 0.4964 0.4607 0.3429 -0.0380 0.0178  -0.0450 309 VAL A CB  
78  C CG1 . VAL A 11 ? 0.5473 0.5231 0.4084 -0.0139 0.0390  -0.0436 309 VAL A CG1 
79  C CG2 . VAL A 11 ? 0.5433 0.4982 0.3569 -0.0522 0.0216  -0.0541 309 VAL A CG2 
80  N N   . ASN A 12 ? 0.4008 0.3352 0.2061 -0.0743 -0.0145 -0.0473 310 ASN A N   
81  C CA  . ASN A 12 ? 0.4166 0.3730 0.2093 -0.0869 -0.0298 -0.0345 310 ASN A CA  
82  C C   . ASN A 12 ? 0.3853 0.3520 0.1878 -0.0875 -0.0441 -0.0231 310 ASN A C   
83  O O   . ASN A 12 ? 0.4013 0.3988 0.1958 -0.0924 -0.0555 -0.0055 310 ASN A O   
84  C CB  . ASN A 12 ? 0.4963 0.4580 0.2535 -0.1098 -0.0269 -0.0447 310 ASN A CB  
85  C CG  . ASN A 12 ? 0.5788 0.5436 0.3263 -0.1079 -0.0164 -0.0481 310 ASN A CG  
86  O OD1 . ASN A 12 ? 0.5912 0.5389 0.3185 -0.1140 -0.0018 -0.0658 310 ASN A OD1 
87  N ND2 . ASN A 12 ? 0.5555 0.5355 0.3121 -0.0991 -0.0207 -0.0306 310 ASN A ND2 
88  N N   . ARG A 13 ? 0.3761 0.3244 0.1961 -0.0800 -0.0422 -0.0289 311 ARG A N   
89  C CA  . ARG A 13 ? 0.3585 0.3190 0.1926 -0.0780 -0.0554 -0.0165 311 ARG A CA  
90  C C   . ARG A 13 ? 0.3744 0.3353 0.2380 -0.0535 -0.0578 -0.0036 311 ARG A C   
91  O O   . ARG A 13 ? 0.3634 0.3126 0.2398 -0.0430 -0.0482 -0.0097 311 ARG A O   
92  C CB  . ARG A 13 ? 0.4596 0.3939 0.2875 -0.0893 -0.0503 -0.0311 311 ARG A CB  
93  C CG  . ARG A 13 ? 0.5277 0.4734 0.3218 -0.1245 -0.0569 -0.0355 311 ARG A CG  
94  C CD  . ARG A 13 ? 0.6393 0.5378 0.4104 -0.1432 -0.0452 -0.0546 311 ARG A CD  
95  N NE  . ARG A 13 ? 0.6711 0.5693 0.3913 -0.1891 -0.0452 -0.0674 311 ARG A NE  
96  C CZ  . ARG A 13 ? 0.6901 0.6478 0.4115 -0.2124 -0.0615 -0.0501 311 ARG A CZ  
97  N NH1 . ARG A 13 ? 0.6294 0.6425 0.3864 -0.1961 -0.0808 -0.0228 311 ARG A NH1 
98  N NH2 . ARG A 13 ? 0.6477 0.6123 0.3390 -0.2468 -0.0536 -0.0556 311 ARG A NH2 
99  N N   . LEU A 14 ? 0.3105 0.2901 0.1812 -0.0458 -0.0694 0.0160  312 LEU A N   
100 C CA  . LEU A 14 ? 0.2834 0.2550 0.1749 -0.0260 -0.0702 0.0254  312 LEU A CA  
101 C C   . LEU A 14 ? 0.2693 0.2344 0.1837 -0.0236 -0.0712 0.0171  312 LEU A C   
102 O O   . LEU A 14 ? 0.3084 0.2742 0.2177 -0.0368 -0.0741 0.0112  312 LEU A O   
103 C CB  . LEU A 14 ? 0.2993 0.2880 0.1855 -0.0123 -0.0774 0.0517  312 LEU A CB  
104 C CG  . LEU A 14 ? 0.3685 0.3610 0.2280 -0.0062 -0.0719 0.0683  312 LEU A CG  
105 C CD1 . LEU A 14 ? 0.4815 0.4969 0.3382 0.0159  -0.0732 0.0973  312 LEU A CD1 
106 C CD2 . LEU A 14 ? 0.3621 0.3132 0.2092 -0.0022 -0.0582 0.0622  312 LEU A CD2 
107 N N   . CYS A 15 ? 0.2496 0.2081 0.1845 -0.0098 -0.0675 0.0174  313 CYS A N   
108 C CA  . CYS A 15 ? 0.2396 0.1962 0.1981 -0.0028 -0.0669 0.0140  313 CYS A CA  
109 C C   . CYS A 15 ? 0.2280 0.1926 0.2069 0.0112  -0.0691 0.0228  313 CYS A C   
110 O O   . CYS A 15 ? 0.2324 0.2010 0.2129 0.0111  -0.0623 0.0202  313 CYS A O   
111 C CB  . CYS A 15 ? 0.2522 0.1955 0.2121 -0.0018 -0.0511 -0.0006 313 CYS A CB  
112 S SG  . CYS A 15 ? 0.2653 0.1984 0.2476 0.0120  -0.0448 0.0005  313 CYS A SG  
113 N N   . ARG A 16 ? 0.2627 0.2408 0.2225 -0.0156 -0.0337 0.0171  314 ARG A N   
114 C CA  . ARG A 16 ? 0.2373 0.2107 0.1978 -0.0077 -0.0326 0.0195  314 ARG A CA  
115 C C   . ARG A 16 ? 0.2750 0.2388 0.2324 -0.0044 -0.0306 0.0176  314 ARG A C   
116 O O   . ARG A 16 ? 0.2677 0.2291 0.2225 0.0006  -0.0307 0.0191  314 ARG A O   
117 C CB  . ARG A 16 ? 0.2398 0.2205 0.2055 -0.0056 -0.0313 0.0241  314 ARG A CB  
118 C CG  . ARG A 16 ? 0.2483 0.2373 0.2189 -0.0027 -0.0341 0.0283  314 ARG A CG  
119 C CD  . ARG A 16 ? 0.3078 0.3130 0.2894 -0.0010 -0.0333 0.0333  314 ARG A CD  
120 N NE  . ARG A 16 ? 0.2995 0.3031 0.2826 0.0057  -0.0270 0.0330  314 ARG A NE  
121 C CZ  . ARG A 16 ? 0.3141 0.3349 0.3086 0.0078  -0.0233 0.0363  314 ARG A CZ  
122 N NH1 . ARG A 16 ? 0.2893 0.3317 0.2961 0.0033  -0.0271 0.0408  314 ARG A NH1 
123 N NH2 . ARG A 16 ? 0.3031 0.3228 0.2961 0.0133  -0.0156 0.0348  314 ARG A NH2 
124 N N   . VAL A 17 ? 0.2774 0.2347 0.2338 -0.0066 -0.0287 0.0143  315 VAL A N   
125 C CA  . VAL A 17 ? 0.2758 0.2227 0.2307 -0.0002 -0.0275 0.0148  315 VAL A CA  
126 C C   . VAL A 17 ? 0.2795 0.2322 0.2381 0.0054  -0.0290 0.0116  315 VAL A C   
127 O O   . VAL A 17 ? 0.3366 0.2915 0.2963 0.0121  -0.0314 0.0146  315 VAL A O   
128 C CB  . VAL A 17 ? 0.2999 0.2314 0.2520 -0.0035 -0.0236 0.0132  315 VAL A CB  
129 C CG1 . VAL A 17 ? 0.3452 0.2628 0.2963 0.0064  -0.0227 0.0161  315 VAL A CG1 
130 C CG2 . VAL A 17 ? 0.3787 0.3091 0.3285 -0.0119 -0.0222 0.0172  315 VAL A CG2 
131 N N   . CYS A 18 ? 0.2178 0.1771 0.1784 0.0016  -0.0276 0.0060  316 CYS A N   
132 C CA  . CYS A 18 ? 0.2112 0.1812 0.1778 0.0053  -0.0272 0.0026  316 CYS A CA  
133 C C   . CYS A 18 ? 0.2648 0.2469 0.2307 -0.0015 -0.0293 0.0025  316 CYS A C   
134 O O   . CYS A 18 ? 0.3097 0.3045 0.2812 -0.0015 -0.0286 0.0000  316 CYS A O   
135 C CB  . CYS A 18 ? 0.3001 0.2669 0.2688 0.0073  -0.0207 -0.0049 316 CYS A CB  
136 S SG  . CYS A 18 ? 0.3039 0.2705 0.2630 -0.0056 -0.0169 -0.0121 316 CYS A SG  
137 N N   . ALA A 19 ? 0.2033 0.1823 0.1636 -0.0070 -0.0315 0.0059  317 ALA A N   
138 C CA  . ALA A 19 ? 0.2200 0.2030 0.1776 -0.0122 -0.0336 0.0080  317 ALA A CA  
139 C C   . ALA A 19 ? 0.2853 0.2600 0.2402 -0.0094 -0.0363 0.0121  317 ALA A C   
140 O O   . ALA A 19 ? 0.2416 0.2132 0.1968 -0.0040 -0.0365 0.0122  317 ALA A O   
141 C CB  . ALA A 19 ? 0.2326 0.2177 0.1848 -0.0196 -0.0333 0.0095  317 ALA A CB  
142 N N   . CYS A 20 ? 0.2232 0.1922 0.1738 -0.0123 -0.0376 0.0153  318 CYS A N   
143 C CA  . CYS A 20 ? 0.2104 0.1686 0.1578 -0.0079 -0.0378 0.0168  318 CYS A CA  
144 C C   . CYS A 20 ? 0.2066 0.1660 0.1571 -0.0016 -0.0361 0.0183  318 CYS A C   
145 O O   . CYS A 20 ? 0.2181 0.1835 0.1732 -0.0018 -0.0362 0.0216  318 CYS A O   
146 C CB  . CYS A 20 ? 0.2234 0.1701 0.1665 -0.0089 -0.0384 0.0212  318 CYS A CB  
147 S SG  . CYS A 20 ? 0.2397 0.1687 0.1783 -0.0007 -0.0355 0.0198  318 CYS A SG  
148 N N   . HIS A 21 ? 0.2093 0.1656 0.1566 0.0021  -0.0346 0.0163  319 HIS A N   
149 C CA  . HIS A 21 ? 0.2472 0.2061 0.1962 0.0060  -0.0316 0.0183  319 HIS A CA  
150 C C   . HIS A 21 ? 0.2844 0.2444 0.2378 0.0105  -0.0285 0.0210  319 HIS A C   
151 O O   . HIS A 21 ? 0.2702 0.2391 0.2294 0.0117  -0.0255 0.0237  319 HIS A O   
152 C CB  . HIS A 21 ? 0.2153 0.1710 0.1558 0.0078  -0.0306 0.0166  319 HIS A CB  
153 C CG  . HIS A 21 ? 0.2167 0.1749 0.1571 0.0088  -0.0274 0.0203  319 HIS A CG  
154 N ND1 . HIS A 21 ? 0.3448 0.3021 0.2771 0.0107  -0.0231 0.0209  319 HIS A ND1 
155 C CD2 . HIS A 21 ? 0.2141 0.1737 0.1595 0.0063  -0.0269 0.0234  319 HIS A CD2 
156 C CE1 . HIS A 21 ? 0.2631 0.2226 0.1963 0.0088  -0.0203 0.0258  319 HIS A CE1 
157 N NE2 . HIS A 21 ? 0.3106 0.2697 0.2518 0.0058  -0.0227 0.0271  319 HIS A NE2 
158 N N   . LEU A 22 ? 0.2576 0.2090 0.2094 0.0132  -0.0287 0.0210  320 LEU A N   
159 C CA  . LEU A 22 ? 0.2566 0.2083 0.2149 0.0217  -0.0254 0.0243  320 LEU A CA  
160 C C   . LEU A 22 ? 0.3077 0.2697 0.2757 0.0216  -0.0302 0.0323  320 LEU A C   
161 O O   . LEU A 22 ? 0.3485 0.3272 0.3287 0.0259  -0.0297 0.0372  320 LEU A O   
162 C CB  . LEU A 22 ? 0.2993 0.2294 0.2484 0.0264  -0.0222 0.0200  320 LEU A CB  
163 C CG  . LEU A 22 ? 0.3139 0.2371 0.2505 0.0254  -0.0176 0.0113  320 LEU A CG  
164 C CD1 . LEU A 22 ? 0.3569 0.2549 0.2802 0.0264  -0.0143 0.0041  320 LEU A CD1 
165 C CD2 . LEU A 22 ? 0.3371 0.2735 0.2787 0.0316  -0.0106 0.0116  320 LEU A CD2 
166 N N   . CYS A 23 ? 0.2755 0.2316 0.2381 0.0153  -0.0350 0.0341  321 CYS A N   
167 C CA  . CYS A 23 ? 0.2495 0.2148 0.2165 0.0141  -0.0404 0.0428  321 CYS A CA  
168 C C   . CYS A 23 ? 0.2419 0.2203 0.2065 0.0026  -0.0440 0.0417  321 CYS A C   
169 O O   . CYS A 23 ? 0.2751 0.2666 0.2419 -0.0005 -0.0490 0.0482  321 CYS A O   
170 C CB  . CYS A 23 ? 0.2710 0.2173 0.2301 0.0150  -0.0423 0.0480  321 CYS A CB  
171 S SG  . CYS A 23 ? 0.2862 0.2226 0.2312 0.0003  -0.0433 0.0437  321 CYS A SG  
172 N N   . GLY A 24 ? 0.2317 0.2075 0.1916 -0.0030 -0.0416 0.0336  322 GLY A N   
173 C CA  . GLY A 24 ? 0.2183 0.2021 0.1752 -0.0119 -0.0424 0.0301  322 GLY A CA  
174 C C   . GLY A 24 ? 0.2487 0.2311 0.1974 -0.0188 -0.0434 0.0300  322 GLY A C   
175 O O   . GLY A 24 ? 0.2261 0.2143 0.1708 -0.0256 -0.0418 0.0246  322 GLY A O   
176 N N   . GLY A 25 ? 0.2214 0.1943 0.1662 -0.0177 -0.0447 0.0353  323 GLY A N   
177 C CA  . GLY A 25 ? 0.2486 0.2207 0.1840 -0.0268 -0.0452 0.0375  323 GLY A CA  
178 C C   . GLY A 25 ? 0.2511 0.2250 0.1860 -0.0320 -0.0406 0.0289  323 GLY A C   
179 O O   . GLY A 25 ? 0.2540 0.2241 0.1937 -0.0279 -0.0392 0.0240  323 GLY A O   
180 N N   . ARG A 26 ? 0.2551 0.2383 0.1837 -0.0413 -0.0386 0.0275  324 ARG A N   
181 C CA  . ARG A 26 ? 0.2286 0.2211 0.1604 -0.0458 -0.0333 0.0197  324 ARG A CA  
182 C C   . ARG A 26 ? 0.2610 0.2509 0.1874 -0.0558 -0.0324 0.0237  324 ARG A C   
183 O O   . ARG A 26 ? 0.2907 0.2936 0.2227 -0.0608 -0.0284 0.0178  324 ARG A O   
184 C CB  . ARG A 26 ? 0.2317 0.2383 0.1612 -0.0496 -0.0282 0.0127  324 ARG A CB  
185 C CG  . ARG A 26 ? 0.2326 0.2372 0.1648 -0.0432 -0.0284 0.0079  324 ARG A CG  
186 C CD  . ARG A 26 ? 0.2638 0.2767 0.1916 -0.0473 -0.0213 -0.0024 324 ARG A CD  
187 N NE  . ARG A 26 ? 0.2672 0.2732 0.1930 -0.0457 -0.0217 -0.0071 324 ARG A NE  
188 C CZ  . ARG A 26 ? 0.2605 0.2577 0.1948 -0.0371 -0.0191 -0.0123 324 ARG A CZ  
189 N NH1 . ARG A 26 ? 0.2882 0.2860 0.2344 -0.0275 -0.0174 -0.0127 324 ARG A NH1 
190 N NH2 . ARG A 26 ? 0.2860 0.2742 0.2162 -0.0392 -0.0191 -0.0161 324 ARG A NH2 
191 N N   . GLN A 27 ? 0.2644 0.2384 0.1807 -0.0591 -0.0360 0.0341  325 GLN A N   
192 C CA  . GLN A 27 ? 0.2845 0.2502 0.1923 -0.0714 -0.0346 0.0391  325 GLN A CA  
193 C C   . GLN A 27 ? 0.2762 0.2329 0.1892 -0.0725 -0.0345 0.0338  325 GLN A C   
194 O O   . GLN A 27 ? 0.2656 0.2179 0.1856 -0.0621 -0.0364 0.0289  325 GLN A O   
195 C CB  . GLN A 27 ? 0.3114 0.2562 0.2056 -0.0724 -0.0390 0.0537  325 GLN A CB  
196 C CG  . GLN A 27 ? 0.3236 0.2415 0.2195 -0.0617 -0.0422 0.0575  325 GLN A CG  
197 C CD  . GLN A 27 ? 0.3956 0.3181 0.3014 -0.0455 -0.0454 0.0572  325 GLN A CD  
198 O OE1 . GLN A 27 ? 0.3952 0.3389 0.3060 -0.0438 -0.0460 0.0538  325 GLN A OE1 
199 N NE2 . GLN A 27 ? 0.3940 0.2960 0.3020 -0.0343 -0.0464 0.0599  325 GLN A NE2 
200 N N   . ASP A 28 ? 0.2923 0.2474 0.2000 -0.0878 -0.0321 0.0349  326 ASP A N   
201 C CA  . ASP A 28 ? 0.3003 0.2471 0.2096 -0.0944 -0.0327 0.0297  326 ASP A CA  
202 C C   . ASP A 28 ? 0.3333 0.3015 0.2576 -0.0868 -0.0340 0.0189  326 ASP A C   
203 O O   . ASP A 28 ? 0.2923 0.2472 0.2155 -0.0815 -0.0371 0.0153  326 ASP A O   
204 C CB  . ASP A 28 ? 0.3224 0.2300 0.2201 -0.0902 -0.0354 0.0343  326 ASP A CB  
205 C CG  . ASP A 28 ? 0.3967 0.2787 0.2788 -0.0981 -0.0349 0.0473  326 ASP A CG  
206 O OD1 . ASP A 28 ? 0.4273 0.2819 0.3032 -0.0863 -0.0371 0.0547  326 ASP A OD1 
207 O OD2 . ASP A 28 ? 0.4374 0.3277 0.3137 -0.1153 -0.0320 0.0509  326 ASP A OD2 
208 N N   . PRO A 29 ? 0.3758 0.3519 0.1982 -0.1186 -0.0517 0.0667  327 PRO A N   
209 C CA  . PRO A 29 ? 0.3303 0.3284 0.1877 -0.1107 -0.0449 0.0456  327 PRO A CA  
210 C C   . PRO A 29 ? 0.3204 0.3188 0.2071 -0.1221 -0.0450 0.0481  327 PRO A C   
211 O O   . PRO A 29 ? 0.3443 0.3465 0.2553 -0.1102 -0.0480 0.0330  327 PRO A O   
212 C CB  . PRO A 29 ? 0.3801 0.4168 0.2276 -0.1066 -0.0263 0.0356  327 PRO A CB  
213 C CG  . PRO A 29 ? 0.3838 0.4337 0.2025 -0.1222 -0.0173 0.0562  327 PRO A CG  
214 C CD  . PRO A 29 ? 0.4036 0.4083 0.1971 -0.1249 -0.0361 0.0731  327 PRO A CD  
215 N N   . ASP A 30 ? 0.3632 0.3550 0.2444 -0.1478 -0.0431 0.0677  328 ASP A N   
216 C CA  . ASP A 30 ? 0.3572 0.3456 0.2653 -0.1652 -0.0482 0.0677  328 ASP A CA  
217 C C   . ASP A 30 ? 0.4393 0.3685 0.3441 -0.1543 -0.0716 0.0634  328 ASP A C   
218 O O   . ASP A 30 ? 0.3918 0.3113 0.3151 -0.1641 -0.0803 0.0567  328 ASP A O   
219 C CB  . ASP A 30 ? 0.4063 0.4023 0.3077 -0.2059 -0.0393 0.0912  328 ASP A CB  
220 C CG  . ASP A 30 ? 0.6064 0.5551 0.4581 -0.2159 -0.0417 0.1182  328 ASP A CG  
221 O OD1 . ASP A 30 ? 0.6344 0.5763 0.4600 -0.1903 -0.0437 0.1165  328 ASP A OD1 
222 O OD2 . ASP A 30 ? 0.7490 0.6681 0.5870 -0.2464 -0.0430 0.1386  328 ASP A OD2 
223 N N   . LYS A 31 ? 0.3840 0.2807 0.2657 -0.1320 -0.0828 0.0642  329 LYS A N   
224 C CA  . LYS A 31 ? 0.3823 0.2371 0.2607 -0.1108 -0.1031 0.0562  329 LYS A CA  
225 C C   . LYS A 31 ? 0.3318 0.2177 0.2282 -0.0832 -0.1020 0.0370  329 LYS A C   
226 O O   . LYS A 31 ? 0.3499 0.2198 0.2453 -0.0609 -0.1153 0.0290  329 LYS A O   
227 C CB  . LYS A 31 ? 0.4418 0.2420 0.2801 -0.1013 -0.1195 0.0725  329 LYS A CB  
228 C CG  . LYS A 31 ? 0.5184 0.2592 0.3260 -0.1305 -0.1251 0.0961  329 LYS A CG  
229 C CD  . LYS A 31 ? 0.6775 0.3539 0.4345 -0.1095 -0.1443 0.1129  329 LYS A CD  
230 C CE  . LYS A 31 ? 0.7562 0.3636 0.4820 -0.1313 -0.1505 0.1293  329 LYS A CE  
231 N NZ  . LYS A 31 ? 0.7693 0.3166 0.4522 -0.0966 -0.1697 0.1344  329 LYS A NZ  
232 N N   . GLN A 32 ? 0.3031 0.2310 0.2120 -0.0843 -0.0863 0.0298  330 GLN A N   
233 C CA  . GLN A 32 ? 0.2614 0.2095 0.1823 -0.0679 -0.0837 0.0155  330 GLN A CA  
234 C C   . GLN A 32 ? 0.2907 0.2502 0.2309 -0.0641 -0.0779 0.0049  330 GLN A C   
235 O O   . GLN A 32 ? 0.3099 0.2885 0.2558 -0.0688 -0.0666 0.0021  330 GLN A O   
236 C CB  . GLN A 32 ? 0.2558 0.2230 0.1669 -0.0714 -0.0742 0.0126  330 GLN A CB  
237 C CG  . GLN A 32 ? 0.2786 0.2437 0.1694 -0.0708 -0.0835 0.0198  330 GLN A CG  
238 C CD  . GLN A 32 ? 0.3407 0.3226 0.2187 -0.0754 -0.0783 0.0113  330 GLN A CD  
239 O OE1 . GLN A 32 ? 0.3929 0.3771 0.2459 -0.0796 -0.0787 0.0170  330 GLN A OE1 
240 N NE2 . GLN A 32 ? 0.3075 0.2957 0.1967 -0.0761 -0.0741 -0.0023 330 GLN A NE2 
241 N N   . LEU A 33 ? 0.2614 0.2131 0.2079 -0.0500 -0.0865 -0.0020 331 LEU A N   
242 C CA  . LEU A 33 ? 0.2219 0.1842 0.1796 -0.0424 -0.0838 -0.0115 331 LEU A CA  
243 C C   . LEU A 33 ? 0.2065 0.1823 0.1618 -0.0350 -0.0714 -0.0144 331 LEU A C   
244 O O   . LEU A 33 ? 0.2358 0.2142 0.1862 -0.0350 -0.0690 -0.0127 331 LEU A O   
245 C CB  . LEU A 33 ? 0.2336 0.1821 0.1899 -0.0268 -0.0969 -0.0197 331 LEU A CB  
246 C CG  . LEU A 33 ? 0.2769 0.1876 0.2227 -0.0304 -0.1140 -0.0179 331 LEU A CG  
247 C CD1 . LEU A 33 ? 0.3153 0.2087 0.2530 -0.0072 -0.1280 -0.0326 331 LEU A CD1 
248 C CD2 . LEU A 33 ? 0.2883 0.1899 0.2396 -0.0592 -0.1156 -0.0123 331 LEU A CD2 
249 N N   A MET A 34 ? 0.2128 0.1966 0.1697 -0.0294 -0.0652 -0.0184 332 MET A N   
250 N N   B MET A 34 ? 0.2228 0.2066 0.1797 -0.0294 -0.0652 -0.0184 332 MET A N   
251 C CA  A MET A 34 ? 0.2515 0.2276 0.1942 -0.0201 -0.0556 -0.0190 332 MET A CA  
252 C CA  B MET A 34 ? 0.2489 0.2248 0.1916 -0.0203 -0.0557 -0.0190 332 MET A CA  
253 C C   A MET A 34 ? 0.2495 0.2250 0.1874 -0.0049 -0.0578 -0.0203 332 MET A C   
254 C C   B MET A 34 ? 0.2505 0.2261 0.1885 -0.0050 -0.0578 -0.0203 332 MET A C   
255 O O   A MET A 34 ? 0.2570 0.2437 0.2010 0.0062  -0.0654 -0.0264 332 MET A O   
256 O O   B MET A 34 ? 0.2527 0.2394 0.1970 0.0058  -0.0657 -0.0264 332 MET A O   
257 C CB  A MET A 34 ? 0.2795 0.2592 0.2166 -0.0120 -0.0491 -0.0229 332 MET A CB  
258 C CB  B MET A 34 ? 0.2844 0.2634 0.2212 -0.0125 -0.0491 -0.0227 332 MET A CB  
259 C CG  A MET A 34 ? 0.3127 0.3049 0.2522 -0.0233 -0.0447 -0.0230 332 MET A CG  
260 C CG  B MET A 34 ? 0.3177 0.3137 0.2605 -0.0243 -0.0458 -0.0227 332 MET A CG  
261 S SD  A MET A 34 ? 0.2970 0.2657 0.2172 -0.0379 -0.0424 -0.0208 332 MET A SD  
262 S SD  B MET A 34 ? 0.3671 0.3551 0.2860 -0.0104 -0.0344 -0.0303 332 MET A SD  
263 C CE  A MET A 34 ? 0.3344 0.2628 0.2247 -0.0275 -0.0361 -0.0268 332 MET A CE  
264 C CE  B MET A 34 ? 0.3574 0.2977 0.2494 -0.0234 -0.0346 -0.0295 332 MET A CE  
265 N N   . CYS A 35 ? 0.2403 0.2202 0.1681 -0.0173 -0.0170 -0.0135 333 CYS A N   
266 C CA  . CYS A 35 ? 0.2581 0.2403 0.1686 -0.0301 -0.0310 -0.0061 333 CYS A CA  
267 C C   . CYS A 35 ? 0.2989 0.2827 0.2301 -0.0325 -0.0545 0.0062  333 CYS A C   
268 O O   . CYS A 35 ? 0.2536 0.2336 0.2084 -0.0227 -0.0616 0.0100  333 CYS A O   
269 C CB  . CYS A 35 ? 0.2766 0.2539 0.1651 -0.0336 -0.0265 -0.0051 333 CYS A CB  
270 S SG  . CYS A 35 ? 0.3015 0.2783 0.1524 -0.0553 -0.0338 0.0046  333 CYS A SG  
271 N N   . ASP A 36 ? 0.2573 0.2410 0.1790 -0.0447 -0.0719 0.0111  334 ASP A N   
272 C CA  . ASP A 36 ? 0.2789 0.2582 0.2234 -0.0464 -0.1045 0.0236  334 ASP A CA  
273 C C   . ASP A 36 ? 0.3195 0.2741 0.2236 -0.0577 -0.1236 0.0408  334 ASP A C   
274 O O   . ASP A 36 ? 0.3489 0.2875 0.2609 -0.0610 -0.1596 0.0548  334 ASP A O   
275 C CB  . ASP A 36 ? 0.2967 0.2797 0.2487 -0.0560 -0.1245 0.0229  334 ASP A CB  
276 C CG  . ASP A 36 ? 0.2863 0.2962 0.3015 -0.0472 -0.1119 0.0115  334 ASP A CG  
277 O OD1 . ASP A 36 ? 0.3177 0.3440 0.3919 -0.0330 -0.1106 0.0093  334 ASP A OD1 
278 O OD2 . ASP A 36 ? 0.3007 0.3139 0.3065 -0.0551 -0.1005 0.0035  334 ASP A OD2 
279 N N   . GLU A 37 ? 0.3210 0.2705 0.1863 -0.0649 -0.1024 0.0410  335 GLU A N   
280 C CA  . GLU A 37 ? 0.3677 0.2951 0.2010 -0.0793 -0.1137 0.0595  335 GLU A CA  
281 C C   . GLU A 37 ? 0.3793 0.3054 0.2435 -0.0674 -0.1079 0.0598  335 GLU A C   
282 O O   . GLU A 37 ? 0.4099 0.3145 0.2888 -0.0651 -0.1346 0.0732  335 GLU A O   
283 C CB  . GLU A 37 ? 0.4235 0.3492 0.1964 -0.1014 -0.0915 0.0593  335 GLU A CB  
284 C CG  . GLU A 37 ? 0.4371 0.3463 0.1875 -0.1195 -0.0898 0.0764  335 GLU A CG  
285 C CD  . GLU A 37 ? 0.6526 0.5277 0.3849 -0.1317 -0.1208 0.0951  335 GLU A CD  
286 O OE1 . GLU A 37 ? 0.6830 0.5387 0.3968 -0.1490 -0.1245 0.1106  335 GLU A OE1 
287 O OE2 . GLU A 37 ? 0.6371 0.5023 0.3738 -0.1261 -0.1435 0.0945  335 GLU A OE2 
288 N N   . CYS A 38 ? 0.3132 0.2556 0.1875 -0.0588 -0.0795 0.0444  336 CYS A N   
289 C CA  . CYS A 38 ? 0.3076 0.2424 0.2013 -0.0510 -0.0777 0.0437  336 CYS A CA  
290 C C   . CYS A 38 ? 0.2730 0.2081 0.2017 -0.0253 -0.0751 0.0283  336 CYS A C   
291 O O   . CYS A 38 ? 0.2982 0.2180 0.2386 -0.0164 -0.0804 0.0259  336 CYS A O   
292 C CB  . CYS A 38 ? 0.2877 0.2356 0.1715 -0.0597 -0.0545 0.0366  336 CYS A CB  
293 S SG  . CYS A 38 ? 0.2886 0.2547 0.1815 -0.0432 -0.0318 0.0115  336 CYS A SG  
294 N N   . ASP A 39 ? 0.2652 0.2145 0.2063 -0.0160 -0.0658 0.0175  337 ASP A N   
295 C CA  . ASP A 39 ? 0.2374 0.1888 0.2044 0.0037  -0.0546 0.0025  337 ASP A CA  
296 C C   . ASP A 39 ? 0.2616 0.2019 0.2083 0.0107  -0.0375 -0.0093 337 ASP A C   
297 O O   . ASP A 39 ? 0.2868 0.2162 0.2370 0.0251  -0.0285 -0.0212 337 ASP A O   
298 C CB  . ASP A 39 ? 0.2942 0.2354 0.2965 0.0180  -0.0714 0.0018  337 ASP A CB  
299 C CG  . ASP A 39 ? 0.4696 0.4300 0.5142 0.0328  -0.0586 -0.0130 337 ASP A CG  
300 O OD1 . ASP A 39 ? 0.4341 0.4152 0.4802 0.0260  -0.0416 -0.0164 337 ASP A OD1 
301 O OD2 . ASP A 39 ? 0.5826 0.5380 0.6628 0.0506  -0.0637 -0.0230 337 ASP A OD2 
302 N N   . MET A 40 ? 0.2605 0.2014 0.1856 0.0012  -0.0338 -0.0083 338 MET A N   
303 C CA  . MET A 40 ? 0.2560 0.1834 0.1652 0.0086  -0.0255 -0.0197 338 MET A CA  
304 C C   . MET A 40 ? 0.2267 0.1561 0.1233 0.0098  -0.0106 -0.0266 338 MET A C   
305 O O   . MET A 40 ? 0.2940 0.2405 0.1965 0.0016  -0.0070 -0.0236 338 MET A O   
306 C CB  . MET A 40 ? 0.2681 0.2006 0.1776 0.0005  -0.0292 -0.0193 338 MET A CB  
307 C CG  . MET A 40 ? 0.2541 0.1801 0.1776 -0.0051 -0.0434 -0.0111 338 MET A CG  
308 S SD  . MET A 40 ? 0.3023 0.1906 0.2223 0.0115  -0.0591 -0.0193 338 MET A SD  
309 C CE  . MET A 40 ? 0.3118 0.1909 0.2406 0.0193  -0.0648 -0.0150 338 MET A CE  
310 N N   . ALA A 41 ? 0.2916 0.1710 0.1446 -0.0397 -0.0470 -0.0082 339 ALA A N   
311 C CA  . ALA A 41 ? 0.2507 0.1483 0.1210 -0.0356 -0.0476 -0.0100 339 ALA A CA  
312 C C   . ALA A 41 ? 0.3143 0.2069 0.1695 -0.0414 -0.0440 -0.0060 339 ALA A C   
313 O O   . ALA A 41 ? 0.3019 0.2073 0.1561 -0.0489 -0.0382 -0.0017 339 ALA A O   
314 C CB  . ALA A 41 ? 0.2737 0.2087 0.1731 -0.0340 -0.0498 -0.0130 339 ALA A CB  
315 N N   . PHE A 42 ? 0.2844 0.1635 0.1336 -0.0361 -0.0473 -0.0067 340 PHE A N   
316 C CA  . PHE A 42 ? 0.2802 0.1570 0.1261 -0.0283 -0.0407 -0.0023 340 PHE A CA  
317 C C   . PHE A 42 ? 0.3151 0.1870 0.1696 -0.0285 -0.0521 0.0016  340 PHE A C   
318 O O   . PHE A 42 ? 0.3357 0.1800 0.1781 -0.0308 -0.0635 -0.0026 340 PHE A O   
319 C CB  . PHE A 42 ? 0.3218 0.1652 0.1357 -0.0148 -0.0320 -0.0073 340 PHE A CB  
320 C CG  . PHE A 42 ? 0.3867 0.2309 0.1844 -0.0189 -0.0163 -0.0065 340 PHE A CG  
321 C CD1 . PHE A 42 ? 0.3456 0.1631 0.1191 -0.0265 -0.0241 -0.0098 340 PHE A CD1 
322 C CD2 . PHE A 42 ? 0.3581 0.2326 0.1694 -0.0156 0.0058  -0.0015 340 PHE A CD2 
323 C CE1 . PHE A 42 ? 0.3894 0.1963 0.1391 -0.0351 -0.0115 -0.0053 340 PHE A CE1 
324 C CE2 . PHE A 42 ? 0.3404 0.2170 0.1369 -0.0271 0.0233  0.0033  340 PHE A CE2 
325 C CZ  . PHE A 42 ? 0.4092 0.2451 0.1680 -0.0389 0.0143  0.0031  340 PHE A CZ  
326 N N   . HIS A 43 ? 0.2894 0.1834 0.1625 -0.0275 -0.0514 0.0104  341 HIS A N   
327 C CA  . HIS A 43 ? 0.2995 0.1734 0.1686 -0.0277 -0.0623 0.0178  341 HIS A CA  
328 C C   . HIS A 43 ? 0.3276 0.1564 0.1733 -0.0124 -0.0675 0.0122  341 HIS A C   
329 O O   . HIS A 43 ? 0.3599 0.1887 0.1993 0.0070  -0.0576 0.0057  341 HIS A O   
330 C CB  . HIS A 43 ? 0.2801 0.1721 0.1606 -0.0217 -0.0638 0.0270  341 HIS A CB  
331 C CG  . HIS A 43 ? 0.2565 0.1812 0.1489 -0.0346 -0.0643 0.0334  341 HIS A CG  
332 N ND1 . HIS A 43 ? 0.3065 0.2633 0.2151 -0.0292 -0.0626 0.0328  341 HIS A ND1 
333 C CD2 . HIS A 43 ? 0.3097 0.2420 0.1988 -0.0512 -0.0666 0.0396  341 HIS A CD2 
334 C CE1 . HIS A 43 ? 0.2624 0.2373 0.1698 -0.0388 -0.0661 0.0370  341 HIS A CE1 
335 N NE2 . HIS A 43 ? 0.3172 0.2814 0.2126 -0.0515 -0.0657 0.0413  341 HIS A NE2 
336 N N   . ILE A 44 ? 0.3842 0.1760 0.2170 -0.0212 -0.0832 0.0139  342 ILE A N   
337 C CA  . ILE A 44 ? 0.3977 0.1357 0.2015 -0.0040 -0.0947 0.0066  342 ILE A CA  
338 C C   . ILE A 44 ? 0.3992 0.1289 0.1964 0.0206  -0.0951 0.0078  342 ILE A C   
339 O O   . ILE A 44 ? 0.5041 0.2080 0.2789 0.0480  -0.0954 -0.0042 342 ILE A O   
340 C CB  . ILE A 44 ? 0.4273 0.1427 0.2297 -0.0209 -0.1136 0.0096  342 ILE A CB  
341 C CG1 . ILE A 44 ? 0.4250 0.1463 0.2397 -0.0422 -0.1194 0.0268  342 ILE A CG1 
342 C CG2 . ILE A 44 ? 0.4186 0.1562 0.2356 -0.0323 -0.1130 0.0048  342 ILE A CG2 
343 C CD1 . ILE A 44 ? 0.4872 0.1877 0.2999 -0.0574 -0.1361 0.0316  342 ILE A CD1 
344 N N   . TYR A 45 ? 0.4070 0.1594 0.2208 0.0158  -0.0961 0.0198  343 TYR A N   
345 C CA  . TYR A 45 ? 0.4358 0.1781 0.2443 0.0425  -0.1034 0.0190  343 TYR A CA  
346 C C   . TYR A 45 ? 0.4594 0.2605 0.2968 0.0614  -0.0845 0.0109  343 TYR A C   
347 O O   . TYR A 45 ? 0.4552 0.2605 0.2972 0.0887  -0.0907 0.0058  343 TYR A O   
348 C CB  . TYR A 45 ? 0.4553 0.1802 0.2578 0.0298  -0.1199 0.0366  343 TYR A CB  
349 C CG  . TYR A 45 ? 0.3967 0.1657 0.2188 0.0030  -0.1101 0.0492  343 TYR A CG  
350 C CD1 . TYR A 45 ? 0.3919 0.2118 0.2381 0.0111  -0.1010 0.0476  343 TYR A CD1 
351 C CD2 . TYR A 45 ? 0.4620 0.2269 0.2819 -0.0292 -0.1102 0.0601  343 TYR A CD2 
352 C CE1 . TYR A 45 ? 0.4431 0.2957 0.2984 -0.0086 -0.0958 0.0566  343 TYR A CE1 
353 C CE2 . TYR A 45 ? 0.4246 0.2304 0.2564 -0.0480 -0.1005 0.0698  343 TYR A CE2 
354 C CZ  . TYR A 45 ? 0.4048 0.2491 0.2488 -0.0358 -0.0947 0.0677  343 TYR A CZ  
355 O OH  . TYR A 45 ? 0.3898 0.2704 0.2387 -0.0502 -0.0872 0.0738  343 TYR A OH  
356 N N   . CYS A 46 ? 0.3590 0.2045 0.2173 0.0471  -0.0647 0.0091  344 CYS A N   
357 C CA  . CYS A 46 ? 0.3299 0.2296 0.2175 0.0584  -0.0457 0.0025  344 CYS A CA  
358 C C   . CYS A 46 ? 0.3829 0.2799 0.2553 0.0744  -0.0274 -0.0094 344 CYS A C   
359 O O   . CYS A 46 ? 0.3642 0.3072 0.2600 0.0888  -0.0093 -0.0158 344 CYS A O   
360 C CB  . CYS A 46 ? 0.2997 0.2406 0.2123 0.0326  -0.0367 0.0084  344 CYS A CB  
361 S SG  . CYS A 46 ? 0.3256 0.2850 0.2561 0.0234  -0.0538 0.0190  344 CYS A SG  
362 N N   . LEU A 47 ? 0.4145 0.2611 0.2478 0.0724  -0.0319 -0.0130 345 LEU A N   
363 C CA  . LEU A 47 ? 0.4895 0.3228 0.2934 0.0910  -0.0162 -0.0248 345 LEU A CA  
364 C C   . LEU A 47 ? 0.5517 0.3837 0.3494 0.1305  -0.0161 -0.0372 345 LEU A C   
365 O O   . LEU A 47 ? 0.5279 0.3406 0.3292 0.1441  -0.0386 -0.0374 345 LEU A O   
366 C CB  . LEU A 47 ? 0.4712 0.2416 0.2306 0.0849  -0.0305 -0.0287 345 LEU A CB  
367 C CG  . LEU A 47 ? 0.4279 0.2008 0.1924 0.0529  -0.0331 -0.0217 345 LEU A CG  
368 C CD1 . LEU A 47 ? 0.5004 0.2165 0.2349 0.0479  -0.0569 -0.0273 345 LEU A CD1 
369 C CD2 . LEU A 47 ? 0.4579 0.2539 0.2152 0.0466  -0.0087 -0.0214 345 LEU A CD2 
370 N N   . ASP A 48 ? 0.5641 0.4169 0.3491 0.1507  0.0098  -0.0478 346 ASP A N   
371 C CA  . ASP A 48 ? 0.6354 0.4959 0.4130 0.1958  0.0139  -0.0649 346 ASP A CA  
372 C C   . ASP A 48 ? 0.6987 0.5089 0.4121 0.2182  0.0203  -0.0784 346 ASP A C   
373 O O   . ASP A 48 ? 0.7428 0.5786 0.4418 0.2131  0.0528  -0.0781 346 ASP A O   
374 C CB  . ASP A 48 ? 0.6792 0.6346 0.5118 0.2035  0.0447  -0.0675 346 ASP A CB  
375 C CG  . ASP A 48 ? 0.7979 0.7752 0.6299 0.2559  0.0503  -0.0892 346 ASP A CG  
376 O OD1 . ASP A 48 ? 0.8460 0.7586 0.6417 0.2853  0.0189  -0.1001 346 ASP A OD1 
377 O OD2 . ASP A 48 ? 0.8567 0.9164 0.7253 0.2659  0.0850  -0.0955 346 ASP A OD2 
378 N N   . PRO A 49 ? 0.7142 0.4677 0.3830 0.1900  -0.0004 -0.0826 347 PRO A N   
379 C CA  . PRO A 49 ? 0.7266 0.4408 0.3859 0.1829  -0.0192 -0.0850 347 PRO A CA  
380 C C   . PRO A 49 ? 0.6792 0.3826 0.3565 0.1502  -0.0338 -0.0843 347 PRO A C   
381 O O   . PRO A 49 ? 0.6759 0.3982 0.3683 0.1297  -0.0349 -0.0795 347 PRO A O   
382 C CB  . PRO A 49 ? 0.8168 0.4687 0.4172 0.1904  -0.0360 -0.0888 347 PRO A CB  
383 C CG  . PRO A 49 ? 0.8282 0.4913 0.4108 0.2058  -0.0250 -0.0892 347 PRO A CG  
384 C CD  . PRO A 49 ? 0.7490 0.4657 0.3733 0.1935  -0.0079 -0.0854 347 PRO A CD  
385 N N   . PRO A 50 ? 0.6531 0.3403 0.3380 0.1425  -0.0446 -0.0824 348 PRO A N   
386 C CA  . PRO A 50 ? 0.6461 0.3416 0.3585 0.1072  -0.0582 -0.0724 348 PRO A CA  
387 C C   . PRO A 50 ? 0.7479 0.3942 0.4220 0.0838  -0.0809 -0.0737 348 PRO A C   
388 O O   . PRO A 50 ? 0.8405 0.4297 0.4634 0.0917  -0.0920 -0.0806 348 PRO A O   
389 C CB  . PRO A 50 ? 0.5826 0.2703 0.3056 0.1108  -0.0615 -0.0692 348 PRO A CB  
390 C CG  . PRO A 50 ? 0.6508 0.3039 0.3337 0.1406  -0.0594 -0.0772 348 PRO A CG  
391 C CD  . PRO A 50 ? 0.6615 0.3442 0.3427 0.1623  -0.0425 -0.0813 348 PRO A CD  
392 N N   . LEU A 51 ? 0.5971 0.2763 0.3008 0.0548  -0.0879 -0.0631 349 LEU A N   
393 C CA  . LEU A 51 ? 0.6321 0.2822 0.3131 0.0248  -0.1123 -0.0595 349 LEU A CA  
394 C C   . LEU A 51 ? 0.6223 0.2638 0.3136 0.0014  -0.1258 -0.0470 349 LEU A C   
395 O O   . LEU A 51 ? 0.5998 0.2874 0.3344 0.0016  -0.1155 -0.0363 349 LEU A O   
396 C CB  . LEU A 51 ? 0.5708 0.2712 0.2778 0.0090  -0.1127 -0.0526 349 LEU A CB  
397 C CG  . LEU A 51 ? 0.5736 0.2873 0.2731 0.0294  -0.0977 -0.0610 349 LEU A CG  
398 C CD1 . LEU A 51 ? 0.5390 0.3014 0.2629 0.0159  -0.0991 -0.0524 349 LEU A CD1 
399 C CD2 . LEU A 51 ? 0.6283 0.2812 0.2677 0.0409  -0.1067 -0.0755 349 LEU A CD2 
400 N N   . SER A 52 ? 0.6601 0.2376 0.3067 -0.0193 -0.1505 -0.0474 350 SER A N   
401 C CA  . SER A 52 ? 0.6763 0.2396 0.3275 -0.0441 -0.1630 -0.0325 350 SER A CA  
402 C C   . SER A 52 ? 0.7104 0.3329 0.4028 -0.0837 -0.1730 -0.0105 350 SER A C   
403 O O   . SER A 52 ? 0.6918 0.3211 0.3979 -0.1054 -0.1792 0.0072  350 SER A O   
404 C CB  . SER A 52 ? 0.7940 0.2674 0.3813 -0.0499 -0.1835 -0.0359 350 SER A CB  
405 O OG  . SER A 52 ? 0.8835 0.3362 0.4435 -0.0599 -0.1976 -0.0385 350 SER A OG  
406 N N   . SER A 53 ? 0.6442 0.3134 0.3549 -0.0910 -0.1739 -0.0098 351 SER A N   
407 C CA  . SER A 53 ? 0.6228 0.3676 0.3777 -0.1185 -0.1793 0.0119  351 SER A CA  
408 C C   . SER A 53 ? 0.5688 0.3698 0.3447 -0.1026 -0.1684 0.0070  351 SER A C   
409 O O   . SER A 53 ? 0.5422 0.3158 0.2941 -0.0799 -0.1611 -0.0113 351 SER A O   
410 C CB  . SER A 53 ? 0.7419 0.4655 0.4784 -0.1659 -0.2108 0.0246  351 SER A CB  
411 O OG  . SER A 53 ? 0.8075 0.4875 0.5040 -0.1690 -0.2266 0.0090  351 SER A OG  
412 N N   . VAL A 54 ? 0.5501 0.2178 0.2942 -0.0936 -0.0953 -0.0263 352 VAL A N   
413 C CA  . VAL A 54 ? 0.5263 0.2277 0.2812 -0.0991 -0.0863 -0.0251 352 VAL A CA  
414 C C   . VAL A 54 ? 0.4883 0.2137 0.2541 -0.1025 -0.0936 -0.0397 352 VAL A C   
415 O O   . VAL A 54 ? 0.5519 0.2681 0.3277 -0.1162 -0.1011 -0.0415 352 VAL A O   
416 C CB  . VAL A 54 ? 0.5570 0.2498 0.3019 -0.1152 -0.0692 -0.0086 352 VAL A CB  
417 C CG1 . VAL A 54 ? 0.5246 0.2555 0.2880 -0.1227 -0.0583 -0.0054 352 VAL A CG1 
418 C CG2 . VAL A 54 ? 0.6483 0.3079 0.3601 -0.1031 -0.0690 -0.0003 352 VAL A CG2 
419 N N   . PRO A 55 ? 0.4824 0.2355 0.2432 -0.0886 -0.0965 -0.0495 353 PRO A N   
420 C CA  . PRO A 55 ? 0.5301 0.3045 0.2838 -0.0817 -0.1070 -0.0648 353 PRO A CA  
421 C C   . PRO A 55 ? 0.4788 0.2761 0.2589 -0.1089 -0.1090 -0.0562 353 PRO A C   
422 O O   . PRO A 55 ? 0.5251 0.3413 0.3322 -0.1240 -0.0891 -0.0344 353 PRO A O   
423 C CB  . PRO A 55 ? 0.4964 0.3230 0.2555 -0.0494 -0.0907 -0.0582 353 PRO A CB  
424 C CG  . PRO A 55 ? 0.4447 0.2664 0.2225 -0.0390 -0.0810 -0.0439 353 PRO A CG  
425 C CD  . PRO A 55 ? 0.4402 0.2250 0.2197 -0.0681 -0.0851 -0.0372 353 PRO A CD  
426 N N   . SER A 56 ? 0.5137 0.3109 0.2911 -0.1086 -0.1327 -0.0713 354 SER A N   
427 C CA  . SER A 56 ? 0.5114 0.3305 0.3275 -0.1366 -0.1456 -0.0611 354 SER A CA  
428 C C   . SER A 56 ? 0.5681 0.4444 0.3878 -0.1261 -0.1447 -0.0576 354 SER A C   
429 O O   . SER A 56 ? 0.4738 0.3827 0.3406 -0.1475 -0.1499 -0.0410 354 SER A O   
430 C CB  . SER A 56 ? 0.5846 0.3733 0.4138 -0.1415 -0.1768 -0.0742 354 SER A CB  
431 O OG  . SER A 56 ? 0.6284 0.3831 0.4808 -0.1582 -0.1712 -0.0615 354 SER A OG  
432 N N   . GLU A 57 ? 0.4864 0.3819 0.2679 -0.0899 -0.1337 -0.0655 355 GLU A N   
433 C CA  . GLU A 57 ? 0.4707 0.4224 0.2552 -0.0744 -0.1288 -0.0563 355 GLU A CA  
434 C C   . GLU A 57 ? 0.3984 0.4015 0.2418 -0.0888 -0.0967 -0.0238 355 GLU A C   
435 O O   . GLU A 57 ? 0.3972 0.3887 0.2602 -0.0988 -0.0747 -0.0119 355 GLU A O   
436 C CB  . GLU A 57 ? 0.4919 0.4553 0.2262 -0.0268 -0.1146 -0.0619 355 GLU A CB  
437 C CG  . GLU A 57 ? 0.5836 0.4899 0.2408 0.0013  -0.1420 -0.0964 355 GLU A CG  
438 C CD  . GLU A 57 ? 0.6648 0.5225 0.3109 0.0068  -0.1356 -0.1065 355 GLU A CD  
439 O OE1 . GLU A 57 ? 0.5892 0.4512 0.2842 -0.0172 -0.1187 -0.0891 355 GLU A OE1 
440 O OE2 . GLU A 57 ? 0.7498 0.5719 0.3554 0.0358  -0.1405 -0.1256 355 GLU A OE2 
441 N N   . ASP A 58 ? 0.3846 0.4374 0.2480 -0.0862 -0.0977 -0.0110 356 ASP A N   
442 C CA  . ASP A 58 ? 0.3252 0.4242 0.2415 -0.0937 -0.0674 0.0189  356 ASP A CA  
443 C C   . ASP A 58 ? 0.3869 0.4955 0.3037 -0.0735 -0.0380 0.0304  356 ASP A C   
444 O O   . ASP A 58 ? 0.3235 0.4265 0.2671 -0.0828 -0.0187 0.0441  356 ASP A O   
445 C CB  . ASP A 58 ? 0.3222 0.4739 0.2584 -0.0890 -0.0764 0.0318  356 ASP A CB  
446 C CG  . ASP A 58 ? 0.4606 0.6102 0.4256 -0.1157 -0.1115 0.0298  356 ASP A CG  
447 O OD1 . ASP A 58 ? 0.4674 0.5902 0.4644 -0.1428 -0.1121 0.0332  356 ASP A OD1 
448 O OD2 . ASP A 58 ? 0.4116 0.5863 0.3709 -0.1088 -0.1404 0.0288  356 ASP A OD2 
449 N N   . GLU A 59 ? 0.3330 0.3126 0.2117 -0.0454 -0.1449 0.0232  357 GLU A N   
450 C CA  . GLU A 59 ? 0.3550 0.3159 0.2180 -0.0435 -0.1337 0.0326  357 GLU A CA  
451 C C   . GLU A 59 ? 0.4017 0.3549 0.2350 -0.0504 -0.1149 0.0119  357 GLU A C   
452 O O   . GLU A 59 ? 0.3902 0.3565 0.2188 -0.0570 -0.1067 -0.0069 357 GLU A O   
453 C CB  . GLU A 59 ? 0.3717 0.3396 0.2184 -0.0494 -0.1486 0.0612  357 GLU A CB  
454 C CG  . GLU A 59 ? 0.4293 0.4087 0.3196 -0.0430 -0.1729 0.0877  357 GLU A CG  
455 C CD  . GLU A 59 ? 0.5777 0.5657 0.4580 -0.0498 -0.1835 0.1178  357 GLU A CD  
456 O OE1 . GLU A 59 ? 0.6860 0.6841 0.6101 -0.0450 -0.2037 0.1433  357 GLU A OE1 
457 O OE2 . GLU A 59 ? 0.6461 0.6306 0.4796 -0.0611 -0.1714 0.1156  357 GLU A OE2 
458 N N   . TRP A 60 ? 0.3534 0.2885 0.1858 -0.0463 -0.1017 0.0142  358 TRP A N   
459 C CA  . TRP A 60 ? 0.3682 0.2960 0.1896 -0.0509 -0.0857 -0.0022 358 TRP A CA  
460 C C   . TRP A 60 ? 0.3618 0.2764 0.1733 -0.0512 -0.0774 0.0071  358 TRP A C   
461 O O   . TRP A 60 ? 0.3582 0.2634 0.1845 -0.0439 -0.0778 0.0203  358 TRP A O   
462 C CB  . TRP A 60 ? 0.3508 0.2722 0.1969 -0.0453 -0.0791 -0.0132 358 TRP A CB  
463 C CG  . TRP A 60 ? 0.3214 0.2366 0.1723 -0.0486 -0.0686 -0.0223 358 TRP A CG  
464 C CD1 . TRP A 60 ? 0.3514 0.2718 0.2136 -0.0544 -0.0621 -0.0372 358 TRP A CD1 
465 C CD2 . TRP A 60 ? 0.3114 0.2160 0.1671 -0.0474 -0.0634 -0.0179 358 TRP A CD2 
466 N NE1 . TRP A 60 ? 0.3462 0.2595 0.2282 -0.0546 -0.0554 -0.0388 358 TRP A NE1 
467 C CE2 . TRP A 60 ? 0.3304 0.2357 0.2041 -0.0510 -0.0582 -0.0263 358 TRP A CE2 
468 C CE3 . TRP A 60 ? 0.3052 0.2014 0.1589 -0.0453 -0.0615 -0.0097 358 TRP A CE3 
469 C CZ2 . TRP A 60 ? 0.3128 0.2131 0.2003 -0.0521 -0.0567 -0.0231 358 TRP A CZ2 
470 C CZ3 . TRP A 60 ? 0.3177 0.2090 0.1767 -0.0489 -0.0569 -0.0107 358 TRP A CZ3 
471 C CH2 . TRP A 60 ? 0.3217 0.2163 0.1961 -0.0520 -0.0573 -0.0154 358 TRP A CH2 
472 N N   . TYR A 61 ? 0.3450 0.2588 0.1387 -0.0612 -0.0660 -0.0034 359 TYR A N   
473 C CA  . TYR A 61 ? 0.3731 0.2751 0.1573 -0.0639 -0.0555 0.0029  359 TYR A CA  
474 C C   . TYR A 61 ? 0.3854 0.2820 0.1895 -0.0646 -0.0411 -0.0152 359 TYR A C   
475 O O   . TYR A 61 ? 0.3913 0.2948 0.2064 -0.0704 -0.0345 -0.0333 359 TYR A O   
476 C CB  . TYR A 61 ? 0.3860 0.2929 0.1294 -0.0805 -0.0548 0.0107  359 TYR A CB  
477 C CG  . TYR A 61 ? 0.4781 0.3920 0.2123 -0.0793 -0.0765 0.0396  359 TYR A CG  
478 C CD1 . TYR A 61 ? 0.4173 0.3184 0.1626 -0.0723 -0.0815 0.0671  359 TYR A CD1 
479 C CD2 . TYR A 61 ? 0.4528 0.3896 0.1916 -0.0812 -0.0883 0.0381  359 TYR A CD2 
480 C CE1 . TYR A 61 ? 0.4707 0.3797 0.2292 -0.0691 -0.1030 0.0972  359 TYR A CE1 
481 C CE2 . TYR A 61 ? 0.5053 0.4525 0.2532 -0.0782 -0.1094 0.0650  359 TYR A CE2 
482 C CZ  . TYR A 61 ? 0.5021 0.4361 0.2636 -0.0717 -0.1175 0.0955  359 TYR A CZ  
483 O OH  . TYR A 61 ? 0.5179 0.4629 0.3048 -0.0679 -0.1396 0.1245  359 TYR A OH  
484 N N   . CYS A 62 ? 0.3541 0.2400 0.1719 -0.0594 -0.0365 -0.0105 360 CYS A N   
485 C CA  . CYS A 62 ? 0.3232 0.2080 0.1683 -0.0595 -0.0305 -0.0216 360 CYS A CA  
486 C C   . CYS A 62 ? 0.3852 0.2689 0.2335 -0.0694 -0.0136 -0.0350 360 CYS A C   
487 O O   . CYS A 62 ? 0.3543 0.2367 0.1709 -0.0792 -0.0047 -0.0350 360 CYS A O   
488 C CB  . CYS A 62 ? 0.3475 0.2255 0.2019 -0.0562 -0.0316 -0.0150 360 CYS A CB  
489 S SG  . CYS A 62 ? 0.3545 0.2206 0.2039 -0.0600 -0.0160 -0.0125 360 CYS A SG  
490 N N   . PRO A 63 ? 0.3696 0.2553 0.2586 -0.0698 -0.0089 -0.0460 361 PRO A N   
491 C CA  . PRO A 63 ? 0.3769 0.2612 0.2831 -0.0804 0.0127  -0.0643 361 PRO A CA  
492 C C   . PRO A 63 ? 0.4425 0.3166 0.3239 -0.0864 0.0259  -0.0609 361 PRO A C   
493 O O   . PRO A 63 ? 0.4841 0.3556 0.3580 -0.1007 0.0484  -0.0759 361 PRO A O   
494 C CB  . PRO A 63 ? 0.4107 0.3006 0.3830 -0.0759 0.0078  -0.0690 361 PRO A CB  
495 C CG  . PRO A 63 ? 0.3870 0.2827 0.3671 -0.0675 -0.0150 -0.0552 361 PRO A CG  
496 C CD  . PRO A 63 ? 0.3750 0.2664 0.3016 -0.0637 -0.0240 -0.0414 361 PRO A CD  
497 N N   . GLU A 64 ? 0.3307 0.1981 0.2018 -0.0787 0.0168  -0.0441 362 GLU A N   
498 C CA  . GLU A 64 ? 0.3511 0.2064 0.2067 -0.0842 0.0312  -0.0393 362 GLU A CA  
499 C C   . GLU A 64 ? 0.4618 0.3106 0.2683 -0.0905 0.0325  -0.0223 362 GLU A C   
500 O O   . GLU A 64 ? 0.5084 0.3455 0.2983 -0.0984 0.0456  -0.0141 362 GLU A O   
501 C CB  . GLU A 64 ? 0.3580 0.2095 0.2315 -0.0768 0.0252  -0.0320 362 GLU A CB  
502 C CG  . GLU A 64 ? 0.3839 0.2465 0.3001 -0.0760 0.0171  -0.0428 362 GLU A CG  
503 C CD  . GLU A 64 ? 0.4435 0.3078 0.3669 -0.0763 0.0102  -0.0397 362 GLU A CD  
504 O OE1 . GLU A 64 ? 0.4669 0.3195 0.3774 -0.0765 0.0209  -0.0354 362 GLU A OE1 
505 O OE2 . GLU A 64 ? 0.4342 0.3126 0.3796 -0.0795 -0.0055 -0.0415 362 GLU A OE2 
506 N N   . CYS A 65 ? 0.4133 0.2703 0.1984 -0.0890 0.0175  -0.0144 363 CYS A N   
507 C CA  . CYS A 65 ? 0.4392 0.2948 0.1841 -0.0950 0.0090  0.0096  363 CYS A CA  
508 C C   . CYS A 65 ? 0.5092 0.3779 0.2136 -0.1139 0.0093  0.0026  363 CYS A C   
509 O O   . CYS A 65 ? 0.5927 0.4620 0.2526 -0.1294 0.0052  0.0228  363 CYS A O   
510 C CB  . CYS A 65 ? 0.4809 0.3377 0.2413 -0.0787 -0.0124 0.0288  363 CYS A CB  
511 S SG  . CYS A 65 ? 0.3820 0.2236 0.1833 -0.0657 -0.0062 0.0348  363 CYS A SG  
512 N N   . ARG A 66 ? 0.5583 0.4384 0.2780 -0.1164 0.0141  -0.0243 364 ARG A N   
513 C CA  . ARG A 66 ? 0.6400 0.5350 0.3247 -0.1386 0.0187  -0.0391 364 ARG A CA  
514 C C   . ARG A 66 ? 0.7018 0.5964 0.3727 -0.1647 0.0506  -0.0636 364 ARG A C   
515 O O   . ARG A 66 ? 0.6765 0.5585 0.3754 -0.1632 0.0706  -0.0769 364 ARG A O   
516 C CB  . ARG A 66 ? 0.6237 0.5305 0.3431 -0.1307 0.0141  -0.0596 364 ARG A CB  
517 C CG  . ARG A 66 ? 0.5866 0.4893 0.3674 -0.1237 0.0308  -0.0847 364 ARG A CG  
518 C CD  . ARG A 66 ? 0.6591 0.5672 0.4797 -0.1063 0.0145  -0.0839 364 ARG A CD  
519 N NE  . ARG A 66 ? 0.6743 0.5813 0.5612 -0.1016 0.0250  -0.1011 364 ARG A NE  
520 C CZ  . ARG A 66 ? 0.6431 0.5498 0.5714 -0.0856 0.0086  -0.0900 364 ARG A CZ  
521 N NH1 . ARG A 66 ? 0.4778 0.3838 0.3837 -0.0743 -0.0130 -0.0687 364 ARG A NH1 
522 N NH2 . ARG A 66 ? 0.6863 0.5934 0.6821 -0.0831 0.0142  -0.0990 364 ARG A NH2 
523 N N   . VAL B 1  ? 0.3367 0.4133 0.2216 -0.1404 -0.0240 0.0008  1   VAL B N   
524 C CA  A VAL B 1  ? 0.2828 0.3518 0.2120 -0.0965 -0.0313 0.0095  1   VAL B CA  
525 C CA  B VAL B 1  ? 0.2857 0.3499 0.2114 -0.0970 -0.0306 0.0097  1   VAL B CA  
526 C C   . VAL B 1  ? 0.2580 0.3612 0.2184 -0.0880 -0.0351 0.0031  1   VAL B C   
527 O O   . VAL B 1  ? 0.3449 0.4601 0.2857 -0.1115 -0.0295 -0.0064 1   VAL B O   
528 C CB  A VAL B 1  ? 0.3623 0.3558 0.2525 -0.0794 -0.0246 0.0206  1   VAL B CB  
529 C CB  B VAL B 1  ? 0.3660 0.3507 0.2454 -0.0830 -0.0224 0.0195  1   VAL B CB  
530 C CG1 A VAL B 1  ? 0.4278 0.3763 0.2731 -0.0816 -0.0180 0.0277  1   VAL B CG1 
531 C CG1 B VAL B 1  ? 0.3039 0.2990 0.2250 -0.0478 -0.0307 0.0314  1   VAL B CG1 
532 C CG2 A VAL B 1  ? 0.3666 0.3130 0.2056 -0.0919 -0.0141 0.0157  1   VAL B CG2 
533 C CG2 B VAL B 1  ? 0.4308 0.3649 0.2595 -0.0859 -0.0148 0.0264  1   VAL B CG2 
534 N N   . ARG B 2  ? 0.2253 0.3406 0.2261 -0.0576 -0.0442 0.0084  2   ARG B N   
535 C CA  . ARG B 2  ? 0.2163 0.3420 0.2323 -0.0465 -0.0471 0.0036  2   ARG B CA  
536 C C   . ARG B 2  ? 0.2306 0.3094 0.2293 -0.0464 -0.0452 0.0084  2   ARG B C   
537 O O   . ARG B 2  ? 0.2456 0.2979 0.2376 -0.0378 -0.0462 0.0206  2   ARG B O   
538 C CB  . ARG B 2  ? 0.2129 0.3482 0.2539 -0.0188 -0.0561 0.0075  2   ARG B CB  
539 C CG  . ARG B 2  ? 0.2447 0.4315 0.2992 -0.0058 -0.0570 0.0052  2   ARG B CG  
540 C CD  . ARG B 2  ? 0.2508 0.4168 0.3076 0.0254  -0.0638 0.0109  2   ARG B CD  
541 N NE  . ARG B 2  ? 0.2583 0.3805 0.3147 0.0202  -0.0703 0.0214  2   ARG B NE  
542 C CZ  . ARG B 2  ? 0.3633 0.4402 0.4060 0.0210  -0.0764 0.0272  2   ARG B CZ  
543 N NH1 . ARG B 2  ? 0.2854 0.3457 0.3299 0.0122  -0.0823 0.0389  2   ARG B NH1 
544 N NH2 . ARG B 2  ? 0.3791 0.4300 0.4003 0.0275  -0.0763 0.0221  2   ARG B NH2 
545 N N   . THR B 3  ? 0.2506 0.3294 0.2418 -0.0535 -0.0418 0.0003  3   THR B N   
546 C CA  . THR B 3  ? 0.2427 0.2885 0.2218 -0.0497 -0.0413 0.0057  3   THR B CA  
547 C C   . THR B 3  ? 0.2343 0.2881 0.2306 -0.0415 -0.0482 0.0023  3   THR B C   
548 O O   . THR B 3  ? 0.2555 0.3320 0.2627 -0.0338 -0.0499 -0.0054 3   THR B O   
549 C CB  . THR B 3  ? 0.2748 0.2922 0.2126 -0.0666 -0.0297 0.0001  3   THR B CB  
550 O OG1 . THR B 3  ? 0.3198 0.3648 0.2618 -0.0815 -0.0276 -0.0140 3   THR B OG1 
551 C CG2 . THR B 3  ? 0.3101 0.2980 0.2046 -0.0812 -0.0202 0.0006  3   THR B CG2 
552 N N   . LYS B 4  ? 0.2390 0.2738 0.2288 -0.0410 -0.0511 0.0098  4   LYS B N   
553 C CA  . LYS B 4  ? 0.2468 0.2738 0.2365 -0.0409 -0.0569 0.0065  4   LYS B CA  
554 C C   . LYS B 4  ? 0.2542 0.2877 0.2385 -0.0424 -0.0504 -0.0086 4   LYS B C   
555 O O   . LYS B 4  ? 0.3743 0.3992 0.3522 -0.0339 -0.0526 -0.0141 4   LYS B O   
556 C CB  . LYS B 4  ? 0.3094 0.3294 0.2904 -0.0481 -0.0613 0.0187  4   LYS B CB  
557 C CG  . LYS B 4  ? 0.3602 0.3619 0.3275 -0.0579 -0.0681 0.0161  4   LYS B CG  
558 C CD  . LYS B 4  ? 0.4179 0.3959 0.3724 -0.0600 -0.0767 0.0184  4   LYS B CD  
559 C CE  . LYS B 4  ? 0.4478 0.4426 0.4030 -0.0751 -0.0858 0.0367  4   LYS B CE  
560 N NZ  . LYS B 4  ? 0.5348 0.4883 0.4563 -0.0890 -0.0943 0.0383  4   LYS B NZ  
561 N N   . ALA B 5  ? 0.2628 0.3063 0.2388 -0.0541 -0.0412 -0.0148 5   ALA B N   
562 C CA  . ALA B 5  ? 0.3211 0.3853 0.2918 -0.0617 -0.0348 -0.0280 5   ALA B CA  
563 C C   . ALA B 5  ? 0.3423 0.4580 0.3279 -0.0502 -0.0342 -0.0344 5   ALA B C   
564 O O   . ALA B 5  ? 0.3356 0.4852 0.3196 -0.0482 -0.0294 -0.0429 5   ALA B O   
565 C CB  . ALA B 5  ? 0.3184 0.3725 0.2605 -0.0866 -0.0248 -0.0322 5   ALA B CB  
566 N N   . ASP B 6  ? 0.2872 0.4177 0.2854 -0.0389 -0.0380 -0.0291 6   ASP B N   
567 C CA  . ASP B 6  ? 0.3290 0.5213 0.3388 -0.0215 -0.0363 -0.0320 6   ASP B CA  
568 C C   . ASP B 6  ? 0.4474 0.6235 0.4480 0.0187  -0.0382 -0.0310 6   ASP B C   
569 O O   . ASP B 6  ? 0.4669 0.5754 0.4516 0.0250  -0.0441 -0.0265 6   ASP B O   
570 C CB  . ASP B 6  ? 0.2887 0.5011 0.3097 -0.0248 -0.0388 -0.0261 6   ASP B CB  
571 C CG  . ASP B 6  ? 0.3832 0.5965 0.3899 -0.0648 -0.0340 -0.0276 6   ASP B CG  
572 O OD1 . ASP B 6  ? 0.3813 0.6127 0.3697 -0.0922 -0.0273 -0.0353 6   ASP B OD1 
573 O OD2 . ASP B 6  ? 0.3945 0.5829 0.3978 -0.0700 -0.0360 -0.0211 6   ASP B OD2 
# 
loop_
_pdbx_poly_seq_scheme.asym_id 
_pdbx_poly_seq_scheme.entity_id 
_pdbx_poly_seq_scheme.seq_id 
_pdbx_poly_seq_scheme.mon_id 
_pdbx_poly_seq_scheme.ndb_seq_num 
_pdbx_poly_seq_scheme.pdb_seq_num 
_pdbx_poly_seq_scheme.auth_seq_num 
_pdbx_poly_seq_scheme.pdb_mon_id 
_pdbx_poly_seq_scheme.auth_mon_id 
_pdbx_poly_seq_scheme.pdb_strand_id 
_pdbx_poly_seq_scheme.pdb_ins_code 
_pdbx_poly_seq_scheme.hetero 
A 1 1  GLY 1  299 299 GLY GLY A . n 
A 1 2  PRO 2  300 300 PRO PRO A . n 
A 1 3  SER 3  301 301 SER SER A . n 
A 1 4  CYS 4  302 302 CYS CYS A . n 
A 1 5  LYS 5  303 303 LYS LYS A . n 
A 1 6  HIS 6  304 304 HIS HIS A . n 
A 1 7  CYS 7  305 305 CYS CYS A . n 
A 1 8  LYS 8  306 306 LYS LYS A . n 
A 1 9  ASP 9  307 307 ASP ASP A . n 
A 1 10 ASP 10 308 308 ASP ASP A . n 
A 1 11 VAL 11 309 309 VAL VAL A . n 
A 1 12 ASN 12 310 310 ASN ASN A . n 
A 1 13 ARG 13 311 311 ARG ARG A . n 
A 1 14 LEU 14 312 312 LEU LEU A . n 
A 1 15 CYS 15 313 313 CYS CYS A . n 
A 1 16 ARG 16 314 314 ARG ARG A . n 
A 1 17 VAL 17 315 315 VAL VAL A . n 
A 1 18 CYS 18 316 316 CYS CYS A . n 
A 1 19 ALA 19 317 317 ALA ALA A . n 
A 1 20 CYS 20 318 318 CYS CYS A . n 
A 1 21 HIS 21 319 319 HIS HIS A . n 
A 1 22 LEU 22 320 320 LEU LEU A . n 
A 1 23 CYS 23 321 321 CYS CYS A . n 
A 1 24 GLY 24 322 322 GLY GLY A . n 
A 1 25 GLY 25 323 323 GLY GLY A . n 
A 1 26 ARG 26 324 324 ARG ARG A . n 
A 1 27 GLN 27 325 325 GLN GLN A . n 
A 1 28 ASP 28 326 326 ASP ASP A . n 
A 1 29 PRO 29 327 327 PRO PRO A . n 
A 1 30 ASP 30 328 328 ASP ASP A . n 
A 1 31 LYS 31 329 329 LYS LYS A . n 
A 1 32 GLN 32 330 330 GLN GLN A . n 
A 1 33 LEU 33 331 331 LEU LEU A . n 
A 1 34 MET 34 332 332 MET MET A . n 
A 1 35 CYS 35 333 333 CYS CYS A . n 
A 1 36 ASP 36 334 334 ASP ASP A . n 
A 1 37 GLU 37 335 335 GLU GLU A . n 
A 1 38 CYS 38 336 336 CYS CYS A . n 
A 1 39 ASP 39 337 337 ASP ASP A . n 
A 1 40 MET 40 338 338 MET MET A . n 
A 1 41 ALA 41 339 339 ALA ALA A . n 
A 1 42 PHE 42 340 340 PHE PHE A . n 
A 1 43 HIS 43 341 341 HIS HIS A . n 
A 1 44 ILE 44 342 342 ILE ILE A . n 
A 1 45 TYR 45 343 343 TYR TYR A . n 
A 1 46 CYS 46 344 344 CYS CYS A . n 
A 1 47 LEU 47 345 345 LEU LEU A . n 
A 1 48 ASP 48 346 346 ASP ASP A . n 
A 1 49 PRO 49 347 347 PRO PRO A . n 
A 1 50 PRO 50 348 348 PRO PRO A . n 
A 1 51 LEU 51 349 349 LEU LEU A . n 
A 1 52 SER 52 350 350 SER SER A . n 
A 1 53 SER 53 351 351 SER SER A . n 
A 1 54 VAL 54 352 352 VAL VAL A . n 
A 1 55 PRO 55 353 353 PRO PRO A . n 
A 1 56 SER 56 354 354 SER SER A . n 
A 1 57 GLU 57 355 355 GLU GLU A . n 
A 1 58 ASP 58 356 356 ASP ASP A . n 
A 1 59 GLU 59 357 357 GLU GLU A . n 
A 1 60 TRP 60 358 358 TRP TRP A . n 
A 1 61 TYR 61 359 359 TYR TYR A . n 
A 1 62 CYS 62 360 360 CYS CYS A . n 
A 1 63 PRO 63 361 361 PRO PRO A . n 
A 1 64 GLU 64 362 362 GLU GLU A . n 
A 1 65 CYS 65 363 363 CYS CYS A . n 
A 1 66 ARG 66 364 364 ARG ARG A . n 
A 1 67 ASN 67 365 ?   ?   ?   A . n 
A 1 68 ASP 68 366 ?   ?   ?   A . n 
B 2 1  VAL 1  1   1   VAL VAL B . n 
B 2 2  ARG 2  2   2   ARG ARG B . n 
B 2 3  THR 3  3   3   THR THR B . n 
B 2 4  LYS 4  4   4   LYS LYS B . n 
B 2 5  ALA 5  5   5   ALA ALA B . n 
B 2 6  ASP 6  6   6   ASP ASP B . n 
B 2 7  SER 7  7   ?   ?   ?   B . n 
B 2 8  VAL 8  8   ?   ?   ?   B . n 
B 2 9  PRO 9  9   ?   ?   ?   B . n 
B 2 10 GLY 10 10  ?   ?   ?   B . n 
# 
loop_
_pdbx_nonpoly_scheme.asym_id 
_pdbx_nonpoly_scheme.entity_id 
_pdbx_nonpoly_scheme.mon_id 
_pdbx_nonpoly_scheme.ndb_seq_num 
_pdbx_nonpoly_scheme.pdb_seq_num 
_pdbx_nonpoly_scheme.auth_seq_num 
_pdbx_nonpoly_scheme.pdb_mon_id 
_pdbx_nonpoly_scheme.auth_mon_id 
_pdbx_nonpoly_scheme.pdb_strand_id 
_pdbx_nonpoly_scheme.pdb_ins_code 
C 3 ZN  1  401 1   ZN  ZN  A . 
D 3 ZN  1  402 2   ZN  ZN  A . 
E 3 ZN  1  403 3   ZN  ZN  A . 
F 3 ZN  1  404 4   ZN  ZN  A . 
G 4 EPE 1  405 1   EPE EPE A . 
H 4 EPE 1  406 2   EPE EPE A . 
I 5 HOH 1  501 7   HOH HOH A . 
I 5 HOH 2  502 52  HOH HOH A . 
I 5 HOH 3  503 23  HOH HOH A . 
I 5 HOH 4  504 4   HOH HOH A . 
I 5 HOH 5  505 38  HOH HOH A . 
I 5 HOH 6  506 14  HOH HOH A . 
I 5 HOH 7  507 16  HOH HOH A . 
I 5 HOH 8  508 59  HOH HOH A . 
I 5 HOH 9  509 80  HOH HOH A . 
I 5 HOH 10 510 34  HOH HOH A . 
I 5 HOH 11 511 54  HOH HOH A . 
I 5 HOH 12 512 83  HOH HOH A . 
I 5 HOH 13 513 64  HOH HOH A . 
I 5 HOH 14 514 73  HOH HOH A . 
I 5 HOH 15 515 43  HOH HOH A . 
I 5 HOH 16 516 10  HOH HOH A . 
I 5 HOH 17 517 8   HOH HOH A . 
I 5 HOH 18 518 30  HOH HOH A . 
I 5 HOH 19 519 12  HOH HOH A . 
I 5 HOH 20 520 89  HOH HOH A . 
I 5 HOH 21 521 9   HOH HOH A . 
I 5 HOH 22 522 49  HOH HOH A . 
I 5 HOH 23 523 6   HOH HOH A . 
I 5 HOH 24 524 72  HOH HOH A . 
I 5 HOH 25 525 24  HOH HOH A . 
I 5 HOH 26 526 63  HOH HOH A . 
I 5 HOH 27 527 60  HOH HOH A . 
I 5 HOH 28 528 53  HOH HOH A . 
I 5 HOH 29 529 20  HOH HOH A . 
I 5 HOH 30 530 15  HOH HOH A . 
I 5 HOH 31 531 50  HOH HOH A . 
I 5 HOH 32 532 37  HOH HOH A . 
I 5 HOH 33 533 42  HOH HOH A . 
I 5 HOH 34 534 68  HOH HOH A . 
I 5 HOH 35 535 28  HOH HOH A . 
I 5 HOH 36 536 5   HOH HOH A . 
I 5 HOH 37 537 71  HOH HOH A . 
I 5 HOH 38 538 3   HOH HOH A . 
I 5 HOH 39 539 56  HOH HOH A . 
I 5 HOH 40 540 61  HOH HOH A . 
I 5 HOH 41 541 1   HOH HOH A . 
I 5 HOH 42 542 25  HOH HOH A . 
I 5 HOH 43 543 31  HOH HOH A . 
I 5 HOH 44 544 39  HOH HOH A . 
I 5 HOH 45 545 67  HOH HOH A . 
I 5 HOH 46 546 45  HOH HOH A . 
I 5 HOH 47 547 48  HOH HOH A . 
I 5 HOH 48 548 32  HOH HOH A . 
I 5 HOH 49 549 51  HOH HOH A . 
I 5 HOH 50 550 35  HOH HOH A . 
I 5 HOH 51 551 97  HOH HOH A . 
I 5 HOH 52 552 76  HOH HOH A . 
I 5 HOH 53 553 11  HOH HOH A . 
I 5 HOH 54 554 22  HOH HOH A . 
I 5 HOH 55 555 65  HOH HOH A . 
I 5 HOH 56 556 87  HOH HOH A . 
I 5 HOH 57 557 96  HOH HOH A . 
I 5 HOH 58 558 26  HOH HOH A . 
I 5 HOH 59 559 36  HOH HOH A . 
I 5 HOH 60 560 17  HOH HOH A . 
I 5 HOH 61 561 79  HOH HOH A . 
I 5 HOH 62 562 84  HOH HOH A . 
I 5 HOH 63 563 41  HOH HOH A . 
I 5 HOH 64 564 95  HOH HOH A . 
I 5 HOH 65 565 77  HOH HOH A . 
I 5 HOH 66 566 44  HOH HOH A . 
I 5 HOH 67 567 19  HOH HOH A . 
I 5 HOH 68 568 47  HOH HOH A . 
I 5 HOH 69 569 82  HOH HOH A . 
I 5 HOH 70 570 21  HOH HOH A . 
I 5 HOH 71 571 86  HOH HOH A . 
I 5 HOH 72 572 94  HOH HOH A . 
I 5 HOH 73 573 93  HOH HOH A . 
I 5 HOH 74 574 88  HOH HOH A . 
I 5 HOH 75 575 78  HOH HOH A . 
I 5 HOH 76 576 91  HOH HOH A . 
I 5 HOH 77 577 46  HOH HOH A . 
I 5 HOH 78 578 90  HOH HOH A . 
I 5 HOH 79 579 66  HOH HOH A . 
I 5 HOH 80 580 81  HOH HOH A . 
I 5 HOH 81 581 100 HOH HOH A . 
I 5 HOH 82 582 62  HOH HOH A . 
I 5 HOH 83 583 101 HOH HOH A . 
J 5 HOH 1  101 18  HOH HOH B . 
J 5 HOH 2  102 70  HOH HOH B . 
J 5 HOH 3  103 55  HOH HOH B . 
J 5 HOH 4  104 58  HOH HOH B . 
J 5 HOH 5  105 98  HOH HOH B . 
J 5 HOH 6  106 13  HOH HOH B . 
J 5 HOH 7  107 57  HOH HOH B . 
J 5 HOH 8  108 69  HOH HOH B . 
J 5 HOH 9  109 75  HOH HOH B . 
J 5 HOH 10 110 74  HOH HOH B . 
J 5 HOH 11 111 92  HOH HOH B . 
J 5 HOH 12 112 27  HOH HOH B . 
J 5 HOH 13 113 99  HOH HOH B . 
# 
_pdbx_struct_assembly.id                   1 
_pdbx_struct_assembly.details              author_and_software_defined_assembly 
_pdbx_struct_assembly.method_details       PISA 
_pdbx_struct_assembly.oligomeric_details   dimeric 
_pdbx_struct_assembly.oligomeric_count     2 
# 
_pdbx_struct_assembly_gen.assembly_id       1 
_pdbx_struct_assembly_gen.oper_expression   1 
_pdbx_struct_assembly_gen.asym_id_list      A,B,C,D,E,F,G,H,I,J 
# 
loop_
_pdbx_struct_assembly_prop.biol_id 
_pdbx_struct_assembly_prop.type 
_pdbx_struct_assembly_prop.value 
_pdbx_struct_assembly_prop.details 
1 'ABSA (A^2)' 950  ? 
1 MORE         -6   ? 
1 'SSA (A^2)'  5500 ? 
# 
_pdbx_struct_oper_list.id                   1 
_pdbx_struct_oper_list.type                 'identity operation' 
_pdbx_struct_oper_list.name                 1_555 
_pdbx_struct_oper_list.symmetry_operation   x,y,z 
_pdbx_struct_oper_list.matrix[1][1]         1.0000000000 
_pdbx_struct_oper_list.matrix[1][2]         0.0000000000 
_pdbx_struct_oper_list.matrix[1][3]         0.0000000000 
_pdbx_struct_oper_list.vector[1]            0.0000000000 
_pdbx_struct_oper_list.matrix[2][1]         0.0000000000 
_pdbx_struct_oper_list.matrix[2][2]         1.0000000000 
_pdbx_struct_oper_list.matrix[2][3]         0.0000000000 
_pdbx_struct_oper_list.vector[2]            0.0000000000 
_pdbx_struct_oper_list.matrix[3][1]         0.0000000000 
_pdbx_struct_oper_list.matrix[3][2]         0.0000000000 
_pdbx_struct_oper_list.matrix[3][3]         1.0000000000 
_pdbx_struct_oper_list.vector[3]            0.0000000000 
# 
loop_
_pdbx_struct_special_symmetry.id 
_pdbx_struct_special_symmetry.PDB_model_num 
_pdbx_struct_special_symmetry.auth_asym_id 
_pdbx_struct_special_symmetry.auth_comp_id 
_pdbx_struct_special_symmetry.auth_seq_id 
_pdbx_struct_special_symmetry.PDB_ins_code 
_pdbx_struct_special_symmetry.label_asym_id 
_pdbx_struct_special_symmetry.label_comp_id 
_pdbx_struct_special_symmetry.label_seq_id 
1 1 A ZN  404 ? F ZN  . 
2 1 A HOH 508 ? I HOH . 
3 1 A HOH 582 ? I HOH . 
4 1 B HOH 102 ? J HOH . 
5 1 B HOH 105 ? J HOH . 
# 
loop_
_pdbx_struct_conn_angle.id 
_pdbx_struct_conn_angle.ptnr1_label_atom_id 
_pdbx_struct_conn_angle.ptnr1_label_alt_id 
_pdbx_struct_conn_angle.ptnr1_label_asym_id 
_pdbx_struct_conn_angle.ptnr1_label_comp_id 
_pdbx_struct_conn_angle.ptnr1_label_seq_id 
_pdbx_struct_conn_angle.ptnr1_auth_atom_id 
_pdbx_struct_conn_angle.ptnr1_auth_asym_id 
_pdbx_struct_conn_angle.ptnr1_auth_comp_id 
_pdbx_struct_conn_angle.ptnr1_auth_seq_id 
_pdbx_struct_conn_angle.ptnr1_PDB_ins_code 
_pdbx_struct_conn_angle.ptnr1_symmetry 
_pdbx_struct_conn_angle.ptnr2_label_atom_id 
_pdbx_struct_conn_angle.ptnr2_label_alt_id 
_pdbx_struct_conn_angle.ptnr2_label_asym_id 
_pdbx_struct_conn_angle.ptnr2_label_comp_id 
_pdbx_struct_conn_angle.ptnr2_label_seq_id 
_pdbx_struct_conn_angle.ptnr2_auth_atom_id 
_pdbx_struct_conn_angle.ptnr2_auth_asym_id 
_pdbx_struct_conn_angle.ptnr2_auth_comp_id 
_pdbx_struct_conn_angle.ptnr2_auth_seq_id 
_pdbx_struct_conn_angle.ptnr2_PDB_ins_code 
_pdbx_struct_conn_angle.ptnr2_symmetry 
_pdbx_struct_conn_angle.ptnr3_label_atom_id 
_pdbx_struct_conn_angle.ptnr3_label_alt_id 
_pdbx_struct_conn_angle.ptnr3_label_asym_id 
_pdbx_struct_conn_angle.ptnr3_label_comp_id 
_pdbx_struct_conn_angle.ptnr3_label_seq_id 
_pdbx_struct_conn_angle.ptnr3_auth_atom_id 
_pdbx_struct_conn_angle.ptnr3_auth_asym_id 
_pdbx_struct_conn_angle.ptnr3_auth_comp_id 
_pdbx_struct_conn_angle.ptnr3_auth_seq_id 
_pdbx_struct_conn_angle.ptnr3_PDB_ins_code 
_pdbx_struct_conn_angle.ptnr3_symmetry 
_pdbx_struct_conn_angle.value 
_pdbx_struct_conn_angle.value_esd 
1  SG  ? A CYS 4  ? A CYS 302 ? 1_555 ZN ? C ZN . ? A ZN 401 ? 1_555 SG  ? A CYS 7  ? A CYS 305 ? 1_555 110.8 ? 
2  SG  ? A CYS 4  ? A CYS 302 ? 1_555 ZN ? C ZN . ? A ZN 401 ? 1_555 SG  ? A CYS 15 ? A CYS 313 ? 1_555 109.6 ? 
3  SG  ? A CYS 7  ? A CYS 305 ? 1_555 ZN ? C ZN . ? A ZN 401 ? 1_555 SG  ? A CYS 15 ? A CYS 313 ? 1_555 112.6 ? 
4  SG  ? A CYS 4  ? A CYS 302 ? 1_555 ZN ? C ZN . ? A ZN 401 ? 1_555 SG  ? A CYS 18 ? A CYS 316 ? 1_555 117.3 ? 
5  SG  ? A CYS 7  ? A CYS 305 ? 1_555 ZN ? C ZN . ? A ZN 401 ? 1_555 SG  ? A CYS 18 ? A CYS 316 ? 1_555 96.7  ? 
6  SG  ? A CYS 15 ? A CYS 313 ? 1_555 ZN ? C ZN . ? A ZN 401 ? 1_555 SG  ? A CYS 18 ? A CYS 316 ? 1_555 109.4 ? 
7  SG  ? A CYS 20 ? A CYS 318 ? 1_555 ZN ? D ZN . ? A ZN 402 ? 1_555 SG  ? A CYS 23 ? A CYS 321 ? 1_555 112.0 ? 
8  SG  ? A CYS 20 ? A CYS 318 ? 1_555 ZN ? D ZN . ? A ZN 402 ? 1_555 ND1 ? A HIS 43 ? A HIS 341 ? 1_555 103.0 ? 
9  SG  ? A CYS 23 ? A CYS 321 ? 1_555 ZN ? D ZN . ? A ZN 402 ? 1_555 ND1 ? A HIS 43 ? A HIS 341 ? 1_555 98.7  ? 
10 SG  ? A CYS 20 ? A CYS 318 ? 1_555 ZN ? D ZN . ? A ZN 402 ? 1_555 SG  ? A CYS 46 ? A CYS 344 ? 1_555 118.2 ? 
11 SG  ? A CYS 23 ? A CYS 321 ? 1_555 ZN ? D ZN . ? A ZN 402 ? 1_555 SG  ? A CYS 46 ? A CYS 344 ? 1_555 108.9 ? 
12 ND1 ? A HIS 43 ? A HIS 341 ? 1_555 ZN ? D ZN . ? A ZN 402 ? 1_555 SG  ? A CYS 46 ? A CYS 344 ? 1_555 114.3 ? 
13 SG  ? A CYS 35 ? A CYS 333 ? 1_555 ZN ? E ZN . ? A ZN 403 ? 1_555 SG  ? A CYS 38 ? A CYS 336 ? 1_555 106.7 ? 
14 SG  ? A CYS 35 ? A CYS 333 ? 1_555 ZN ? E ZN . ? A ZN 403 ? 1_555 SG  ? A CYS 62 ? A CYS 360 ? 1_555 109.8 ? 
15 SG  ? A CYS 38 ? A CYS 336 ? 1_555 ZN ? E ZN . ? A ZN 403 ? 1_555 SG  ? A CYS 62 ? A CYS 360 ? 1_555 111.7 ? 
16 SG  ? A CYS 35 ? A CYS 333 ? 1_555 ZN ? E ZN . ? A ZN 403 ? 1_555 SG  ? A CYS 65 ? A CYS 363 ? 1_555 107.1 ? 
17 SG  ? A CYS 38 ? A CYS 336 ? 1_555 ZN ? E ZN . ? A ZN 403 ? 1_555 SG  ? A CYS 65 ? A CYS 363 ? 1_555 109.2 ? 
18 SG  ? A CYS 62 ? A CYS 360 ? 1_555 ZN ? E ZN . ? A ZN 403 ? 1_555 SG  ? A CYS 65 ? A CYS 363 ? 1_555 112.0 ? 
19 OE1 ? A GLU 64 ? A GLU 362 ? 1_555 ZN ? F ZN . ? A ZN 404 ? 1_555 OE2 ? A GLU 64 ? A GLU 362 ? 1_555 55.8  ? 
20 OE1 ? A GLU 64 ? A GLU 362 ? 1_555 ZN ? F ZN . ? A ZN 404 ? 1_555 OE1 ? A GLU 64 ? A GLU 362 ? 1_555 0.0   ? 
21 OE2 ? A GLU 64 ? A GLU 362 ? 1_555 ZN ? F ZN . ? A ZN 404 ? 1_555 OE1 ? A GLU 64 ? A GLU 362 ? 1_555 55.8  ? 
22 OE1 ? A GLU 64 ? A GLU 362 ? 1_555 ZN ? F ZN . ? A ZN 404 ? 1_555 OE2 ? A GLU 64 ? A GLU 362 ? 1_555 55.8  ? 
23 OE2 ? A GLU 64 ? A GLU 362 ? 1_555 ZN ? F ZN . ? A ZN 404 ? 1_555 OE2 ? A GLU 64 ? A GLU 362 ? 1_555 0.0   ? 
24 OE1 ? A GLU 64 ? A GLU 362 ? 1_555 ZN ? F ZN . ? A ZN 404 ? 1_555 OE2 ? A GLU 64 ? A GLU 362 ? 1_555 55.8  ? 
# 
loop_
_pdbx_audit_revision_history.ordinal 
_pdbx_audit_revision_history.data_content_type 
_pdbx_audit_revision_history.major_revision 
_pdbx_audit_revision_history.minor_revision 
_pdbx_audit_revision_history.revision_date 
1 'Structure model' 1 0 2019-10-09 
2 'Structure model' 1 1 2020-03-18 
3 'Structure model' 1 2 2023-11-22 
# 
_pdbx_audit_revision_details.ordinal             1 
_pdbx_audit_revision_details.revision_ordinal    1 
_pdbx_audit_revision_details.data_content_type   'Structure model' 
_pdbx_audit_revision_details.provider            repository 
_pdbx_audit_revision_details.type                'Initial release' 
_pdbx_audit_revision_details.description         ? 
_pdbx_audit_revision_details.details             ? 
# 
loop_
_pdbx_audit_revision_group.ordinal 
_pdbx_audit_revision_group.revision_ordinal 
_pdbx_audit_revision_group.data_content_type 
_pdbx_audit_revision_group.group 
1 2 'Structure model' 'Database references'    
2 3 'Structure model' 'Data collection'        
3 3 'Structure model' 'Database references'    
4 3 'Structure model' 'Derived calculations'   
5 3 'Structure model' 'Refinement description' 
# 
loop_
_pdbx_audit_revision_category.ordinal 
_pdbx_audit_revision_category.revision_ordinal 
_pdbx_audit_revision_category.data_content_type 
_pdbx_audit_revision_category.category 
1 2 'Structure model' citation                      
2 2 'Structure model' citation_author               
3 3 'Structure model' chem_comp_atom                
4 3 'Structure model' chem_comp_bond                
5 3 'Structure model' database_2                    
6 3 'Structure model' pdbx_initial_refinement_model 
7 3 'Structure model' struct_conn                   
# 
loop_
_pdbx_audit_revision_item.ordinal 
_pdbx_audit_revision_item.revision_ordinal 
_pdbx_audit_revision_item.data_content_type 
_pdbx_audit_revision_item.item 
1  2 'Structure model' '_citation.country'                   
2  2 'Structure model' '_citation.journal_abbrev'            
3  2 'Structure model' '_citation.journal_id_CSD'            
4  2 'Structure model' '_citation.journal_id_ISSN'           
5  2 'Structure model' '_citation.journal_volume'            
6  2 'Structure model' '_citation.page_first'                
7  2 'Structure model' '_citation.page_last'                 
8  2 'Structure model' '_citation.pdbx_database_id_DOI'      
9  2 'Structure model' '_citation.pdbx_database_id_PubMed'   
10 2 'Structure model' '_citation.title'                     
11 2 'Structure model' '_citation.year'                      
12 3 'Structure model' '_database_2.pdbx_DOI'                
13 3 'Structure model' '_database_2.pdbx_database_accession' 
14 3 'Structure model' '_struct_conn.pdbx_dist_value'        
15 3 'Structure model' '_struct_conn.ptnr1_auth_comp_id'     
16 3 'Structure model' '_struct_conn.ptnr1_auth_seq_id'      
17 3 'Structure model' '_struct_conn.ptnr1_label_atom_id'    
18 3 'Structure model' '_struct_conn.ptnr1_label_comp_id'    
19 3 'Structure model' '_struct_conn.ptnr1_label_seq_id'     
20 3 'Structure model' '_struct_conn.ptnr2_auth_seq_id'      
21 3 'Structure model' '_struct_conn.ptnr2_label_asym_id'    
22 3 'Structure model' '_struct_conn.ptnr2_symmetry'         
# 
loop_
_pdbx_refine_tls.pdbx_refine_id 
_pdbx_refine_tls.id 
_pdbx_refine_tls.details 
_pdbx_refine_tls.method 
_pdbx_refine_tls.origin_x 
_pdbx_refine_tls.origin_y 
_pdbx_refine_tls.origin_z 
_pdbx_refine_tls.T[1][1] 
_pdbx_refine_tls.T[2][2] 
_pdbx_refine_tls.T[3][3] 
_pdbx_refine_tls.T[1][2] 
_pdbx_refine_tls.T[1][3] 
_pdbx_refine_tls.T[2][3] 
_pdbx_refine_tls.L[1][1] 
_pdbx_refine_tls.L[2][2] 
_pdbx_refine_tls.L[3][3] 
_pdbx_refine_tls.L[1][2] 
_pdbx_refine_tls.L[1][3] 
_pdbx_refine_tls.L[2][3] 
_pdbx_refine_tls.S[1][1] 
_pdbx_refine_tls.S[1][2] 
_pdbx_refine_tls.S[1][3] 
_pdbx_refine_tls.S[2][1] 
_pdbx_refine_tls.S[2][2] 
_pdbx_refine_tls.S[2][3] 
_pdbx_refine_tls.S[3][1] 
_pdbx_refine_tls.S[3][2] 
_pdbx_refine_tls.S[3][3] 
'X-RAY DIFFRACTION' 1  ? refined -2.7522 -12.9916 -8.5697  0.3975 0.3323 0.2765 0.0316  -0.0853 -0.0247 0.8481 6.2634  12.7082 0.5332  -3.1462 -0.0880 0.1176  0.2641  -0.6611 0.5542  0.4716  -0.1394 1.1598  0.0425  -0.4025 
'X-RAY DIFFRACTION' 2  ? refined -5.1391 -5.1074  -12.1234 0.3412 0.2865 0.1958 -0.0600 -0.0473 -0.0195 3.0200 0.9463  9.6819  0.9207  -3.5329 -2.9090 -0.3237 0.6444  -0.3104 -0.5843 0.3901  -0.1444 0.4065  -0.3340 -0.0371 
'X-RAY DIFFRACTION' 3  ? refined -4.0408 -0.8203  -4.2808  0.2052 0.1733 0.1563 -0.0111 -0.0383 0.0203  2.7956 2.1728  3.8238  0.8482  -0.4658 -0.2436 -0.0918 0.1607  0.0709  -0.0129 0.1665  0.0239  -0.1704 -0.0077 -0.0258 
'X-RAY DIFFRACTION' 4  ? refined 3.8637  2.9753   -0.8713  0.2485 0.2191 0.1847 -0.0795 -0.0689 0.0117  5.1304 3.8899  10.6621 -1.3965 1.4430  0.7602  -0.3137 0.3883  0.4149  -0.3519 0.1256  -0.2089 -0.4548 0.3877  0.1563  
'X-RAY DIFFRACTION' 5  ? refined 1.3566  -4.4964  7.3201   0.2460 0.2073 0.1672 -0.0288 -0.0614 0.0186  4.4667 9.5177  4.2918  1.4628  2.6625  1.2731  0.4518  -0.5172 -0.4698 0.4233  -0.3661 -0.4501 0.3432  0.1775  -0.3142 
'X-RAY DIFFRACTION' 6  ? refined -3.7813 6.2488   0.8271   0.3068 0.1586 0.1560 0.0196  -0.0463 0.0037  3.0746 5.8510  6.8593  -1.2597 3.0087  1.1636  -0.3383 -0.0009 0.4073  0.5154  0.1461  0.2973  -0.7304 -0.6217 0.2282  
'X-RAY DIFFRACTION' 7  ? refined -1.6578 12.7783  4.2215   0.6035 0.2294 0.2691 0.0361  -0.1110 -0.0639 1.5697 2.5929  7.6744  -1.9807 1.7375  -1.4340 -0.4009 -0.2994 0.5294  0.6993  -0.1603 -0.0254 -1.4107 0.2200  0.2906  
'X-RAY DIFFRACTION' 8  ? refined 8.6156  8.0119   8.2017   0.4351 0.3228 0.2443 -0.1013 -0.0994 -0.0439 5.8987 10.8089 4.2113  -4.2027 2.0029  -4.4221 -0.6260 -0.8667 0.5404  0.4197  0.2051  -0.6182 -1.1255 0.2189  0.4770  
'X-RAY DIFFRACTION' 9  ? refined -0.7849 1.0161   10.7938  0.3412 0.2318 0.1326 -0.0677 -0.0362 -0.0081 7.6263 6.1504  0.9248  4.2416  -1.4744 0.6032  0.2129  -0.7293 -0.0579 0.7042  -0.2820 0.0993  0.1813  0.0812  0.1952  
'X-RAY DIFFRACTION' 10 ? refined 8.0084  0.7849   1.0231   0.2255 0.3156 0.2328 -0.0424 -0.0467 -0.0012 0.1992 0.5664  13.7620 0.2433  -1.3237 -1.8168 0.0866  -0.0254 -0.2404 -0.1339 0.2405  -0.1164 -0.2691 0.7876  -0.2435 
# 
loop_
_pdbx_refine_tls_group.pdbx_refine_id 
_pdbx_refine_tls_group.id 
_pdbx_refine_tls_group.refine_tls_id 
_pdbx_refine_tls_group.beg_auth_asym_id 
_pdbx_refine_tls_group.beg_auth_seq_id 
_pdbx_refine_tls_group.beg_label_asym_id 
_pdbx_refine_tls_group.beg_label_seq_id 
_pdbx_refine_tls_group.end_auth_asym_id 
_pdbx_refine_tls_group.end_auth_seq_id 
_pdbx_refine_tls_group.end_label_asym_id 
_pdbx_refine_tls_group.end_label_seq_id 
_pdbx_refine_tls_group.selection 
_pdbx_refine_tls_group.selection_details 
'X-RAY DIFFRACTION' 1  1  ? ? ? ? ? ? ? ? ? 
;chain 'A' and (resid 299 through 308 )
;
'X-RAY DIFFRACTION' 2  2  ? ? ? ? ? ? ? ? ? 
;chain 'A' and (resid 309 through 313 )
;
'X-RAY DIFFRACTION' 3  3  ? ? ? ? ? ? ? ? ? 
;chain 'A' and (resid 314 through 326 )
;
'X-RAY DIFFRACTION' 4  4  ? ? ? ? ? ? ? ? ? 
;chain 'A' and (resid 327 through 332 )
;
'X-RAY DIFFRACTION' 5  5  ? ? ? ? ? ? ? ? ? 
;chain 'A' and (resid 333 through 338 )
;
'X-RAY DIFFRACTION' 6  6  ? ? ? ? ? ? ? ? ? 
;chain 'A' and (resid 339 through 346 )
;
'X-RAY DIFFRACTION' 7  7  ? ? ? ? ? ? ? ? ? 
;chain 'A' and (resid 347 through 351 )
;
'X-RAY DIFFRACTION' 8  8  ? ? ? ? ? ? ? ? ? 
;chain 'A' and (resid 352 through 356 )
;
'X-RAY DIFFRACTION' 9  9  ? ? ? ? ? ? ? ? ? 
;chain 'A' and (resid 357 through 364 )
;
'X-RAY DIFFRACTION' 10 10 ? ? ? ? ? ? ? ? ? 
;chain 'B' and (resid 1 through 6 )
;
# 
loop_
_software.citation_id 
_software.classification 
_software.compiler_name 
_software.compiler_version 
_software.contact_author 
_software.contact_author_email 
_software.date 
_software.description 
_software.dependencies 
_software.hardware 
_software.language 
_software.location 
_software.mods 
_software.name 
_software.os 
_software.os_version 
_software.type 
_software.version 
_software.pdbx_ordinal 
? refinement       ? ? ? ? ? ? ? ? ? ? ? PHENIX  ? ? ? '(1.12_2829: ???)' 1 
? 'data reduction' ? ? ? ? ? ? ? ? ? ? ? XDS     ? ? ? .                  2 
? 'data scaling'   ? ? ? ? ? ? ? ? ? ? ? Aimless ? ? ? .                  3 
? phasing          ? ? ? ? ? ? ? ? ? ? ? PHASER  ? ? ? .                  4 
# 
_pdbx_validate_torsion.id              1 
_pdbx_validate_torsion.PDB_model_num   1 
_pdbx_validate_torsion.auth_comp_id    ALA 
_pdbx_validate_torsion.auth_asym_id    A 
_pdbx_validate_torsion.auth_seq_id     317 
_pdbx_validate_torsion.PDB_ins_code    ? 
_pdbx_validate_torsion.label_alt_id    ? 
_pdbx_validate_torsion.phi             -121.21 
_pdbx_validate_torsion.psi             -154.38 
# 
_pdbx_distant_solvent_atoms.id                                1 
_pdbx_distant_solvent_atoms.PDB_model_num                     1 
_pdbx_distant_solvent_atoms.auth_atom_id                      O 
_pdbx_distant_solvent_atoms.label_alt_id                      ? 
_pdbx_distant_solvent_atoms.auth_asym_id                      A 
_pdbx_distant_solvent_atoms.auth_comp_id                      HOH 
_pdbx_distant_solvent_atoms.auth_seq_id                       583 
_pdbx_distant_solvent_atoms.PDB_ins_code                      ? 
_pdbx_distant_solvent_atoms.neighbor_macromolecule_distance   6.64 
_pdbx_distant_solvent_atoms.neighbor_ligand_distance          . 
# 
loop_
_pdbx_unobs_or_zero_occ_atoms.id 
_pdbx_unobs_or_zero_occ_atoms.PDB_model_num 
_pdbx_unobs_or_zero_occ_atoms.polymer_flag 
_pdbx_unobs_or_zero_occ_atoms.occupancy_flag 
_pdbx_unobs_or_zero_occ_atoms.auth_asym_id 
_pdbx_unobs_or_zero_occ_atoms.auth_comp_id 
_pdbx_unobs_or_zero_occ_atoms.auth_seq_id 
_pdbx_unobs_or_zero_occ_atoms.PDB_ins_code 
_pdbx_unobs_or_zero_occ_atoms.auth_atom_id 
_pdbx_unobs_or_zero_occ_atoms.label_alt_id 
_pdbx_unobs_or_zero_occ_atoms.label_asym_id 
_pdbx_unobs_or_zero_occ_atoms.label_comp_id 
_pdbx_unobs_or_zero_occ_atoms.label_seq_id 
_pdbx_unobs_or_zero_occ_atoms.label_atom_id 
1 1 Y 1 A GLY 299 ? N   ? A GLY 1 N   
2 1 N 1 A EPE 406 ? S   ? H EPE 1 S   
3 1 N 1 A EPE 406 ? O1S ? H EPE 1 O1S 
4 1 N 1 A EPE 406 ? O2S ? H EPE 1 O2S 
5 1 N 1 A EPE 406 ? O3S ? H EPE 1 O3S 
# 
loop_
_pdbx_unobs_or_zero_occ_residues.id 
_pdbx_unobs_or_zero_occ_residues.PDB_model_num 
_pdbx_unobs_or_zero_occ_residues.polymer_flag 
_pdbx_unobs_or_zero_occ_residues.occupancy_flag 
_pdbx_unobs_or_zero_occ_residues.auth_asym_id 
_pdbx_unobs_or_zero_occ_residues.auth_comp_id 
_pdbx_unobs_or_zero_occ_residues.auth_seq_id 
_pdbx_unobs_or_zero_occ_residues.PDB_ins_code 
_pdbx_unobs_or_zero_occ_residues.label_asym_id 
_pdbx_unobs_or_zero_occ_residues.label_comp_id 
_pdbx_unobs_or_zero_occ_residues.label_seq_id 
1 1 Y 1 A ASN 365 ? A ASN 67 
2 1 Y 1 A ASP 366 ? A ASP 68 
3 1 Y 1 B SER 7   ? B SER 7  
4 1 Y 1 B VAL 8   ? B VAL 8  
5 1 Y 1 B PRO 9   ? B PRO 9  
6 1 Y 1 B GLY 10  ? B GLY 10 
# 
loop_
_chem_comp_atom.comp_id 
_chem_comp_atom.atom_id 
_chem_comp_atom.type_symbol 
_chem_comp_atom.pdbx_aromatic_flag 
_chem_comp_atom.pdbx_stereo_config 
_chem_comp_atom.pdbx_ordinal 
ALA N    N  N N 1   
ALA CA   C  N S 2   
ALA C    C  N N 3   
ALA O    O  N N 4   
ALA CB   C  N N 5   
ALA OXT  O  N N 6   
ALA H    H  N N 7   
ALA H2   H  N N 8   
ALA HA   H  N N 9   
ALA HB1  H  N N 10  
ALA HB2  H  N N 11  
ALA HB3  H  N N 12  
ALA HXT  H  N N 13  
ARG N    N  N N 14  
ARG CA   C  N S 15  
ARG C    C  N N 16  
ARG O    O  N N 17  
ARG CB   C  N N 18  
ARG CG   C  N N 19  
ARG CD   C  N N 20  
ARG NE   N  N N 21  
ARG CZ   C  N N 22  
ARG NH1  N  N N 23  
ARG NH2  N  N N 24  
ARG OXT  O  N N 25  
ARG H    H  N N 26  
ARG H2   H  N N 27  
ARG HA   H  N N 28  
ARG HB2  H  N N 29  
ARG HB3  H  N N 30  
ARG HG2  H  N N 31  
ARG HG3  H  N N 32  
ARG HD2  H  N N 33  
ARG HD3  H  N N 34  
ARG HE   H  N N 35  
ARG HH11 H  N N 36  
ARG HH12 H  N N 37  
ARG HH21 H  N N 38  
ARG HH22 H  N N 39  
ARG HXT  H  N N 40  
ASN N    N  N N 41  
ASN CA   C  N S 42  
ASN C    C  N N 43  
ASN O    O  N N 44  
ASN CB   C  N N 45  
ASN CG   C  N N 46  
ASN OD1  O  N N 47  
ASN ND2  N  N N 48  
ASN OXT  O  N N 49  
ASN H    H  N N 50  
ASN H2   H  N N 51  
ASN HA   H  N N 52  
ASN HB2  H  N N 53  
ASN HB3  H  N N 54  
ASN HD21 H  N N 55  
ASN HD22 H  N N 56  
ASN HXT  H  N N 57  
ASP N    N  N N 58  
ASP CA   C  N S 59  
ASP C    C  N N 60  
ASP O    O  N N 61  
ASP CB   C  N N 62  
ASP CG   C  N N 63  
ASP OD1  O  N N 64  
ASP OD2  O  N N 65  
ASP OXT  O  N N 66  
ASP H    H  N N 67  
ASP H2   H  N N 68  
ASP HA   H  N N 69  
ASP HB2  H  N N 70  
ASP HB3  H  N N 71  
ASP HD2  H  N N 72  
ASP HXT  H  N N 73  
CYS N    N  N N 74  
CYS CA   C  N R 75  
CYS C    C  N N 76  
CYS O    O  N N 77  
CYS CB   C  N N 78  
CYS SG   S  N N 79  
CYS OXT  O  N N 80  
CYS H    H  N N 81  
CYS H2   H  N N 82  
CYS HA   H  N N 83  
CYS HB2  H  N N 84  
CYS HB3  H  N N 85  
CYS HG   H  N N 86  
CYS HXT  H  N N 87  
EPE N1   N  N N 88  
EPE C2   C  N N 89  
EPE C3   C  N N 90  
EPE N4   N  N N 91  
EPE C5   C  N N 92  
EPE C6   C  N N 93  
EPE C7   C  N N 94  
EPE C8   C  N N 95  
EPE O8   O  N N 96  
EPE C9   C  N N 97  
EPE C10  C  N N 98  
EPE S    S  N N 99  
EPE O1S  O  N N 100 
EPE O2S  O  N N 101 
EPE O3S  O  N N 102 
EPE H21  H  N N 103 
EPE H22  H  N N 104 
EPE H31  H  N N 105 
EPE H32  H  N N 106 
EPE H51  H  N N 107 
EPE H52  H  N N 108 
EPE H61  H  N N 109 
EPE H62  H  N N 110 
EPE H71  H  N N 111 
EPE H72  H  N N 112 
EPE H81  H  N N 113 
EPE H82  H  N N 114 
EPE HO8  H  N N 115 
EPE H91  H  N N 116 
EPE H92  H  N N 117 
EPE H101 H  N N 118 
EPE H102 H  N N 119 
EPE HOS3 H  N N 120 
GLN N    N  N N 121 
GLN CA   C  N S 122 
GLN C    C  N N 123 
GLN O    O  N N 124 
GLN CB   C  N N 125 
GLN CG   C  N N 126 
GLN CD   C  N N 127 
GLN OE1  O  N N 128 
GLN NE2  N  N N 129 
GLN OXT  O  N N 130 
GLN H    H  N N 131 
GLN H2   H  N N 132 
GLN HA   H  N N 133 
GLN HB2  H  N N 134 
GLN HB3  H  N N 135 
GLN HG2  H  N N 136 
GLN HG3  H  N N 137 
GLN HE21 H  N N 138 
GLN HE22 H  N N 139 
GLN HXT  H  N N 140 
GLU N    N  N N 141 
GLU CA   C  N S 142 
GLU C    C  N N 143 
GLU O    O  N N 144 
GLU CB   C  N N 145 
GLU CG   C  N N 146 
GLU CD   C  N N 147 
GLU OE1  O  N N 148 
GLU OE2  O  N N 149 
GLU OXT  O  N N 150 
GLU H    H  N N 151 
GLU H2   H  N N 152 
GLU HA   H  N N 153 
GLU HB2  H  N N 154 
GLU HB3  H  N N 155 
GLU HG2  H  N N 156 
GLU HG3  H  N N 157 
GLU HE2  H  N N 158 
GLU HXT  H  N N 159 
GLY N    N  N N 160 
GLY CA   C  N N 161 
GLY C    C  N N 162 
GLY O    O  N N 163 
GLY OXT  O  N N 164 
GLY H    H  N N 165 
GLY H2   H  N N 166 
GLY HA2  H  N N 167 
GLY HA3  H  N N 168 
GLY HXT  H  N N 169 
HIS N    N  N N 170 
HIS CA   C  N S 171 
HIS C    C  N N 172 
HIS O    O  N N 173 
HIS CB   C  N N 174 
HIS CG   C  Y N 175 
HIS ND1  N  Y N 176 
HIS CD2  C  Y N 177 
HIS CE1  C  Y N 178 
HIS NE2  N  Y N 179 
HIS OXT  O  N N 180 
HIS H    H  N N 181 
HIS H2   H  N N 182 
HIS HA   H  N N 183 
HIS HB2  H  N N 184 
HIS HB3  H  N N 185 
HIS HD1  H  N N 186 
HIS HD2  H  N N 187 
HIS HE1  H  N N 188 
HIS HE2  H  N N 189 
HIS HXT  H  N N 190 
HOH O    O  N N 191 
HOH H1   H  N N 192 
HOH H2   H  N N 193 
ILE N    N  N N 194 
ILE CA   C  N S 195 
ILE C    C  N N 196 
ILE O    O  N N 197 
ILE CB   C  N S 198 
ILE CG1  C  N N 199 
ILE CG2  C  N N 200 
ILE CD1  C  N N 201 
ILE OXT  O  N N 202 
ILE H    H  N N 203 
ILE H2   H  N N 204 
ILE HA   H  N N 205 
ILE HB   H  N N 206 
ILE HG12 H  N N 207 
ILE HG13 H  N N 208 
ILE HG21 H  N N 209 
ILE HG22 H  N N 210 
ILE HG23 H  N N 211 
ILE HD11 H  N N 212 
ILE HD12 H  N N 213 
ILE HD13 H  N N 214 
ILE HXT  H  N N 215 
LEU N    N  N N 216 
LEU CA   C  N S 217 
LEU C    C  N N 218 
LEU O    O  N N 219 
LEU CB   C  N N 220 
LEU CG   C  N N 221 
LEU CD1  C  N N 222 
LEU CD2  C  N N 223 
LEU OXT  O  N N 224 
LEU H    H  N N 225 
LEU H2   H  N N 226 
LEU HA   H  N N 227 
LEU HB2  H  N N 228 
LEU HB3  H  N N 229 
LEU HG   H  N N 230 
LEU HD11 H  N N 231 
LEU HD12 H  N N 232 
LEU HD13 H  N N 233 
LEU HD21 H  N N 234 
LEU HD22 H  N N 235 
LEU HD23 H  N N 236 
LEU HXT  H  N N 237 
LYS N    N  N N 238 
LYS CA   C  N S 239 
LYS C    C  N N 240 
LYS O    O  N N 241 
LYS CB   C  N N 242 
LYS CG   C  N N 243 
LYS CD   C  N N 244 
LYS CE   C  N N 245 
LYS NZ   N  N N 246 
LYS OXT  O  N N 247 
LYS H    H  N N 248 
LYS H2   H  N N 249 
LYS HA   H  N N 250 
LYS HB2  H  N N 251 
LYS HB3  H  N N 252 
LYS HG2  H  N N 253 
LYS HG3  H  N N 254 
LYS HD2  H  N N 255 
LYS HD3  H  N N 256 
LYS HE2  H  N N 257 
LYS HE3  H  N N 258 
LYS HZ1  H  N N 259 
LYS HZ2  H  N N 260 
LYS HZ3  H  N N 261 
LYS HXT  H  N N 262 
MET N    N  N N 263 
MET CA   C  N S 264 
MET C    C  N N 265 
MET O    O  N N 266 
MET CB   C  N N 267 
MET CG   C  N N 268 
MET SD   S  N N 269 
MET CE   C  N N 270 
MET OXT  O  N N 271 
MET H    H  N N 272 
MET H2   H  N N 273 
MET HA   H  N N 274 
MET HB2  H  N N 275 
MET HB3  H  N N 276 
MET HG2  H  N N 277 
MET HG3  H  N N 278 
MET HE1  H  N N 279 
MET HE2  H  N N 280 
MET HE3  H  N N 281 
MET HXT  H  N N 282 
PHE N    N  N N 283 
PHE CA   C  N S 284 
PHE C    C  N N 285 
PHE O    O  N N 286 
PHE CB   C  N N 287 
PHE CG   C  Y N 288 
PHE CD1  C  Y N 289 
PHE CD2  C  Y N 290 
PHE CE1  C  Y N 291 
PHE CE2  C  Y N 292 
PHE CZ   C  Y N 293 
PHE OXT  O  N N 294 
PHE H    H  N N 295 
PHE H2   H  N N 296 
PHE HA   H  N N 297 
PHE HB2  H  N N 298 
PHE HB3  H  N N 299 
PHE HD1  H  N N 300 
PHE HD2  H  N N 301 
PHE HE1  H  N N 302 
PHE HE2  H  N N 303 
PHE HZ   H  N N 304 
PHE HXT  H  N N 305 
PRO N    N  N N 306 
PRO CA   C  N S 307 
PRO C    C  N N 308 
PRO O    O  N N 309 
PRO CB   C  N N 310 
PRO CG   C  N N 311 
PRO CD   C  N N 312 
PRO OXT  O  N N 313 
PRO H    H  N N 314 
PRO HA   H  N N 315 
PRO HB2  H  N N 316 
PRO HB3  H  N N 317 
PRO HG2  H  N N 318 
PRO HG3  H  N N 319 
PRO HD2  H  N N 320 
PRO HD3  H  N N 321 
PRO HXT  H  N N 322 
SER N    N  N N 323 
SER CA   C  N S 324 
SER C    C  N N 325 
SER O    O  N N 326 
SER CB   C  N N 327 
SER OG   O  N N 328 
SER OXT  O  N N 329 
SER H    H  N N 330 
SER H2   H  N N 331 
SER HA   H  N N 332 
SER HB2  H  N N 333 
SER HB3  H  N N 334 
SER HG   H  N N 335 
SER HXT  H  N N 336 
THR N    N  N N 337 
THR CA   C  N S 338 
THR C    C  N N 339 
THR O    O  N N 340 
THR CB   C  N R 341 
THR OG1  O  N N 342 
THR CG2  C  N N 343 
THR OXT  O  N N 344 
THR H    H  N N 345 
THR H2   H  N N 346 
THR HA   H  N N 347 
THR HB   H  N N 348 
THR HG1  H  N N 349 
THR HG21 H  N N 350 
THR HG22 H  N N 351 
THR HG23 H  N N 352 
THR HXT  H  N N 353 
TRP N    N  N N 354 
TRP CA   C  N S 355 
TRP C    C  N N 356 
TRP O    O  N N 357 
TRP CB   C  N N 358 
TRP CG   C  Y N 359 
TRP CD1  C  Y N 360 
TRP CD2  C  Y N 361 
TRP NE1  N  Y N 362 
TRP CE2  C  Y N 363 
TRP CE3  C  Y N 364 
TRP CZ2  C  Y N 365 
TRP CZ3  C  Y N 366 
TRP CH2  C  Y N 367 
TRP OXT  O  N N 368 
TRP H    H  N N 369 
TRP H2   H  N N 370 
TRP HA   H  N N 371 
TRP HB2  H  N N 372 
TRP HB3  H  N N 373 
TRP HD1  H  N N 374 
TRP HE1  H  N N 375 
TRP HE3  H  N N 376 
TRP HZ2  H  N N 377 
TRP HZ3  H  N N 378 
TRP HH2  H  N N 379 
TRP HXT  H  N N 380 
TYR N    N  N N 381 
TYR CA   C  N S 382 
TYR C    C  N N 383 
TYR O    O  N N 384 
TYR CB   C  N N 385 
TYR CG   C  Y N 386 
TYR CD1  C  Y N 387 
TYR CD2  C  Y N 388 
TYR CE1  C  Y N 389 
TYR CE2  C  Y N 390 
TYR CZ   C  Y N 391 
TYR OH   O  N N 392 
TYR OXT  O  N N 393 
TYR H    H  N N 394 
TYR H2   H  N N 395 
TYR HA   H  N N 396 
TYR HB2  H  N N 397 
TYR HB3  H  N N 398 
TYR HD1  H  N N 399 
TYR HD2  H  N N 400 
TYR HE1  H  N N 401 
TYR HE2  H  N N 402 
TYR HH   H  N N 403 
TYR HXT  H  N N 404 
VAL N    N  N N 405 
VAL CA   C  N S 406 
VAL C    C  N N 407 
VAL O    O  N N 408 
VAL CB   C  N N 409 
VAL CG1  C  N N 410 
VAL CG2  C  N N 411 
VAL OXT  O  N N 412 
VAL H    H  N N 413 
VAL H2   H  N N 414 
VAL HA   H  N N 415 
VAL HB   H  N N 416 
VAL HG11 H  N N 417 
VAL HG12 H  N N 418 
VAL HG13 H  N N 419 
VAL HG21 H  N N 420 
VAL HG22 H  N N 421 
VAL HG23 H  N N 422 
VAL HXT  H  N N 423 
ZN  ZN   ZN N N 424 
# 
loop_
_chem_comp_bond.comp_id 
_chem_comp_bond.atom_id_1 
_chem_comp_bond.atom_id_2 
_chem_comp_bond.value_order 
_chem_comp_bond.pdbx_aromatic_flag 
_chem_comp_bond.pdbx_stereo_config 
_chem_comp_bond.pdbx_ordinal 
ALA N   CA   sing N N 1   
ALA N   H    sing N N 2   
ALA N   H2   sing N N 3   
ALA CA  C    sing N N 4   
ALA CA  CB   sing N N 5   
ALA CA  HA   sing N N 6   
ALA C   O    doub N N 7   
ALA C   OXT  sing N N 8   
ALA CB  HB1  sing N N 9   
ALA CB  HB2  sing N N 10  
ALA CB  HB3  sing N N 11  
ALA OXT HXT  sing N N 12  
ARG N   CA   sing N N 13  
ARG N   H    sing N N 14  
ARG N   H2   sing N N 15  
ARG CA  C    sing N N 16  
ARG CA  CB   sing N N 17  
ARG CA  HA   sing N N 18  
ARG C   O    doub N N 19  
ARG C   OXT  sing N N 20  
ARG CB  CG   sing N N 21  
ARG CB  HB2  sing N N 22  
ARG CB  HB3  sing N N 23  
ARG CG  CD   sing N N 24  
ARG CG  HG2  sing N N 25  
ARG CG  HG3  sing N N 26  
ARG CD  NE   sing N N 27  
ARG CD  HD2  sing N N 28  
ARG CD  HD3  sing N N 29  
ARG NE  CZ   sing N N 30  
ARG NE  HE   sing N N 31  
ARG CZ  NH1  sing N N 32  
ARG CZ  NH2  doub N N 33  
ARG NH1 HH11 sing N N 34  
ARG NH1 HH12 sing N N 35  
ARG NH2 HH21 sing N N 36  
ARG NH2 HH22 sing N N 37  
ARG OXT HXT  sing N N 38  
ASN N   CA   sing N N 39  
ASN N   H    sing N N 40  
ASN N   H2   sing N N 41  
ASN CA  C    sing N N 42  
ASN CA  CB   sing N N 43  
ASN CA  HA   sing N N 44  
ASN C   O    doub N N 45  
ASN C   OXT  sing N N 46  
ASN CB  CG   sing N N 47  
ASN CB  HB2  sing N N 48  
ASN CB  HB3  sing N N 49  
ASN CG  OD1  doub N N 50  
ASN CG  ND2  sing N N 51  
ASN ND2 HD21 sing N N 52  
ASN ND2 HD22 sing N N 53  
ASN OXT HXT  sing N N 54  
ASP N   CA   sing N N 55  
ASP N   H    sing N N 56  
ASP N   H2   sing N N 57  
ASP CA  C    sing N N 58  
ASP CA  CB   sing N N 59  
ASP CA  HA   sing N N 60  
ASP C   O    doub N N 61  
ASP C   OXT  sing N N 62  
ASP CB  CG   sing N N 63  
ASP CB  HB2  sing N N 64  
ASP CB  HB3  sing N N 65  
ASP CG  OD1  doub N N 66  
ASP CG  OD2  sing N N 67  
ASP OD2 HD2  sing N N 68  
ASP OXT HXT  sing N N 69  
CYS N   CA   sing N N 70  
CYS N   H    sing N N 71  
CYS N   H2   sing N N 72  
CYS CA  C    sing N N 73  
CYS CA  CB   sing N N 74  
CYS CA  HA   sing N N 75  
CYS C   O    doub N N 76  
CYS C   OXT  sing N N 77  
CYS CB  SG   sing N N 78  
CYS CB  HB2  sing N N 79  
CYS CB  HB3  sing N N 80  
CYS SG  HG   sing N N 81  
CYS OXT HXT  sing N N 82  
EPE N1  C2   sing N N 83  
EPE N1  C6   sing N N 84  
EPE N1  C9   sing N N 85  
EPE C2  C3   sing N N 86  
EPE C2  H21  sing N N 87  
EPE C2  H22  sing N N 88  
EPE C3  N4   sing N N 89  
EPE C3  H31  sing N N 90  
EPE C3  H32  sing N N 91  
EPE N4  C5   sing N N 92  
EPE N4  C7   sing N N 93  
EPE C5  C6   sing N N 94  
EPE C5  H51  sing N N 95  
EPE C5  H52  sing N N 96  
EPE C6  H61  sing N N 97  
EPE C6  H62  sing N N 98  
EPE C7  C8   sing N N 99  
EPE C7  H71  sing N N 100 
EPE C7  H72  sing N N 101 
EPE C8  O8   sing N N 102 
EPE C8  H81  sing N N 103 
EPE C8  H82  sing N N 104 
EPE O8  HO8  sing N N 105 
EPE C9  C10  sing N N 106 
EPE C9  H91  sing N N 107 
EPE C9  H92  sing N N 108 
EPE C10 S    sing N N 109 
EPE C10 H101 sing N N 110 
EPE C10 H102 sing N N 111 
EPE S   O1S  doub N N 112 
EPE S   O2S  doub N N 113 
EPE S   O3S  sing N N 114 
EPE O3S HOS3 sing N N 115 
GLN N   CA   sing N N 116 
GLN N   H    sing N N 117 
GLN N   H2   sing N N 118 
GLN CA  C    sing N N 119 
GLN CA  CB   sing N N 120 
GLN CA  HA   sing N N 121 
GLN C   O    doub N N 122 
GLN C   OXT  sing N N 123 
GLN CB  CG   sing N N 124 
GLN CB  HB2  sing N N 125 
GLN CB  HB3  sing N N 126 
GLN CG  CD   sing N N 127 
GLN CG  HG2  sing N N 128 
GLN CG  HG3  sing N N 129 
GLN CD  OE1  doub N N 130 
GLN CD  NE2  sing N N 131 
GLN NE2 HE21 sing N N 132 
GLN NE2 HE22 sing N N 133 
GLN OXT HXT  sing N N 134 
GLU N   CA   sing N N 135 
GLU N   H    sing N N 136 
GLU N   H2   sing N N 137 
GLU CA  C    sing N N 138 
GLU CA  CB   sing N N 139 
GLU CA  HA   sing N N 140 
GLU C   O    doub N N 141 
GLU C   OXT  sing N N 142 
GLU CB  CG   sing N N 143 
GLU CB  HB2  sing N N 144 
GLU CB  HB3  sing N N 145 
GLU CG  CD   sing N N 146 
GLU CG  HG2  sing N N 147 
GLU CG  HG3  sing N N 148 
GLU CD  OE1  doub N N 149 
GLU CD  OE2  sing N N 150 
GLU OE2 HE2  sing N N 151 
GLU OXT HXT  sing N N 152 
GLY N   CA   sing N N 153 
GLY N   H    sing N N 154 
GLY N   H2   sing N N 155 
GLY CA  C    sing N N 156 
GLY CA  HA2  sing N N 157 
GLY CA  HA3  sing N N 158 
GLY C   O    doub N N 159 
GLY C   OXT  sing N N 160 
GLY OXT HXT  sing N N 161 
HIS N   CA   sing N N 162 
HIS N   H    sing N N 163 
HIS N   H2   sing N N 164 
HIS CA  C    sing N N 165 
HIS CA  CB   sing N N 166 
HIS CA  HA   sing N N 167 
HIS C   O    doub N N 168 
HIS C   OXT  sing N N 169 
HIS CB  CG   sing N N 170 
HIS CB  HB2  sing N N 171 
HIS CB  HB3  sing N N 172 
HIS CG  ND1  sing Y N 173 
HIS CG  CD2  doub Y N 174 
HIS ND1 CE1  doub Y N 175 
HIS ND1 HD1  sing N N 176 
HIS CD2 NE2  sing Y N 177 
HIS CD2 HD2  sing N N 178 
HIS CE1 NE2  sing Y N 179 
HIS CE1 HE1  sing N N 180 
HIS NE2 HE2  sing N N 181 
HIS OXT HXT  sing N N 182 
HOH O   H1   sing N N 183 
HOH O   H2   sing N N 184 
ILE N   CA   sing N N 185 
ILE N   H    sing N N 186 
ILE N   H2   sing N N 187 
ILE CA  C    sing N N 188 
ILE CA  CB   sing N N 189 
ILE CA  HA   sing N N 190 
ILE C   O    doub N N 191 
ILE C   OXT  sing N N 192 
ILE CB  CG1  sing N N 193 
ILE CB  CG2  sing N N 194 
ILE CB  HB   sing N N 195 
ILE CG1 CD1  sing N N 196 
ILE CG1 HG12 sing N N 197 
ILE CG1 HG13 sing N N 198 
ILE CG2 HG21 sing N N 199 
ILE CG2 HG22 sing N N 200 
ILE CG2 HG23 sing N N 201 
ILE CD1 HD11 sing N N 202 
ILE CD1 HD12 sing N N 203 
ILE CD1 HD13 sing N N 204 
ILE OXT HXT  sing N N 205 
LEU N   CA   sing N N 206 
LEU N   H    sing N N 207 
LEU N   H2   sing N N 208 
LEU CA  C    sing N N 209 
LEU CA  CB   sing N N 210 
LEU CA  HA   sing N N 211 
LEU C   O    doub N N 212 
LEU C   OXT  sing N N 213 
LEU CB  CG   sing N N 214 
LEU CB  HB2  sing N N 215 
LEU CB  HB3  sing N N 216 
LEU CG  CD1  sing N N 217 
LEU CG  CD2  sing N N 218 
LEU CG  HG   sing N N 219 
LEU CD1 HD11 sing N N 220 
LEU CD1 HD12 sing N N 221 
LEU CD1 HD13 sing N N 222 
LEU CD2 HD21 sing N N 223 
LEU CD2 HD22 sing N N 224 
LEU CD2 HD23 sing N N 225 
LEU OXT HXT  sing N N 226 
LYS N   CA   sing N N 227 
LYS N   H    sing N N 228 
LYS N   H2   sing N N 229 
LYS CA  C    sing N N 230 
LYS CA  CB   sing N N 231 
LYS CA  HA   sing N N 232 
LYS C   O    doub N N 233 
LYS C   OXT  sing N N 234 
LYS CB  CG   sing N N 235 
LYS CB  HB2  sing N N 236 
LYS CB  HB3  sing N N 237 
LYS CG  CD   sing N N 238 
LYS CG  HG2  sing N N 239 
LYS CG  HG3  sing N N 240 
LYS CD  CE   sing N N 241 
LYS CD  HD2  sing N N 242 
LYS CD  HD3  sing N N 243 
LYS CE  NZ   sing N N 244 
LYS CE  HE2  sing N N 245 
LYS CE  HE3  sing N N 246 
LYS NZ  HZ1  sing N N 247 
LYS NZ  HZ2  sing N N 248 
LYS NZ  HZ3  sing N N 249 
LYS OXT HXT  sing N N 250 
MET N   CA   sing N N 251 
MET N   H    sing N N 252 
MET N   H2   sing N N 253 
MET CA  C    sing N N 254 
MET CA  CB   sing N N 255 
MET CA  HA   sing N N 256 
MET C   O    doub N N 257 
MET C   OXT  sing N N 258 
MET CB  CG   sing N N 259 
MET CB  HB2  sing N N 260 
MET CB  HB3  sing N N 261 
MET CG  SD   sing N N 262 
MET CG  HG2  sing N N 263 
MET CG  HG3  sing N N 264 
MET SD  CE   sing N N 265 
MET CE  HE1  sing N N 266 
MET CE  HE2  sing N N 267 
MET CE  HE3  sing N N 268 
MET OXT HXT  sing N N 269 
PHE N   CA   sing N N 270 
PHE N   H    sing N N 271 
PHE N   H2   sing N N 272 
PHE CA  C    sing N N 273 
PHE CA  CB   sing N N 274 
PHE CA  HA   sing N N 275 
PHE C   O    doub N N 276 
PHE C   OXT  sing N N 277 
PHE CB  CG   sing N N 278 
PHE CB  HB2  sing N N 279 
PHE CB  HB3  sing N N 280 
PHE CG  CD1  doub Y N 281 
PHE CG  CD2  sing Y N 282 
PHE CD1 CE1  sing Y N 283 
PHE CD1 HD1  sing N N 284 
PHE CD2 CE2  doub Y N 285 
PHE CD2 HD2  sing N N 286 
PHE CE1 CZ   doub Y N 287 
PHE CE1 HE1  sing N N 288 
PHE CE2 CZ   sing Y N 289 
PHE CE2 HE2  sing N N 290 
PHE CZ  HZ   sing N N 291 
PHE OXT HXT  sing N N 292 
PRO N   CA   sing N N 293 
PRO N   CD   sing N N 294 
PRO N   H    sing N N 295 
PRO CA  C    sing N N 296 
PRO CA  CB   sing N N 297 
PRO CA  HA   sing N N 298 
PRO C   O    doub N N 299 
PRO C   OXT  sing N N 300 
PRO CB  CG   sing N N 301 
PRO CB  HB2  sing N N 302 
PRO CB  HB3  sing N N 303 
PRO CG  CD   sing N N 304 
PRO CG  HG2  sing N N 305 
PRO CG  HG3  sing N N 306 
PRO CD  HD2  sing N N 307 
PRO CD  HD3  sing N N 308 
PRO OXT HXT  sing N N 309 
SER N   CA   sing N N 310 
SER N   H    sing N N 311 
SER N   H2   sing N N 312 
SER CA  C    sing N N 313 
SER CA  CB   sing N N 314 
SER CA  HA   sing N N 315 
SER C   O    doub N N 316 
SER C   OXT  sing N N 317 
SER CB  OG   sing N N 318 
SER CB  HB2  sing N N 319 
SER CB  HB3  sing N N 320 
SER OG  HG   sing N N 321 
SER OXT HXT  sing N N 322 
THR N   CA   sing N N 323 
THR N   H    sing N N 324 
THR N   H2   sing N N 325 
THR CA  C    sing N N 326 
THR CA  CB   sing N N 327 
THR CA  HA   sing N N 328 
THR C   O    doub N N 329 
THR C   OXT  sing N N 330 
THR CB  OG1  sing N N 331 
THR CB  CG2  sing N N 332 
THR CB  HB   sing N N 333 
THR OG1 HG1  sing N N 334 
THR CG2 HG21 sing N N 335 
THR CG2 HG22 sing N N 336 
THR CG2 HG23 sing N N 337 
THR OXT HXT  sing N N 338 
TRP N   CA   sing N N 339 
TRP N   H    sing N N 340 
TRP N   H2   sing N N 341 
TRP CA  C    sing N N 342 
TRP CA  CB   sing N N 343 
TRP CA  HA   sing N N 344 
TRP C   O    doub N N 345 
TRP C   OXT  sing N N 346 
TRP CB  CG   sing N N 347 
TRP CB  HB2  sing N N 348 
TRP CB  HB3  sing N N 349 
TRP CG  CD1  doub Y N 350 
TRP CG  CD2  sing Y N 351 
TRP CD1 NE1  sing Y N 352 
TRP CD1 HD1  sing N N 353 
TRP CD2 CE2  doub Y N 354 
TRP CD2 CE3  sing Y N 355 
TRP NE1 CE2  sing Y N 356 
TRP NE1 HE1  sing N N 357 
TRP CE2 CZ2  sing Y N 358 
TRP CE3 CZ3  doub Y N 359 
TRP CE3 HE3  sing N N 360 
TRP CZ2 CH2  doub Y N 361 
TRP CZ2 HZ2  sing N N 362 
TRP CZ3 CH2  sing Y N 363 
TRP CZ3 HZ3  sing N N 364 
TRP CH2 HH2  sing N N 365 
TRP OXT HXT  sing N N 366 
TYR N   CA   sing N N 367 
TYR N   H    sing N N 368 
TYR N   H2   sing N N 369 
TYR CA  C    sing N N 370 
TYR CA  CB   sing N N 371 
TYR CA  HA   sing N N 372 
TYR C   O    doub N N 373 
TYR C   OXT  sing N N 374 
TYR CB  CG   sing N N 375 
TYR CB  HB2  sing N N 376 
TYR CB  HB3  sing N N 377 
TYR CG  CD1  doub Y N 378 
TYR CG  CD2  sing Y N 379 
TYR CD1 CE1  sing Y N 380 
TYR CD1 HD1  sing N N 381 
TYR CD2 CE2  doub Y N 382 
TYR CD2 HD2  sing N N 383 
TYR CE1 CZ   doub Y N 384 
TYR CE1 HE1  sing N N 385 
TYR CE2 CZ   sing Y N 386 
TYR CE2 HE2  sing N N 387 
TYR CZ  OH   sing N N 388 
TYR OH  HH   sing N N 389 
TYR OXT HXT  sing N N 390 
VAL N   CA   sing N N 391 
VAL N   H    sing N N 392 
VAL N   H2   sing N N 393 
VAL CA  C    sing N N 394 
VAL CA  CB   sing N N 395 
VAL CA  HA   sing N N 396 
VAL C   O    doub N N 397 
VAL C   OXT  sing N N 398 
VAL CB  CG1  sing N N 399 
VAL CB  CG2  sing N N 400 
VAL CB  HB   sing N N 401 
VAL CG1 HG11 sing N N 402 
VAL CG1 HG12 sing N N 403 
VAL CG1 HG13 sing N N 404 
VAL CG2 HG21 sing N N 405 
VAL CG2 HG22 sing N N 406 
VAL CG2 HG23 sing N N 407 
VAL OXT HXT  sing N N 408 
# 
loop_
_pdbx_entity_nonpoly.entity_id 
_pdbx_entity_nonpoly.name 
_pdbx_entity_nonpoly.comp_id 
3 'ZINC ION'                                            ZN  
4 '4-(2-HYDROXYETHYL)-1-PIPERAZINE ETHANESULFONIC ACID' EPE 
5 water                                                 HOH 
# 
_pdbx_initial_refinement_model.id               1 
_pdbx_initial_refinement_model.entity_id_list   ? 
_pdbx_initial_refinement_model.type             'experimental model' 
_pdbx_initial_refinement_model.source_name      PDB 
_pdbx_initial_refinement_model.accession_code   3ASL 
_pdbx_initial_refinement_model.details          ? 
# 
_pdbx_struct_assembly_auth_evidence.id                     1 
_pdbx_struct_assembly_auth_evidence.assembly_id            1 
_pdbx_struct_assembly_auth_evidence.experimental_support   'gel filtration' 
_pdbx_struct_assembly_auth_evidence.details                ? 
# 
